data_7MYB
#
_entry.id   7MYB
#
_cell.length_a   101.884
_cell.length_b   103.024
_cell.length_c   127.062
_cell.angle_alpha   90.00
_cell.angle_beta   106.44
_cell.angle_gamma   90.00
#
_symmetry.space_group_name_H-M   'P 1 21 1'
#
loop_
_entity.id
_entity.type
_entity.pdbx_description
1 polymer 'Bifunctional protein PutA'
2 non-polymer '(2S)-thiolane-2-carboxylic acid'
3 non-polymer '(2R)-thiolane-2-carboxylic acid'
4 non-polymer 'TRIETHYLENE GLYCOL'
5 non-polymer 'FLAVIN-ADENINE DINUCLEOTIDE'
6 non-polymer NICOTINAMIDE-ADENINE-DINUCLEOTIDE
7 non-polymer 'SULFATE ION'
8 non-polymer 'MAGNESIUM ION'
9 non-polymer DI(HYDROXYETHYL)ETHER
10 water water
#
_entity_poly.entity_id   1
_entity_poly.type   'polypeptide(L)'
_entity_poly.pdbx_seq_one_letter_code
;SMMSPNPLQKPAIDAAPAPFADFAPPVRPQSTLRRAITAAYRRPETECLPPLVEAATQSKEIRDAAASTARKLIEALRGK
HSGSGVEGLVQEYSLSSQEGVALMCLAEALLRIPDTATRDALIRDKIADGNWKSHLGGSRSLFVNAATWGLVVTGKLTST
VNDRSLAAALTRLISRCGEPVIRRGVDMAMRMMGEQFVTGETIREALKRSKELEEKGFSYSYDMLGEAATTAADAERYYR
DYESAIHAIGKASAGRGIYEGPGISIKLSALHPRYSRAQAARVMGELLPRVKALALLAKNYDIGLNIDAEEADRLELSLD
LLEVLCLDGDLSGWNGMGFVVQAYGKRCPFVLDFIIDLARRSGRRIMVRLVKGAYWDAEIKRAQLDGLADFPVFTRKIHT
DVSYIACAAKLLAATDVVFPQFATHNAQTLAAIYHMAGKDFHVGKYEFQCLHGMGEPLYEEVVGRGKLDRPCRIYAPVGT
HETLLAYLVRRLLENGANSSFVHRINDPKVSIDELIADPVEVVRAMPVVGAKHDRIALPAELFGDARTNSAGLDLSNEET
LASLTEALRESAAMKWTALPQLATGPAAGETRTVLNPGDHRDVVGSVTETSEEDARRAVRLAADAAPDWAAVPPSERAAC
LDRAAELMQARMPTLLGLIIREAGKSALNAIAEVREAIDFLRYYAEQTRRTLGPGHGPLGPIVCISPWNFPLAIFTGQIA
AALVAGNPVLAKPAEETPLIAAEGVRILREAGIPASALQLLPGDGRVGAALVAAAETAGVMFTGSTEVARLIQAQLADRL
SPAGRPIPLIAETGGQNAMIVDSSALAEQVVGDVITSAFDSAGQRCSALRVLCLQEDVADRILTMLKGALHELHIGRTDR
LSVDVGPVITSEAKDNIEKHIERMRGLGRKVEQIGLASETGVGTFVPPTIIELEKLSDLQREVFGPVLHVIRYRRDDLDR
LVDDVNATGYGLTFGLHTRLDETIAHVTSRIKAGNLYINRNIIGAVVGVQPFGGRGLSGTGPKAGGPLYLGRLVTTAPVP
PQHSSVHTDPVLLDFAKWLDGKGARAEAEAARNAGSSSALGLDLELPGPVGERNLYTLHARGRILLVPATESGLYHQLAA
ALATGNSVAIDAASGLQASLKNLPQTVGLRVSWSKDWAADGPFAGALVEGDAERIRAVNKAIAALPGPLLLVQAASSGEI
ARNPDAYCLNWLVEEVSASINTAAAGGNASLMAIG
;
_entity_poly.pdbx_strand_id   A,B
#
# COMPACT_ATOMS: atom_id res chain seq x y z
N ALA A 16 -27.79 -51.70 -16.86
CA ALA A 16 -27.09 -50.52 -16.38
C ALA A 16 -27.33 -50.31 -14.89
N PRO A 17 -26.31 -49.82 -14.18
CA PRO A 17 -26.51 -49.48 -12.76
C PRO A 17 -27.45 -48.30 -12.62
N ALA A 18 -28.33 -48.38 -11.61
CA ALA A 18 -29.28 -47.31 -11.39
C ALA A 18 -28.53 -46.01 -11.05
N PRO A 19 -28.98 -44.87 -11.56
CA PRO A 19 -28.26 -43.62 -11.30
C PRO A 19 -28.20 -43.31 -9.81
N PHE A 20 -26.97 -43.01 -9.34
CA PHE A 20 -26.68 -42.57 -7.98
C PHE A 20 -26.94 -43.66 -6.94
N ALA A 21 -27.09 -44.92 -7.37
CA ALA A 21 -27.35 -46.00 -6.45
C ALA A 21 -26.15 -46.30 -5.54
N ASP A 22 -24.96 -45.84 -5.91
CA ASP A 22 -23.75 -46.06 -5.13
C ASP A 22 -22.98 -44.75 -5.00
N PHE A 23 -23.70 -43.64 -4.79
CA PHE A 23 -23.08 -42.33 -4.90
C PHE A 23 -21.98 -42.14 -3.86
N ALA A 24 -22.32 -42.28 -2.58
CA ALA A 24 -21.35 -42.04 -1.51
C ALA A 24 -21.73 -42.80 -0.24
N PRO A 25 -21.87 -44.11 -0.31
CA PRO A 25 -22.25 -44.86 0.90
C PRO A 25 -21.17 -44.73 1.96
N PRO A 26 -21.54 -44.54 3.21
CA PRO A 26 -20.53 -44.44 4.27
C PRO A 26 -19.77 -45.74 4.47
N VAL A 27 -18.57 -45.61 5.04
CA VAL A 27 -17.75 -46.78 5.38
C VAL A 27 -18.52 -47.75 6.25
N ARG A 28 -19.26 -47.22 7.24
CA ARG A 28 -20.03 -48.03 8.17
C ARG A 28 -21.29 -47.25 8.53
N PRO A 29 -22.33 -47.92 9.02
CA PRO A 29 -23.47 -47.18 9.56
C PRO A 29 -23.02 -46.27 10.68
N GLN A 30 -23.56 -45.06 10.70
CA GLN A 30 -23.14 -44.04 11.65
C GLN A 30 -23.85 -44.27 12.98
N SER A 31 -23.06 -44.53 14.04
CA SER A 31 -23.60 -44.70 15.38
C SER A 31 -24.13 -43.38 15.91
N THR A 32 -24.87 -43.47 17.02
CA THR A 32 -25.28 -42.27 17.75
C THR A 32 -24.09 -41.35 18.02
N LEU A 33 -22.98 -41.93 18.51
CA LEU A 33 -21.81 -41.11 18.83
C LEU A 33 -21.20 -40.51 17.58
N ARG A 34 -21.13 -41.25 16.48
CA ARG A 34 -20.60 -40.68 15.24
C ARG A 34 -21.49 -39.56 14.71
N ARG A 35 -22.81 -39.72 14.83
CA ARG A 35 -23.71 -38.68 14.30
C ARG A 35 -23.61 -37.40 15.11
N ALA A 36 -23.33 -37.52 16.41
CA ALA A 36 -23.15 -36.32 17.22
C ALA A 36 -21.91 -35.56 16.81
N ILE A 37 -20.88 -36.27 16.36
CA ILE A 37 -19.72 -35.58 15.80
C ILE A 37 -20.10 -34.81 14.55
N THR A 38 -20.73 -35.49 13.59
CA THR A 38 -21.07 -34.83 12.33
C THR A 38 -21.98 -33.63 12.55
N ALA A 39 -22.90 -33.73 13.54
CA ALA A 39 -23.84 -32.64 13.78
C ALA A 39 -23.13 -31.36 14.21
N ALA A 40 -21.94 -31.46 14.79
CA ALA A 40 -21.20 -30.31 15.29
C ALA A 40 -20.22 -29.71 14.28
N TYR A 41 -20.10 -30.32 13.10
CA TYR A 41 -19.06 -29.96 12.14
C TYR A 41 -18.92 -28.44 11.96
N ARG A 42 -20.04 -27.75 11.67
CA ARG A 42 -20.00 -26.31 11.44
C ARG A 42 -21.01 -25.59 12.32
N ARG A 43 -21.17 -26.07 13.54
CA ARG A 43 -22.10 -25.48 14.48
C ARG A 43 -21.73 -24.02 14.75
N PRO A 44 -22.69 -23.10 14.79
CA PRO A 44 -22.36 -21.71 15.09
C PRO A 44 -21.53 -21.58 16.36
N GLU A 45 -20.58 -20.65 16.34
CA GLU A 45 -19.67 -20.50 17.46
C GLU A 45 -20.41 -20.14 18.74
N THR A 46 -21.48 -19.34 18.66
CA THR A 46 -22.22 -18.98 19.87
C THR A 46 -22.92 -20.18 20.50
N GLU A 47 -23.12 -21.26 19.76
CA GLU A 47 -23.69 -22.46 20.35
C GLU A 47 -22.62 -23.39 20.91
N CYS A 48 -21.41 -23.37 20.35
CA CYS A 48 -20.35 -24.25 20.83
C CYS A 48 -19.85 -23.84 22.20
N LEU A 49 -19.75 -22.52 22.45
CA LEU A 49 -18.98 -22.07 23.61
C LEU A 49 -19.66 -22.33 24.95
N PRO A 50 -20.95 -22.06 25.13
CA PRO A 50 -21.55 -22.18 26.48
C PRO A 50 -21.30 -23.54 27.12
N PRO A 51 -21.50 -24.67 26.42
CA PRO A 51 -21.19 -25.95 27.08
C PRO A 51 -19.71 -26.14 27.38
N LEU A 52 -18.82 -25.57 26.56
CA LEU A 52 -17.39 -25.65 26.87
C LEU A 52 -17.05 -24.81 28.09
N VAL A 53 -17.65 -23.62 28.21
CA VAL A 53 -17.41 -22.80 29.41
C VAL A 53 -17.86 -23.54 30.65
N GLU A 54 -19.04 -24.18 30.59
CA GLU A 54 -19.51 -24.93 31.75
C GLU A 54 -18.54 -26.04 32.10
N ALA A 55 -18.05 -26.76 31.08
CA ALA A 55 -17.19 -27.92 31.34
C ALA A 55 -15.81 -27.50 31.83
N ALA A 56 -15.33 -26.32 31.47
CA ALA A 56 -14.00 -25.86 31.85
C ALA A 56 -13.97 -25.10 33.16
N THR A 57 -15.12 -24.88 33.79
CA THR A 57 -15.17 -24.10 35.02
C THR A 57 -14.46 -24.81 36.16
N GLN A 58 -13.57 -24.10 36.86
CA GLN A 58 -12.92 -24.62 38.04
C GLN A 58 -13.17 -23.68 39.23
N SER A 59 -12.96 -24.21 40.43
CA SER A 59 -13.24 -23.46 41.65
C SER A 59 -12.30 -22.27 41.78
N LYS A 60 -12.73 -21.29 42.57
CA LYS A 60 -11.91 -20.12 42.82
C LYS A 60 -10.55 -20.49 43.39
N GLU A 61 -10.52 -21.45 44.33
CA GLU A 61 -9.25 -21.87 44.92
C GLU A 61 -8.32 -22.46 43.87
N ILE A 62 -8.86 -23.21 42.92
CA ILE A 62 -8.02 -23.81 41.88
C ILE A 62 -7.56 -22.76 40.88
N ARG A 63 -8.44 -21.83 40.52
CA ARG A 63 -8.04 -20.77 39.61
C ARG A 63 -6.91 -19.94 40.19
N ASP A 64 -6.98 -19.63 41.49
CA ASP A 64 -5.91 -18.88 42.14
C ASP A 64 -4.62 -19.69 42.18
N ALA A 65 -4.71 -20.98 42.53
CA ALA A 65 -3.51 -21.82 42.56
C ALA A 65 -2.91 -21.97 41.17
N ALA A 66 -3.76 -22.13 40.15
CA ALA A 66 -3.26 -22.27 38.79
C ALA A 66 -2.59 -20.99 38.30
N ALA A 67 -3.20 -19.83 38.60
CA ALA A 67 -2.57 -18.57 38.21
C ALA A 67 -1.22 -18.42 38.90
N SER A 68 -1.12 -18.85 40.15
CA SER A 68 0.15 -18.80 40.86
C SER A 68 1.19 -19.71 40.22
N THR A 69 0.81 -20.94 39.87
CA THR A 69 1.73 -21.85 39.18
C THR A 69 2.15 -21.28 37.84
N ALA A 70 1.20 -20.74 37.07
CA ALA A 70 1.52 -20.19 35.75
C ALA A 70 2.48 -19.01 35.87
N ARG A 71 2.29 -18.15 36.88
CA ARG A 71 3.19 -17.02 37.07
C ARG A 71 4.61 -17.50 37.36
N LYS A 72 4.74 -18.52 38.23
CA LYS A 72 6.05 -19.06 38.56
C LYS A 72 6.74 -19.65 37.34
N LEU A 73 5.98 -20.35 36.49
CA LEU A 73 6.54 -20.88 35.25
C LEU A 73 6.98 -19.76 34.31
N ILE A 74 6.16 -18.71 34.19
CA ILE A 74 6.46 -17.62 33.26
C ILE A 74 7.65 -16.80 33.76
N GLU A 75 7.76 -16.61 35.07
CA GLU A 75 8.90 -15.88 35.61
C GLU A 75 10.20 -16.65 35.36
N ALA A 76 10.16 -17.98 35.49
CA ALA A 76 11.34 -18.79 35.18
C ALA A 76 11.68 -18.72 33.69
N LEU A 77 10.67 -18.72 32.82
CA LEU A 77 10.92 -18.66 31.38
C LEU A 77 11.56 -17.34 30.99
N ARG A 78 11.03 -16.22 31.51
CA ARG A 78 11.58 -14.92 31.17
C ARG A 78 12.93 -14.69 31.83
N GLY A 79 13.26 -15.42 32.89
CA GLY A 79 14.51 -15.21 33.59
C GLY A 79 15.71 -15.91 32.98
N LYS A 80 15.49 -16.97 32.20
CA LYS A 80 16.55 -17.63 31.48
C LYS A 80 16.53 -17.33 29.99
N HIS A 81 15.56 -16.53 29.53
CA HIS A 81 15.45 -16.19 28.12
C HIS A 81 16.67 -15.43 27.63
N SER A 82 17.45 -16.07 26.76
CA SER A 82 18.62 -15.45 26.15
C SER A 82 18.32 -15.06 24.71
N GLY A 83 19.15 -14.17 24.18
CA GLY A 83 19.04 -13.81 22.78
C GLY A 83 19.35 -14.98 21.87
N SER A 84 18.69 -15.01 20.72
CA SER A 84 18.87 -16.11 19.79
C SER A 84 20.21 -16.01 19.07
N GLY A 85 20.64 -17.13 18.50
CA GLY A 85 21.87 -17.14 17.74
C GLY A 85 21.81 -16.25 16.52
N VAL A 86 20.67 -16.27 15.82
CA VAL A 86 20.53 -15.41 14.65
C VAL A 86 20.52 -13.94 15.07
N GLU A 87 19.82 -13.61 16.15
CA GLU A 87 19.80 -12.24 16.63
C GLU A 87 21.19 -11.77 17.04
N GLY A 88 21.96 -12.65 17.68
CA GLY A 88 23.33 -12.30 18.03
C GLY A 88 24.21 -12.10 16.81
N LEU A 89 23.96 -12.89 15.76
CA LEU A 89 24.71 -12.74 14.52
C LEU A 89 24.37 -11.43 13.84
N VAL A 90 23.07 -11.11 13.76
CA VAL A 90 22.64 -9.82 13.20
C VAL A 90 23.28 -8.67 13.96
N GLN A 91 23.37 -8.79 15.29
CA GLN A 91 23.96 -7.72 16.09
C GLN A 91 25.46 -7.58 15.81
N GLU A 92 26.19 -8.70 15.83
CA GLU A 92 27.65 -8.64 15.72
C GLU A 92 28.09 -7.97 14.42
N TYR A 93 27.41 -8.25 13.32
CA TYR A 93 27.80 -7.73 12.02
C TYR A 93 26.89 -6.62 11.53
N SER A 94 26.02 -6.09 12.41
CA SER A 94 25.16 -4.94 12.08
C SER A 94 24.32 -5.19 10.83
N LEU A 95 23.79 -6.40 10.72
CA LEU A 95 23.03 -6.78 9.53
C LEU A 95 21.66 -6.13 9.53
N SER A 96 21.22 -5.69 8.36
CA SER A 96 19.82 -5.43 8.14
C SER A 96 19.03 -6.75 8.11
N SER A 97 17.70 -6.65 8.13
CA SER A 97 16.88 -7.86 8.03
C SER A 97 17.13 -8.58 6.72
N GLN A 98 17.19 -7.85 5.61
CA GLN A 98 17.40 -8.51 4.32
C GLN A 98 18.79 -9.14 4.26
N GLU A 99 19.78 -8.49 4.87
CA GLU A 99 21.12 -9.10 4.93
C GLU A 99 21.11 -10.38 5.74
N GLY A 100 20.41 -10.39 6.88
CA GLY A 100 20.33 -11.61 7.66
C GLY A 100 19.65 -12.75 6.90
N VAL A 101 18.54 -12.44 6.22
CA VAL A 101 17.87 -13.43 5.39
C VAL A 101 18.81 -13.92 4.29
N ALA A 102 19.43 -12.98 3.55
CA ALA A 102 20.29 -13.37 2.45
C ALA A 102 21.46 -14.22 2.94
N LEU A 103 22.04 -13.87 4.09
CA LEU A 103 23.12 -14.66 4.67
C LEU A 103 22.68 -16.08 4.96
N MET A 104 21.48 -16.25 5.53
CA MET A 104 21.04 -17.62 5.85
C MET A 104 20.73 -18.42 4.59
N CYS A 105 20.23 -17.76 3.54
CA CYS A 105 20.04 -18.45 2.27
C CYS A 105 21.37 -18.90 1.69
N LEU A 106 22.40 -18.05 1.77
CA LEU A 106 23.73 -18.43 1.32
C LEU A 106 24.23 -19.63 2.12
N ALA A 107 24.08 -19.58 3.44
CA ALA A 107 24.56 -20.67 4.28
C ALA A 107 23.85 -21.97 3.92
N GLU A 108 22.54 -21.90 3.70
CA GLU A 108 21.78 -23.08 3.26
C GLU A 108 22.39 -23.69 2.01
N ALA A 109 22.70 -22.85 1.01
CA ALA A 109 23.25 -23.36 -0.25
C ALA A 109 24.65 -23.93 -0.06
N LEU A 110 25.47 -23.29 0.78
CA LEU A 110 26.80 -23.80 1.05
C LEU A 110 26.75 -25.15 1.75
N LEU A 111 25.75 -25.38 2.59
CA LEU A 111 25.61 -26.66 3.27
C LEU A 111 25.09 -27.76 2.34
N ARG A 112 24.58 -27.41 1.16
CA ARG A 112 24.28 -28.42 0.15
C ARG A 112 25.55 -29.04 -0.43
N ILE A 113 26.71 -28.47 -0.15
CA ILE A 113 27.99 -29.06 -0.58
C ILE A 113 28.44 -30.02 0.51
N PRO A 114 28.56 -31.33 0.21
CA PRO A 114 28.86 -32.31 1.26
C PRO A 114 30.26 -32.22 1.84
N ASP A 115 31.28 -32.33 0.99
CA ASP A 115 32.66 -32.33 1.44
C ASP A 115 32.99 -31.03 2.16
N THR A 116 33.26 -31.12 3.46
CA THR A 116 33.50 -29.93 4.28
C THR A 116 34.67 -29.11 3.75
N ALA A 117 35.75 -29.78 3.34
CA ALA A 117 36.91 -29.05 2.83
C ALA A 117 36.61 -28.37 1.50
N THR A 118 35.80 -29.00 0.65
CA THR A 118 35.41 -28.36 -0.60
C THR A 118 34.60 -27.09 -0.33
N ARG A 119 33.69 -27.15 0.64
CA ARG A 119 32.88 -25.99 0.99
C ARG A 119 33.76 -24.85 1.49
N ASP A 120 34.71 -25.16 2.38
CA ASP A 120 35.56 -24.13 2.95
C ASP A 120 36.47 -23.52 1.90
N ALA A 121 36.88 -24.31 0.91
CA ALA A 121 37.66 -23.76 -0.20
C ALA A 121 36.85 -22.77 -1.02
N LEU A 122 35.60 -23.13 -1.34
CA LEU A 122 34.75 -22.23 -2.09
C LEU A 122 34.52 -20.92 -1.35
N ILE A 123 34.28 -21.01 -0.04
CA ILE A 123 34.07 -19.81 0.77
C ILE A 123 35.34 -18.95 0.76
N ARG A 124 36.48 -19.56 1.05
CA ARG A 124 37.71 -18.79 1.24
C ARG A 124 38.20 -18.18 -0.06
N ASP A 125 38.15 -18.92 -1.16
CA ASP A 125 38.79 -18.50 -2.41
C ASP A 125 37.80 -17.92 -3.43
N LYS A 126 36.50 -18.06 -3.21
CA LYS A 126 35.54 -17.63 -4.22
C LYS A 126 34.43 -16.76 -3.65
N ILE A 127 33.72 -17.26 -2.64
CA ILE A 127 32.56 -16.53 -2.10
C ILE A 127 33.02 -15.25 -1.41
N ALA A 128 34.01 -15.35 -0.52
CA ALA A 128 34.47 -14.19 0.22
C ALA A 128 35.10 -13.15 -0.71
N ASP A 129 35.83 -13.62 -1.74
CA ASP A 129 36.60 -12.74 -2.61
C ASP A 129 35.73 -11.92 -3.55
N GLY A 130 34.44 -12.19 -3.62
CA GLY A 130 33.57 -11.33 -4.42
C GLY A 130 32.33 -11.98 -4.97
N ASN A 131 32.32 -12.18 -6.29
CA ASN A 131 31.13 -12.61 -7.01
C ASN A 131 30.63 -13.96 -6.52
N TRP A 132 29.71 -13.94 -5.54
CA TRP A 132 29.02 -15.17 -5.16
C TRP A 132 28.12 -15.66 -6.28
N LYS A 133 27.66 -14.74 -7.14
CA LYS A 133 26.78 -15.13 -8.24
C LYS A 133 27.48 -16.10 -9.18
N SER A 134 28.78 -15.88 -9.45
CA SER A 134 29.50 -16.70 -10.41
C SER A 134 29.68 -18.15 -9.95
N HIS A 135 29.47 -18.43 -8.66
CA HIS A 135 29.68 -19.77 -8.13
C HIS A 135 28.41 -20.44 -7.62
N LEU A 136 27.46 -19.68 -7.10
CA LEU A 136 26.19 -20.25 -6.64
C LEU A 136 25.01 -19.44 -7.19
N ARG A 140 18.95 -22.64 -9.95
CA ARG A 140 18.13 -22.53 -8.74
C ARG A 140 18.56 -21.31 -7.93
N SER A 141 17.64 -20.35 -7.78
CA SER A 141 17.90 -19.16 -7.01
C SER A 141 18.45 -19.51 -5.63
N LEU A 142 19.44 -18.74 -5.18
CA LEU A 142 19.93 -18.91 -3.82
C LEU A 142 18.80 -18.70 -2.80
N PHE A 143 17.75 -18.00 -3.19
CA PHE A 143 16.77 -17.48 -2.26
C PHE A 143 15.45 -18.22 -2.30
N VAL A 144 15.44 -19.47 -2.81
CA VAL A 144 14.19 -20.21 -2.96
C VAL A 144 13.46 -20.37 -1.62
N ASN A 145 14.18 -20.50 -0.52
CA ASN A 145 13.57 -20.69 0.79
C ASN A 145 13.67 -19.44 1.65
N ALA A 146 13.75 -18.27 1.02
CA ALA A 146 13.92 -17.03 1.78
C ALA A 146 12.68 -16.69 2.61
N ALA A 147 11.49 -17.13 2.20
CA ALA A 147 10.31 -16.88 3.02
C ALA A 147 10.44 -17.57 4.38
N THR A 148 11.04 -18.77 4.39
CA THR A 148 11.27 -19.46 5.64
C THR A 148 12.32 -18.73 6.49
N TRP A 149 13.47 -18.41 5.89
CA TRP A 149 14.49 -17.67 6.62
C TRP A 149 13.99 -16.29 7.03
N GLY A 150 13.08 -15.69 6.26
CA GLY A 150 12.47 -14.45 6.69
C GLY A 150 11.72 -14.60 8.00
N LEU A 151 11.00 -15.70 8.18
CA LEU A 151 10.34 -15.96 9.45
C LEU A 151 11.35 -16.10 10.57
N VAL A 152 12.46 -16.79 10.31
CA VAL A 152 13.49 -16.98 11.32
C VAL A 152 14.11 -15.64 11.73
N VAL A 153 14.39 -14.78 10.75
CA VAL A 153 15.11 -13.55 11.02
C VAL A 153 14.18 -12.48 11.59
N THR A 154 13.01 -12.29 10.97
CA THR A 154 12.14 -11.16 11.26
C THR A 154 10.86 -11.53 12.01
N GLY A 155 10.51 -12.82 12.08
CA GLY A 155 9.24 -13.22 12.65
C GLY A 155 8.04 -13.02 11.75
N LYS A 156 8.20 -12.37 10.60
CA LYS A 156 7.11 -12.12 9.66
C LYS A 156 7.23 -13.03 8.45
N LEU A 157 6.07 -13.43 7.91
CA LEU A 157 6.01 -14.28 6.73
C LEU A 157 5.69 -13.42 5.51
N THR A 158 6.56 -13.49 4.50
CA THR A 158 6.28 -12.91 3.19
C THR A 158 6.10 -14.05 2.19
N SER A 159 5.02 -14.00 1.41
CA SER A 159 4.67 -15.14 0.58
C SER A 159 5.65 -15.34 -0.58
N THR A 160 6.11 -14.25 -1.18
CA THR A 160 7.12 -14.33 -2.23
C THR A 160 8.38 -13.61 -1.79
N VAL A 161 9.46 -13.86 -2.55
CA VAL A 161 10.82 -13.48 -2.19
C VAL A 161 11.23 -12.31 -3.06
N ASN A 162 11.74 -11.23 -2.46
CA ASN A 162 12.30 -10.15 -3.29
C ASN A 162 13.75 -10.52 -3.55
N ASP A 163 13.96 -11.31 -4.60
CA ASP A 163 15.29 -11.85 -4.85
C ASP A 163 16.27 -10.79 -5.32
N ARG A 164 15.80 -9.68 -5.90
CA ARG A 164 16.74 -8.62 -6.25
C ARG A 164 17.22 -7.87 -5.01
N SER A 165 16.32 -7.65 -4.05
CA SER A 165 16.73 -7.07 -2.77
C SER A 165 17.68 -7.98 -2.02
N LEU A 166 17.40 -9.28 -1.99
CA LEU A 166 18.29 -10.19 -1.28
C LEU A 166 19.65 -10.30 -1.97
N ALA A 167 19.67 -10.30 -3.30
CA ALA A 167 20.96 -10.35 -3.99
C ALA A 167 21.79 -9.12 -3.66
N ALA A 168 21.16 -7.94 -3.66
CA ALA A 168 21.88 -6.72 -3.30
C ALA A 168 22.40 -6.78 -1.87
N ALA A 169 21.57 -7.29 -0.95
CA ALA A 169 21.96 -7.39 0.45
C ALA A 169 23.13 -8.36 0.64
N LEU A 170 23.13 -9.47 -0.09
CA LEU A 170 24.22 -10.43 0.03
C LEU A 170 25.53 -9.86 -0.49
N THR A 171 25.48 -9.22 -1.66
CA THR A 171 26.66 -8.55 -2.17
C THR A 171 27.19 -7.52 -1.17
N ARG A 172 26.29 -6.71 -0.61
CA ARG A 172 26.68 -5.68 0.34
C ARG A 172 27.34 -6.28 1.58
N LEU A 173 26.72 -7.32 2.15
CA LEU A 173 27.26 -7.84 3.41
C LEU A 173 28.58 -8.57 3.19
N ILE A 174 28.71 -9.29 2.06
CA ILE A 174 29.98 -9.96 1.79
C ILE A 174 31.08 -8.93 1.53
N SER A 175 30.79 -7.89 0.75
CA SER A 175 31.82 -6.89 0.46
C SER A 175 32.17 -6.08 1.70
N ARG A 176 31.26 -5.98 2.66
CA ARG A 176 31.55 -5.26 3.90
C ARG A 176 32.28 -6.13 4.91
N CYS A 177 31.85 -7.38 5.09
CA CYS A 177 32.30 -8.18 6.22
C CYS A 177 33.11 -9.41 5.84
N GLY A 178 33.04 -9.88 4.60
CA GLY A 178 33.98 -10.91 4.16
C GLY A 178 33.73 -12.30 4.70
N GLU A 179 34.78 -13.12 4.62
CA GLU A 179 34.69 -14.50 5.07
C GLU A 179 34.17 -14.68 6.50
N PRO A 180 34.54 -13.86 7.49
CA PRO A 180 34.05 -14.12 8.86
C PRO A 180 32.53 -14.16 8.98
N VAL A 181 31.80 -13.30 8.27
CA VAL A 181 30.35 -13.36 8.40
C VAL A 181 29.79 -14.60 7.70
N ILE A 182 30.43 -15.03 6.61
CA ILE A 182 29.97 -16.22 5.91
C ILE A 182 30.17 -17.45 6.78
N ARG A 183 31.33 -17.53 7.42
CA ARG A 183 31.62 -18.63 8.34
C ARG A 183 30.60 -18.69 9.47
N ARG A 184 30.28 -17.54 10.05
CA ARG A 184 29.30 -17.51 11.13
C ARG A 184 27.92 -17.92 10.64
N GLY A 185 27.53 -17.50 9.44
CA GLY A 185 26.24 -17.90 8.90
C GLY A 185 26.16 -19.39 8.66
N VAL A 186 27.22 -19.99 8.09
CA VAL A 186 27.23 -21.42 7.82
C VAL A 186 27.11 -22.20 9.14
N ASP A 187 27.88 -21.81 10.15
CA ASP A 187 27.84 -22.53 11.42
C ASP A 187 26.48 -22.39 12.08
N MET A 188 25.86 -21.21 11.97
CA MET A 188 24.53 -21.01 12.53
C MET A 188 23.49 -21.85 11.81
N ALA A 189 23.54 -21.89 10.47
CA ALA A 189 22.55 -22.65 9.73
C ALA A 189 22.72 -24.15 9.95
N MET A 190 23.97 -24.60 10.05
CA MET A 190 24.23 -26.01 10.30
C MET A 190 23.66 -26.45 11.63
N ARG A 191 23.76 -25.60 12.65
CA ARG A 191 23.21 -25.92 13.96
C ARG A 191 21.69 -25.93 13.91
N MET A 192 21.08 -24.88 13.38
CA MET A 192 19.62 -24.80 13.37
C MET A 192 19.01 -25.94 12.58
N MET A 193 19.57 -26.26 11.41
CA MET A 193 19.00 -27.28 10.56
C MET A 193 19.35 -28.69 11.01
N GLY A 194 20.40 -28.85 11.81
CA GLY A 194 20.80 -30.17 12.25
C GLY A 194 20.39 -30.51 13.67
N GLU A 195 20.11 -29.48 14.47
CA GLU A 195 19.89 -29.68 15.91
C GLU A 195 18.64 -29.00 16.46
N GLN A 196 18.13 -27.94 15.83
CA GLN A 196 16.99 -27.19 16.33
C GLN A 196 15.69 -27.49 15.58
N PHE A 197 15.72 -27.42 14.25
CA PHE A 197 14.53 -27.69 13.46
C PHE A 197 14.21 -29.18 13.46
N VAL A 198 15.21 -30.02 13.64
CA VAL A 198 15.04 -31.47 13.76
C VAL A 198 15.85 -31.92 14.96
N THR A 199 15.44 -33.05 15.53
CA THR A 199 16.25 -33.69 16.56
C THR A 199 17.47 -34.37 15.94
N GLY A 200 17.30 -34.90 14.73
CA GLY A 200 18.43 -35.47 14.00
C GLY A 200 18.06 -35.62 12.54
N GLU A 201 19.09 -35.83 11.73
CA GLU A 201 18.89 -36.02 10.29
C GLU A 201 18.33 -37.40 9.99
N THR A 202 18.69 -38.40 10.80
CA THR A 202 18.27 -39.77 10.66
C THR A 202 17.74 -40.23 12.01
N ILE A 203 16.99 -41.33 12.01
CA ILE A 203 16.43 -41.81 13.27
C ILE A 203 17.54 -42.24 14.22
N ARG A 204 18.63 -42.80 13.70
CA ARG A 204 19.75 -43.18 14.58
C ARG A 204 20.38 -41.95 15.23
N GLU A 205 20.55 -40.86 14.47
CA GLU A 205 21.08 -39.63 15.04
C GLU A 205 20.14 -39.06 16.09
N ALA A 206 18.84 -39.06 15.80
CA ALA A 206 17.87 -38.52 16.75
C ALA A 206 17.85 -39.34 18.03
N LEU A 207 17.95 -40.67 17.91
CA LEU A 207 17.95 -41.52 19.10
C LEU A 207 19.19 -41.27 19.96
N LYS A 208 20.35 -41.07 19.32
CA LYS A 208 21.56 -40.81 20.08
C LYS A 208 21.43 -39.53 20.88
N ARG A 209 20.79 -38.52 20.31
CA ARG A 209 20.65 -37.21 20.94
C ARG A 209 19.54 -37.16 21.99
N SER A 210 18.72 -38.20 22.09
CA SER A 210 17.62 -38.21 23.03
C SER A 210 18.02 -38.68 24.42
N LYS A 211 19.21 -39.25 24.57
CA LYS A 211 19.60 -39.84 25.85
C LYS A 211 19.66 -38.80 26.96
N GLU A 212 20.16 -37.61 26.64
CA GLU A 212 20.39 -36.59 27.67
C GLU A 212 19.09 -36.24 28.40
N LEU A 213 18.01 -36.01 27.66
CA LEU A 213 16.76 -35.60 28.28
C LEU A 213 15.94 -36.77 28.80
N GLU A 214 16.13 -37.97 28.26
CA GLU A 214 15.44 -39.14 28.84
C GLU A 214 15.94 -39.42 30.25
N GLU A 215 17.24 -39.20 30.50
CA GLU A 215 17.77 -39.35 31.85
C GLU A 215 17.18 -38.32 32.81
N LYS A 216 16.69 -37.19 32.31
CA LYS A 216 16.04 -36.18 33.12
C LYS A 216 14.55 -36.42 33.31
N GLY A 217 13.99 -37.46 32.69
CA GLY A 217 12.59 -37.80 32.86
C GLY A 217 11.71 -37.52 31.66
N PHE A 218 12.26 -36.98 30.57
CA PHE A 218 11.47 -36.79 29.37
C PHE A 218 11.35 -38.12 28.61
N SER A 219 10.39 -38.15 27.70
CA SER A 219 10.27 -39.23 26.73
C SER A 219 10.18 -38.61 25.34
N TYR A 220 10.10 -39.45 24.31
CA TYR A 220 10.11 -38.97 22.93
C TYR A 220 9.04 -39.65 22.08
N SER A 221 8.57 -38.91 21.07
CA SER A 221 7.78 -39.46 19.97
C SER A 221 8.39 -38.92 18.67
N TYR A 222 8.89 -39.81 17.84
CA TYR A 222 9.63 -39.38 16.65
C TYR A 222 8.71 -39.24 15.44
N ASP A 223 8.87 -38.14 14.72
CA ASP A 223 8.12 -37.84 13.51
C ASP A 223 9.07 -37.87 12.32
N MET A 224 8.99 -38.93 11.52
CA MET A 224 9.69 -38.99 10.25
C MET A 224 8.96 -38.05 9.30
N LEU A 225 9.54 -36.87 9.12
CA LEU A 225 8.87 -35.79 8.41
C LEU A 225 8.39 -36.26 7.04
N GLY A 226 7.10 -36.15 6.82
CA GLY A 226 6.46 -36.74 5.68
C GLY A 226 4.96 -36.61 5.76
N GLU A 227 4.36 -36.16 4.66
CA GLU A 227 2.92 -35.94 4.62
C GLU A 227 2.53 -35.73 3.17
N ALA A 228 1.24 -35.88 2.91
CA ALA A 228 0.65 -35.53 1.62
C ALA A 228 1.39 -36.22 0.46
N ALA A 229 1.40 -37.55 0.51
CA ALA A 229 1.89 -38.34 -0.62
C ALA A 229 1.14 -37.95 -1.89
N THR A 230 1.92 -37.74 -2.97
CA THR A 230 1.36 -37.39 -4.26
C THR A 230 1.25 -38.58 -5.20
N THR A 231 2.12 -39.58 -5.05
CA THR A 231 2.18 -40.75 -5.90
C THR A 231 2.19 -42.00 -5.04
N ALA A 232 1.94 -43.13 -5.70
CA ALA A 232 2.09 -44.42 -5.02
C ALA A 232 3.51 -44.62 -4.53
N ALA A 233 4.50 -44.20 -5.31
CA ALA A 233 5.89 -44.34 -4.88
C ALA A 233 6.18 -43.50 -3.64
N ASP A 234 5.62 -42.29 -3.58
CA ASP A 234 5.74 -41.48 -2.37
C ASP A 234 5.23 -42.22 -1.16
N ALA A 235 4.03 -42.79 -1.29
CA ALA A 235 3.43 -43.46 -0.16
C ALA A 235 4.23 -44.67 0.25
N GLU A 236 4.79 -45.39 -0.73
CA GLU A 236 5.66 -46.53 -0.43
C GLU A 236 6.92 -46.08 0.31
N ARG A 237 7.51 -44.97 -0.12
CA ARG A 237 8.69 -44.43 0.54
C ARG A 237 8.40 -44.04 1.99
N TYR A 238 7.28 -43.35 2.22
CA TYR A 238 6.98 -42.97 3.59
C TYR A 238 6.70 -44.21 4.44
N TYR A 239 6.05 -45.23 3.86
CA TYR A 239 5.84 -46.48 4.59
C TYR A 239 7.15 -47.10 5.03
N ARG A 240 8.11 -47.27 4.10
CA ARG A 240 9.33 -47.95 4.53
C ARG A 240 10.15 -47.08 5.46
N ASP A 241 10.03 -45.75 5.38
CA ASP A 241 10.63 -44.86 6.37
C ASP A 241 10.06 -45.10 7.76
N TYR A 242 8.73 -45.17 7.86
CA TYR A 242 8.10 -45.43 9.16
C TYR A 242 8.48 -46.80 9.69
N GLU A 243 8.46 -47.81 8.81
CA GLU A 243 8.82 -49.16 9.23
C GLU A 243 10.25 -49.22 9.73
N SER A 244 11.18 -48.59 9.02
CA SER A 244 12.57 -48.60 9.46
C SER A 244 12.74 -47.82 10.76
N ALA A 245 12.01 -46.71 10.94
CA ALA A 245 12.08 -45.98 12.21
C ALA A 245 11.50 -46.81 13.37
N ILE A 246 10.40 -47.53 13.15
CA ILE A 246 9.86 -48.35 14.22
C ILE A 246 10.89 -49.37 14.72
N HIS A 247 11.62 -50.01 13.79
CA HIS A 247 12.66 -50.94 14.23
C HIS A 247 13.70 -50.25 15.09
N ALA A 248 14.19 -49.09 14.63
CA ALA A 248 15.24 -48.40 15.37
C ALA A 248 14.75 -47.94 16.74
N ILE A 249 13.54 -47.38 16.78
CA ILE A 249 12.96 -46.93 18.05
C ILE A 249 12.68 -48.11 18.96
N GLY A 250 12.16 -49.19 18.40
CA GLY A 250 11.87 -50.36 19.21
C GLY A 250 13.12 -51.02 19.75
N LYS A 251 14.18 -51.10 18.93
CA LYS A 251 15.44 -51.64 19.44
C LYS A 251 15.96 -50.79 20.59
N ALA A 252 15.87 -49.46 20.43
CA ALA A 252 16.34 -48.54 21.46
C ALA A 252 15.47 -48.60 22.70
N SER A 253 14.15 -48.70 22.52
CA SER A 253 13.24 -48.75 23.66
C SER A 253 13.63 -49.87 24.60
N ALA A 254 13.99 -51.03 24.04
CA ALA A 254 14.53 -52.15 24.81
C ALA A 254 13.64 -52.52 25.99
N GLY A 255 12.34 -52.63 25.72
CA GLY A 255 11.40 -53.07 26.72
C GLY A 255 10.95 -52.01 27.72
N ARG A 256 11.24 -50.74 27.49
CA ARG A 256 10.79 -49.72 28.43
C ARG A 256 9.28 -49.53 28.41
N GLY A 257 8.60 -49.98 27.37
CA GLY A 257 7.16 -49.87 27.32
C GLY A 257 6.67 -48.55 26.77
N ILE A 258 5.35 -48.40 26.72
CA ILE A 258 4.78 -47.31 25.93
C ILE A 258 4.76 -45.97 26.66
N TYR A 259 4.91 -45.96 27.98
CA TYR A 259 4.88 -44.70 28.72
C TYR A 259 6.28 -44.14 28.98
N GLU A 260 7.20 -44.97 29.48
CA GLU A 260 8.56 -44.50 29.74
C GLU A 260 9.39 -44.48 28.46
N GLY A 261 9.08 -45.36 27.51
CA GLY A 261 9.90 -45.51 26.34
C GLY A 261 9.38 -44.71 25.18
N PRO A 262 10.20 -44.62 24.14
CA PRO A 262 9.87 -43.77 22.99
C PRO A 262 8.81 -44.39 22.09
N GLY A 263 8.17 -43.52 21.30
CA GLY A 263 7.18 -43.95 20.33
C GLY A 263 7.36 -43.27 18.99
N ILE A 264 6.43 -43.50 18.07
CA ILE A 264 6.46 -42.88 16.74
C ILE A 264 5.12 -42.20 16.50
N SER A 265 5.16 -41.18 15.66
CA SER A 265 3.97 -40.49 15.17
C SER A 265 3.94 -40.62 13.65
N ILE A 266 2.75 -40.82 13.08
CA ILE A 266 2.56 -40.95 11.64
C ILE A 266 1.43 -40.04 11.19
N LYS A 267 1.45 -39.70 9.90
CA LYS A 267 0.37 -38.98 9.25
C LYS A 267 -0.27 -39.89 8.21
N LEU A 268 -1.59 -40.07 8.27
CA LEU A 268 -2.23 -40.95 7.30
C LEU A 268 -2.06 -40.46 5.87
N SER A 269 -1.97 -39.13 5.68
CA SER A 269 -1.81 -38.61 4.32
C SER A 269 -0.48 -38.99 3.70
N ALA A 270 0.50 -39.38 4.52
CA ALA A 270 1.77 -39.86 4.00
C ALA A 270 1.66 -41.24 3.38
N LEU A 271 0.63 -42.00 3.75
CA LEU A 271 0.59 -43.43 3.44
C LEU A 271 -0.36 -43.78 2.31
N HIS A 272 -1.03 -42.79 1.72
CA HIS A 272 -1.84 -43.06 0.55
C HIS A 272 -1.96 -41.78 -0.24
N PRO A 273 -1.80 -41.80 -1.56
CA PRO A 273 -1.91 -40.55 -2.33
C PRO A 273 -3.34 -40.03 -2.49
N ARG A 274 -4.36 -40.82 -2.16
CA ARG A 274 -5.74 -40.35 -2.27
C ARG A 274 -6.45 -40.51 -0.93
N TYR A 275 -5.85 -39.97 0.13
CA TYR A 275 -6.45 -40.03 1.45
C TYR A 275 -7.53 -38.95 1.55
N SER A 276 -8.78 -39.34 1.27
CA SER A 276 -9.89 -38.39 1.30
C SER A 276 -11.19 -39.16 1.45
N ARG A 277 -12.22 -38.45 1.93
CA ARG A 277 -13.55 -39.05 2.02
C ARG A 277 -14.07 -39.48 0.64
N ALA A 278 -13.74 -38.75 -0.41
CA ALA A 278 -14.22 -39.13 -1.74
C ALA A 278 -13.66 -40.48 -2.17
N GLN A 279 -12.51 -40.88 -1.62
CA GLN A 279 -11.87 -42.15 -1.95
C GLN A 279 -11.88 -43.09 -0.75
N ALA A 280 -12.95 -43.02 0.06
CA ALA A 280 -12.98 -43.80 1.30
C ALA A 280 -12.77 -45.29 1.07
N ALA A 281 -13.35 -45.83 0.00
CA ALA A 281 -13.20 -47.27 -0.25
C ALA A 281 -11.75 -47.63 -0.51
N ARG A 282 -11.02 -46.82 -1.28
CA ARG A 282 -9.60 -47.07 -1.46
C ARG A 282 -8.85 -46.93 -0.14
N VAL A 283 -9.24 -45.96 0.69
CA VAL A 283 -8.57 -45.75 1.97
C VAL A 283 -8.72 -46.99 2.85
N MET A 284 -9.94 -47.50 2.99
CA MET A 284 -10.13 -48.66 3.84
C MET A 284 -9.48 -49.91 3.25
N GLY A 285 -9.43 -50.01 1.92
CA GLY A 285 -8.87 -51.20 1.31
C GLY A 285 -7.37 -51.22 1.21
N GLU A 286 -6.76 -50.05 1.07
CA GLU A 286 -5.34 -49.95 0.76
C GLU A 286 -4.53 -49.28 1.85
N LEU A 287 -5.06 -48.23 2.48
CA LEU A 287 -4.33 -47.54 3.52
C LEU A 287 -4.40 -48.30 4.85
N LEU A 288 -5.59 -48.74 5.25
CA LEU A 288 -5.76 -49.45 6.51
C LEU A 288 -4.80 -50.61 6.69
N PRO A 289 -4.62 -51.53 5.73
CA PRO A 289 -3.66 -52.62 5.95
C PRO A 289 -2.23 -52.16 6.18
N ARG A 290 -1.84 -51.03 5.59
CA ARG A 290 -0.50 -50.49 5.84
C ARG A 290 -0.37 -49.99 7.28
N VAL A 291 -1.38 -49.29 7.78
CA VAL A 291 -1.34 -48.86 9.16
C VAL A 291 -1.33 -50.07 10.09
N LYS A 292 -2.13 -51.09 9.77
CA LYS A 292 -2.15 -52.29 10.60
C LYS A 292 -0.78 -52.94 10.66
N ALA A 293 -0.08 -53.00 9.52
CA ALA A 293 1.24 -53.62 9.51
C ALA A 293 2.22 -52.85 10.38
N LEU A 294 2.19 -51.52 10.32
CA LEU A 294 3.03 -50.71 11.18
C LEU A 294 2.66 -50.89 12.64
N ALA A 295 1.36 -50.97 12.92
CA ALA A 295 0.91 -51.15 14.31
C ALA A 295 1.33 -52.51 14.86
N LEU A 296 1.30 -53.56 14.02
CA LEU A 296 1.77 -54.87 14.48
C LEU A 296 3.22 -54.82 14.89
N LEU A 297 4.05 -54.09 14.13
CA LEU A 297 5.46 -53.99 14.49
C LEU A 297 5.64 -53.17 15.77
N ALA A 298 4.88 -52.08 15.92
CA ALA A 298 4.92 -51.32 17.15
C ALA A 298 4.49 -52.16 18.35
N LYS A 299 3.45 -52.99 18.17
CA LYS A 299 3.03 -53.92 19.22
C LYS A 299 4.16 -54.86 19.61
N ASN A 300 4.91 -55.39 18.63
CA ASN A 300 5.92 -56.38 18.99
C ASN A 300 7.05 -55.76 19.83
N TYR A 301 7.42 -54.52 19.52
CA TYR A 301 8.40 -53.81 20.32
C TYR A 301 7.79 -53.15 21.55
N ASP A 302 6.46 -53.10 21.66
CA ASP A 302 5.73 -52.40 22.73
C ASP A 302 6.12 -50.93 22.83
N ILE A 303 5.96 -50.22 21.70
CA ILE A 303 6.15 -48.78 21.64
C ILE A 303 4.84 -48.12 21.24
N GLY A 304 4.75 -46.81 21.48
CA GLY A 304 3.56 -46.07 21.06
C GLY A 304 3.59 -45.81 19.57
N LEU A 305 2.40 -45.81 18.95
CA LEU A 305 2.22 -45.40 17.57
C LEU A 305 1.04 -44.44 17.52
N ASN A 306 1.31 -43.17 17.22
CA ASN A 306 0.30 -42.11 17.27
C ASN A 306 -0.10 -41.70 15.86
N ILE A 307 -1.41 -41.57 15.63
CA ILE A 307 -1.93 -41.03 14.37
C ILE A 307 -2.13 -39.53 14.54
N ASP A 308 -1.33 -38.73 13.83
CA ASP A 308 -1.45 -37.27 13.88
C ASP A 308 -2.75 -36.82 13.22
N ALA A 309 -3.26 -35.66 13.65
CA ALA A 309 -4.47 -35.10 13.05
C ALA A 309 -4.12 -34.06 11.99
N GLU A 310 -4.89 -34.06 10.91
CA GLU A 310 -4.58 -33.19 9.78
C GLU A 310 -5.77 -32.25 9.50
N GLU A 311 -6.13 -32.08 8.23
CA GLU A 311 -7.19 -31.15 7.88
C GLU A 311 -8.56 -31.59 8.43
N ALA A 312 -9.45 -30.62 8.59
CA ALA A 312 -10.76 -30.90 9.16
C ALA A 312 -11.56 -31.92 8.34
N ASP A 313 -11.40 -31.93 7.01
CA ASP A 313 -12.17 -32.87 6.20
C ASP A 313 -11.58 -34.29 6.20
N ARG A 314 -10.55 -34.54 7.02
CA ARG A 314 -10.01 -35.88 7.21
C ARG A 314 -10.31 -36.44 8.59
N LEU A 315 -10.86 -35.64 9.50
CA LEU A 315 -11.09 -36.08 10.87
C LEU A 315 -11.96 -37.33 10.91
N GLU A 316 -13.18 -37.24 10.37
CA GLU A 316 -14.11 -38.34 10.57
C GLU A 316 -13.67 -39.58 9.79
N LEU A 317 -13.06 -39.42 8.62
CA LEU A 317 -12.48 -40.56 7.90
C LEU A 317 -11.47 -41.30 8.77
N SER A 318 -10.61 -40.56 9.48
CA SER A 318 -9.59 -41.21 10.29
C SER A 318 -10.22 -42.02 11.41
N LEU A 319 -11.42 -41.63 11.86
CA LEU A 319 -12.08 -42.40 12.91
C LEU A 319 -12.46 -43.80 12.45
N ASP A 320 -12.77 -43.97 11.16
CA ASP A 320 -13.07 -45.31 10.66
C ASP A 320 -11.85 -46.20 10.71
N LEU A 321 -10.64 -45.65 10.51
CA LEU A 321 -9.44 -46.46 10.64
C LEU A 321 -9.15 -46.78 12.09
N LEU A 322 -9.30 -45.79 12.98
CA LEU A 322 -9.09 -46.02 14.40
C LEU A 322 -10.02 -47.11 14.92
N GLU A 323 -11.30 -47.07 14.51
CA GLU A 323 -12.27 -48.08 14.93
C GLU A 323 -11.82 -49.48 14.52
N VAL A 324 -11.50 -49.68 13.24
CA VAL A 324 -11.13 -51.02 12.77
C VAL A 324 -9.88 -51.50 13.50
N LEU A 325 -8.90 -50.62 13.70
CA LEU A 325 -7.66 -51.05 14.32
C LEU A 325 -7.88 -51.43 15.78
N CYS A 326 -8.69 -50.66 16.51
CA CYS A 326 -8.91 -50.99 17.91
C CYS A 326 -9.75 -52.24 18.10
N LEU A 327 -10.53 -52.64 17.10
CA LEU A 327 -11.33 -53.86 17.19
C LEU A 327 -10.63 -55.07 16.58
N ASP A 328 -9.44 -54.90 16.03
CA ASP A 328 -8.72 -55.97 15.35
C ASP A 328 -8.00 -56.83 16.38
N GLY A 329 -8.41 -58.10 16.50
CA GLY A 329 -7.82 -58.99 17.49
C GLY A 329 -6.32 -59.19 17.33
N ASP A 330 -5.79 -59.00 16.13
CA ASP A 330 -4.35 -59.20 15.93
C ASP A 330 -3.52 -58.17 16.69
N LEU A 331 -4.12 -57.04 17.09
CA LEU A 331 -3.42 -56.00 17.82
C LEU A 331 -3.69 -56.04 19.30
N SER A 332 -4.43 -57.03 19.78
CA SER A 332 -4.82 -57.03 21.19
C SER A 332 -3.60 -57.28 22.08
N GLY A 333 -3.68 -56.79 23.31
CA GLY A 333 -2.60 -56.90 24.25
C GLY A 333 -1.66 -55.71 24.26
N TRP A 334 -1.84 -54.78 23.32
CA TRP A 334 -0.97 -53.62 23.15
C TRP A 334 -1.82 -52.37 23.32
N ASN A 335 -1.34 -51.45 24.17
CA ASN A 335 -2.04 -50.20 24.49
C ASN A 335 -1.36 -49.00 23.87
N GLY A 336 -0.48 -49.23 22.90
CA GLY A 336 0.29 -48.13 22.33
C GLY A 336 -0.37 -47.35 21.21
N MET A 337 -1.54 -47.74 20.71
CA MET A 337 -2.20 -46.98 19.66
CA MET A 337 -2.20 -46.98 19.66
C MET A 337 -2.62 -45.61 20.19
N GLY A 338 -2.23 -44.55 19.48
CA GLY A 338 -2.53 -43.20 19.90
C GLY A 338 -3.20 -42.42 18.79
N PHE A 339 -3.85 -41.32 19.18
CA PHE A 339 -4.70 -40.56 18.26
C PHE A 339 -4.81 -39.12 18.73
N VAL A 340 -4.60 -38.17 17.82
CA VAL A 340 -4.65 -36.74 18.15
C VAL A 340 -6.06 -36.21 17.97
N VAL A 341 -6.50 -35.35 18.88
CA VAL A 341 -7.73 -34.59 18.69
C VAL A 341 -7.43 -33.11 18.84
N GLN A 342 -7.99 -32.30 17.94
CA GLN A 342 -7.66 -30.88 17.82
C GLN A 342 -8.72 -30.03 18.52
N ALA A 343 -8.32 -29.35 19.61
CA ALA A 343 -9.27 -28.55 20.39
C ALA A 343 -9.70 -27.28 19.67
N TYR A 344 -9.00 -26.86 18.62
CA TYR A 344 -9.56 -25.74 17.87
C TYR A 344 -10.75 -26.14 17.01
N GLY A 345 -11.11 -27.42 16.99
CA GLY A 345 -12.21 -27.91 16.16
C GLY A 345 -13.49 -28.04 16.96
N LYS A 346 -14.60 -27.69 16.31
CA LYS A 346 -15.90 -27.67 16.98
C LYS A 346 -16.38 -29.06 17.36
N ARG A 347 -15.88 -30.10 16.72
CA ARG A 347 -16.29 -31.47 17.02
C ARG A 347 -15.50 -32.11 18.14
N CYS A 348 -14.48 -31.43 18.68
CA CYS A 348 -13.52 -32.05 19.60
C CYS A 348 -14.16 -32.80 20.77
N PRO A 349 -15.06 -32.21 21.57
CA PRO A 349 -15.62 -32.98 22.70
C PRO A 349 -16.42 -34.20 22.25
N PHE A 350 -17.08 -34.12 21.09
CA PHE A 350 -17.85 -35.25 20.59
C PHE A 350 -16.95 -36.33 20.01
N VAL A 351 -15.83 -35.94 19.42
CA VAL A 351 -14.81 -36.91 19.02
C VAL A 351 -14.27 -37.63 20.24
N LEU A 352 -14.02 -36.88 21.33
CA LEU A 352 -13.52 -37.52 22.53
C LEU A 352 -14.54 -38.49 23.13
N ASP A 353 -15.82 -38.12 23.11
CA ASP A 353 -16.85 -39.06 23.57
C ASP A 353 -16.79 -40.35 22.78
N PHE A 354 -16.62 -40.24 21.46
CA PHE A 354 -16.54 -41.42 20.61
C PHE A 354 -15.30 -42.25 20.95
N ILE A 355 -14.16 -41.60 21.15
CA ILE A 355 -12.92 -42.33 21.39
C ILE A 355 -12.95 -43.01 22.75
N ILE A 356 -13.48 -42.30 23.76
CA ILE A 356 -13.55 -42.90 25.09
C ILE A 356 -14.45 -44.12 25.07
N ASP A 357 -15.57 -44.03 24.36
CA ASP A 357 -16.44 -45.19 24.22
C ASP A 357 -15.77 -46.32 23.44
N LEU A 358 -15.03 -45.98 22.38
CA LEU A 358 -14.29 -47.00 21.65
C LEU A 358 -13.25 -47.68 22.53
N ALA A 359 -12.57 -46.90 23.37
CA ALA A 359 -11.61 -47.49 24.29
C ALA A 359 -12.30 -48.45 25.26
N ARG A 360 -13.50 -48.09 25.74
CA ARG A 360 -14.24 -48.99 26.62
C ARG A 360 -14.66 -50.27 25.89
N ARG A 361 -15.18 -50.14 24.67
CA ARG A 361 -15.64 -51.30 23.92
C ARG A 361 -14.49 -52.25 23.59
N SER A 362 -13.37 -51.70 23.13
CA SER A 362 -12.24 -52.50 22.71
C SER A 362 -11.36 -52.94 23.87
N GLY A 363 -11.46 -52.26 25.02
CA GLY A 363 -10.52 -52.52 26.10
C GLY A 363 -9.11 -52.01 25.85
N ARG A 364 -8.91 -51.24 24.79
CA ARG A 364 -7.61 -50.64 24.50
C ARG A 364 -7.53 -49.29 25.21
N ARG A 365 -6.44 -49.05 25.94
CA ARG A 365 -6.27 -47.78 26.61
C ARG A 365 -5.67 -46.79 25.62
N ILE A 366 -6.54 -46.17 24.82
CA ILE A 366 -6.09 -45.35 23.70
C ILE A 366 -5.32 -44.15 24.23
N MET A 367 -4.16 -43.87 23.62
CA MET A 367 -3.35 -42.72 23.98
C MET A 367 -3.94 -41.53 23.23
N VAL A 368 -4.48 -40.55 23.94
CA VAL A 368 -5.18 -39.46 23.27
C VAL A 368 -4.35 -38.21 23.45
N ARG A 369 -3.81 -37.70 22.35
CA ARG A 369 -3.04 -36.46 22.37
C ARG A 369 -3.97 -35.29 22.08
N LEU A 370 -4.17 -34.45 23.08
CA LEU A 370 -4.99 -33.26 22.93
C LEU A 370 -4.09 -32.10 22.52
N VAL A 371 -4.37 -31.53 21.36
CA VAL A 371 -3.62 -30.41 20.81
C VAL A 371 -4.62 -29.29 20.57
N LYS A 372 -4.11 -28.09 20.26
CA LYS A 372 -5.02 -27.07 19.78
C LYS A 372 -5.26 -27.23 18.27
N GLY A 373 -4.22 -27.10 17.45
CA GLY A 373 -4.37 -27.43 16.05
C GLY A 373 -3.43 -26.62 15.16
N ALA A 374 -3.01 -27.23 14.04
CA ALA A 374 -1.90 -26.70 13.26
C ALA A 374 -2.28 -26.09 11.92
N TYR A 375 -3.54 -26.16 11.51
CA TYR A 375 -3.94 -25.80 10.15
C TYR A 375 -4.96 -24.65 10.14
N TRP A 376 -4.92 -23.79 11.15
CA TRP A 376 -6.00 -22.82 11.34
C TRP A 376 -6.20 -21.91 10.12
N ASP A 377 -5.12 -21.25 9.66
CA ASP A 377 -5.23 -20.33 8.51
C ASP A 377 -5.86 -21.02 7.31
N ALA A 378 -5.45 -22.26 7.04
CA ALA A 378 -5.93 -22.94 5.87
C ALA A 378 -7.39 -23.33 6.00
N GLU A 379 -7.84 -23.61 7.23
CA GLU A 379 -9.25 -23.96 7.40
C GLU A 379 -10.15 -22.76 7.14
N ILE A 380 -9.68 -21.55 7.50
CA ILE A 380 -10.48 -20.35 7.24
C ILE A 380 -10.60 -20.13 5.74
N LYS A 381 -9.47 -20.20 5.03
CA LYS A 381 -9.51 -20.02 3.58
C LYS A 381 -10.40 -21.06 2.91
N ARG A 382 -10.25 -22.33 3.28
CA ARG A 382 -11.00 -23.40 2.61
C ARG A 382 -12.50 -23.22 2.75
N ALA A 383 -12.98 -22.90 3.95
CA ALA A 383 -14.42 -22.74 4.14
C ALA A 383 -14.93 -21.57 3.34
N GLN A 384 -14.15 -20.50 3.23
CA GLN A 384 -14.56 -19.34 2.44
C GLN A 384 -14.62 -19.71 0.96
N LEU A 385 -13.57 -20.35 0.44
CA LEU A 385 -13.58 -20.76 -0.96
C LEU A 385 -14.78 -21.64 -1.30
N ASP A 386 -15.12 -22.56 -0.39
CA ASP A 386 -16.17 -23.52 -0.68
C ASP A 386 -17.56 -23.00 -0.34
N GLY A 387 -17.67 -21.79 0.18
CA GLY A 387 -18.99 -21.20 0.45
C GLY A 387 -19.81 -21.98 1.43
N LEU A 388 -19.17 -22.52 2.47
CA LEU A 388 -19.89 -23.38 3.40
C LEU A 388 -20.50 -22.56 4.54
N ALA A 389 -21.34 -23.21 5.34
CA ALA A 389 -22.20 -22.49 6.26
C ALA A 389 -21.39 -21.77 7.34
N ASP A 390 -20.29 -22.37 7.78
CA ASP A 390 -19.51 -21.83 8.88
C ASP A 390 -18.15 -22.53 8.83
N PHE A 391 -17.30 -22.20 9.75
CA PHE A 391 -15.98 -22.81 9.87
C PHE A 391 -16.04 -24.06 10.73
N PRO A 392 -15.14 -25.01 10.46
CA PRO A 392 -15.03 -26.19 11.33
C PRO A 392 -14.10 -26.00 12.51
N VAL A 393 -13.57 -24.79 12.66
CA VAL A 393 -12.67 -24.41 13.74
C VAL A 393 -13.20 -23.11 14.34
N PHE A 394 -12.75 -22.84 15.55
CA PHE A 394 -13.09 -21.56 16.16
C PHE A 394 -12.37 -20.43 15.45
N THR A 395 -12.89 -19.21 15.61
CA THR A 395 -12.29 -18.04 14.98
C THR A 395 -11.67 -17.07 15.96
N ARG A 396 -11.93 -17.23 17.26
CA ARG A 396 -11.23 -16.49 18.30
C ARG A 396 -10.31 -17.44 19.04
N LYS A 397 -9.06 -17.01 19.25
CA LYS A 397 -8.07 -17.88 19.86
C LYS A 397 -8.48 -18.29 21.27
N ILE A 398 -9.10 -17.37 22.01
CA ILE A 398 -9.50 -17.70 23.38
C ILE A 398 -10.55 -18.81 23.39
N HIS A 399 -11.33 -18.95 22.31
CA HIS A 399 -12.31 -20.03 22.24
C HIS A 399 -11.60 -21.38 22.17
N THR A 400 -10.52 -21.47 21.40
CA THR A 400 -9.73 -22.69 21.37
C THR A 400 -9.16 -23.01 22.75
N ASP A 401 -8.73 -21.98 23.49
CA ASP A 401 -8.21 -22.22 24.83
C ASP A 401 -9.27 -22.80 25.75
N VAL A 402 -10.49 -22.24 25.73
CA VAL A 402 -11.58 -22.77 26.54
C VAL A 402 -11.92 -24.19 26.09
N SER A 403 -11.98 -24.43 24.77
CA SER A 403 -12.22 -25.78 24.26
C SER A 403 -11.19 -26.76 24.80
N TYR A 404 -9.91 -26.38 24.77
CA TYR A 404 -8.85 -27.26 25.27
C TYR A 404 -9.08 -27.64 26.72
N ILE A 405 -9.37 -26.66 27.57
CA ILE A 405 -9.52 -26.94 28.99
C ILE A 405 -10.79 -27.77 29.24
N ALA A 406 -11.87 -27.48 28.51
CA ALA A 406 -13.08 -28.29 28.62
C ALA A 406 -12.80 -29.74 28.25
N CYS A 407 -12.02 -29.94 27.18
CA CYS A 407 -11.76 -31.30 26.74
C CYS A 407 -10.77 -32.01 27.66
N ALA A 408 -9.86 -31.26 28.27
CA ALA A 408 -8.98 -31.82 29.28
C ALA A 408 -9.75 -32.32 30.50
N ALA A 409 -10.80 -31.60 30.89
CA ALA A 409 -11.63 -32.07 32.01
C ALA A 409 -12.28 -33.40 31.67
N LYS A 410 -12.77 -33.54 30.44
CA LYS A 410 -13.37 -34.80 30.01
C LYS A 410 -12.33 -35.94 30.03
N LEU A 411 -11.11 -35.66 29.55
CA LEU A 411 -10.08 -36.69 29.52
C LEU A 411 -9.62 -37.07 30.92
N LEU A 412 -9.52 -36.10 31.83
CA LEU A 412 -9.05 -36.40 33.17
C LEU A 412 -10.04 -37.24 33.96
N ALA A 413 -11.31 -37.22 33.59
CA ALA A 413 -12.30 -38.09 34.21
C ALA A 413 -12.25 -39.51 33.68
N ALA A 414 -11.42 -39.79 32.67
CA ALA A 414 -11.45 -41.07 31.98
C ALA A 414 -10.07 -41.71 31.92
N THR A 415 -9.19 -41.41 32.88
CA THR A 415 -7.83 -41.96 32.85
C THR A 415 -7.79 -43.47 33.03
N ASP A 416 -8.84 -44.10 33.56
CA ASP A 416 -8.87 -45.56 33.58
CA ASP A 416 -8.83 -45.56 33.58
C ASP A 416 -9.04 -46.15 32.18
N VAL A 417 -9.59 -45.38 31.25
CA VAL A 417 -10.00 -45.88 29.96
C VAL A 417 -9.08 -45.39 28.84
N VAL A 418 -8.54 -44.18 28.95
CA VAL A 418 -7.62 -43.61 27.96
C VAL A 418 -6.43 -43.04 28.70
N PHE A 419 -5.34 -42.81 27.94
CA PHE A 419 -4.14 -42.16 28.45
C PHE A 419 -4.07 -40.75 27.88
N PRO A 420 -4.41 -39.72 28.65
CA PRO A 420 -4.38 -38.34 28.10
C PRO A 420 -2.96 -37.81 27.96
N GLN A 421 -2.72 -37.11 26.85
CA GLN A 421 -1.42 -36.51 26.55
C GLN A 421 -1.68 -35.06 26.20
N PHE A 422 -1.27 -34.15 27.08
CA PHE A 422 -1.63 -32.74 26.95
C PHE A 422 -0.50 -31.99 26.27
N ALA A 423 -0.61 -31.82 24.97
CA ALA A 423 0.41 -31.15 24.17
C ALA A 423 0.16 -29.65 24.19
N THR A 424 1.05 -28.90 24.82
CA THR A 424 0.91 -27.44 24.84
C THR A 424 2.22 -26.81 25.28
N HIS A 425 2.49 -25.61 24.74
CA HIS A 425 3.57 -24.77 25.21
C HIS A 425 3.08 -23.60 26.04
N ASN A 426 1.79 -23.53 26.32
CA ASN A 426 1.17 -22.40 27.00
C ASN A 426 1.17 -22.65 28.51
N ALA A 427 1.89 -21.80 29.25
CA ALA A 427 2.05 -22.02 30.68
C ALA A 427 0.72 -21.88 31.42
N GLN A 428 -0.18 -21.04 30.91
CA GLN A 428 -1.49 -20.91 31.54
C GLN A 428 -2.31 -22.18 31.34
N THR A 429 -2.33 -22.71 30.11
CA THR A 429 -2.99 -23.98 29.83
C THR A 429 -2.43 -25.10 30.71
N LEU A 430 -1.09 -25.20 30.77
CA LEU A 430 -0.45 -26.26 31.53
C LEU A 430 -0.84 -26.18 33.00
N ALA A 431 -0.76 -24.97 33.58
CA ALA A 431 -1.05 -24.81 34.99
C ALA A 431 -2.49 -25.17 35.32
N ALA A 432 -3.41 -24.79 34.44
CA ALA A 432 -4.82 -25.12 34.66
C ALA A 432 -5.03 -26.62 34.70
N ILE A 433 -4.34 -27.36 33.85
CA ILE A 433 -4.53 -28.81 33.80
C ILE A 433 -3.82 -29.49 34.95
N TYR A 434 -2.62 -29.01 35.30
CA TYR A 434 -1.87 -29.55 36.42
C TYR A 434 -2.67 -29.53 37.71
N HIS A 435 -3.39 -28.43 37.96
CA HIS A 435 -4.21 -28.33 39.15
C HIS A 435 -5.53 -29.07 38.99
N MET A 436 -6.10 -29.07 37.78
CA MET A 436 -7.29 -29.86 37.52
C MET A 436 -7.06 -31.33 37.82
N ALA A 437 -5.86 -31.84 37.51
CA ALA A 437 -5.56 -33.26 37.66
C ALA A 437 -5.36 -33.67 39.10
N GLY A 438 -4.99 -32.74 39.98
CA GLY A 438 -4.93 -33.05 41.39
C GLY A 438 -3.62 -33.74 41.79
N LYS A 439 -3.62 -34.21 43.04
CA LYS A 439 -2.40 -34.65 43.71
C LYS A 439 -2.06 -36.11 43.49
N ASP A 440 -3.02 -36.96 43.12
CA ASP A 440 -2.73 -38.36 42.86
C ASP A 440 -2.14 -38.49 41.46
N PHE A 441 -0.91 -38.96 41.38
CA PHE A 441 -0.27 -39.15 40.08
C PHE A 441 0.62 -40.38 40.11
N HIS A 442 0.68 -41.06 38.96
CA HIS A 442 1.63 -42.12 38.71
C HIS A 442 1.96 -42.10 37.23
N VAL A 443 3.18 -42.50 36.87
CA VAL A 443 3.53 -42.55 35.46
C VAL A 443 2.60 -43.56 34.77
N GLY A 444 1.97 -43.11 33.69
CA GLY A 444 0.91 -43.86 33.05
C GLY A 444 -0.46 -43.27 33.24
N LYS A 445 -0.63 -42.34 34.18
CA LYS A 445 -1.94 -41.75 34.37
C LYS A 445 -2.25 -40.75 33.27
N TYR A 446 -1.35 -39.78 33.08
CA TYR A 446 -1.39 -38.87 31.93
C TYR A 446 0.02 -38.33 31.74
N GLU A 447 0.22 -37.57 30.66
CA GLU A 447 1.49 -36.88 30.49
C GLU A 447 1.23 -35.55 29.81
N PHE A 448 2.26 -34.70 29.82
CA PHE A 448 2.30 -33.53 28.94
C PHE A 448 3.16 -33.84 27.72
N GLN A 449 3.07 -32.98 26.70
CA GLN A 449 3.88 -33.11 25.51
C GLN A 449 4.30 -31.74 25.00
N CYS A 450 5.43 -31.71 24.29
CA CYS A 450 5.92 -30.47 23.72
C CYS A 450 6.65 -30.78 22.42
N LEU A 451 6.98 -29.73 21.68
CA LEU A 451 7.72 -29.88 20.43
C LEU A 451 9.21 -29.66 20.68
N HIS A 452 10.03 -30.48 20.03
CA HIS A 452 11.48 -30.30 20.08
C HIS A 452 11.88 -28.89 19.67
N GLY A 453 12.81 -28.32 20.44
CA GLY A 453 13.33 -26.99 20.15
C GLY A 453 12.35 -25.86 20.40
N MET A 454 11.26 -26.13 21.11
CA MET A 454 10.24 -25.12 21.40
C MET A 454 9.88 -25.17 22.87
N GLY A 455 9.58 -26.37 23.38
CA GLY A 455 9.02 -26.53 24.70
C GLY A 455 9.94 -26.95 25.82
N GLU A 456 11.19 -27.29 25.53
CA GLU A 456 12.09 -27.71 26.61
C GLU A 456 12.29 -26.66 27.70
N PRO A 457 12.41 -25.36 27.39
CA PRO A 457 12.54 -24.38 28.49
C PRO A 457 11.36 -24.43 29.46
N LEU A 458 10.14 -24.53 28.94
CA LEU A 458 8.99 -24.64 29.82
C LEU A 458 9.00 -25.92 30.62
N TYR A 459 9.24 -27.05 29.95
CA TYR A 459 9.05 -28.32 30.64
C TYR A 459 10.23 -28.73 31.51
N GLU A 460 11.39 -28.08 31.36
CA GLU A 460 12.41 -28.24 32.38
C GLU A 460 12.02 -27.57 33.69
N GLU A 461 10.94 -26.81 33.71
CA GLU A 461 10.32 -26.32 34.95
C GLU A 461 9.19 -27.22 35.42
N VAL A 462 8.91 -28.31 34.72
CA VAL A 462 7.80 -29.20 35.00
C VAL A 462 8.28 -30.60 35.35
N VAL A 463 9.16 -31.16 34.52
CA VAL A 463 9.65 -32.53 34.73
C VAL A 463 10.61 -32.55 35.91
N GLY A 464 10.57 -33.64 36.68
CA GLY A 464 11.54 -33.82 37.72
C GLY A 464 10.94 -33.65 39.10
N ARG A 465 11.48 -34.39 40.06
CA ARG A 465 10.99 -34.32 41.44
C ARG A 465 11.14 -32.92 42.03
N GLY A 466 12.17 -32.19 41.61
CA GLY A 466 12.40 -30.84 42.07
C GLY A 466 11.54 -29.78 41.41
N LYS A 467 10.74 -30.15 40.42
CA LYS A 467 9.82 -29.22 39.79
C LYS A 467 8.38 -29.63 40.07
N LEU A 468 7.60 -29.91 39.03
CA LEU A 468 6.23 -30.36 39.21
C LEU A 468 6.06 -31.87 39.22
N ASP A 469 7.13 -32.62 38.90
CA ASP A 469 7.13 -34.09 38.90
C ASP A 469 6.01 -34.65 38.01
N ARG A 470 5.88 -34.08 36.82
CA ARG A 470 5.01 -34.62 35.79
C ARG A 470 5.83 -34.85 34.53
N PRO A 471 5.59 -35.94 33.81
CA PRO A 471 6.40 -36.27 32.63
C PRO A 471 5.98 -35.49 31.41
N CYS A 472 6.93 -35.36 30.48
CA CYS A 472 6.70 -34.69 29.20
C CYS A 472 7.32 -35.52 28.09
N ARG A 473 6.55 -35.73 27.02
CA ARG A 473 7.05 -36.40 25.82
C ARG A 473 7.34 -35.37 24.75
N ILE A 474 8.55 -35.45 24.20
CA ILE A 474 9.01 -34.49 23.19
C ILE A 474 8.70 -35.05 21.81
N TYR A 475 7.96 -34.27 21.02
CA TYR A 475 7.70 -34.61 19.63
C TYR A 475 8.93 -34.19 18.81
N ALA A 476 9.62 -35.16 18.23
CA ALA A 476 10.95 -34.97 17.68
C ALA A 476 10.94 -35.18 16.17
N PRO A 477 10.98 -34.11 15.38
CA PRO A 477 11.09 -34.27 13.92
C PRO A 477 12.44 -34.86 13.52
N VAL A 478 12.40 -35.67 12.48
CA VAL A 478 13.59 -36.38 12.00
C VAL A 478 13.62 -36.26 10.47
N GLY A 479 14.70 -35.69 9.93
CA GLY A 479 14.80 -35.62 8.48
C GLY A 479 15.93 -34.74 8.05
N THR A 480 16.18 -34.77 6.73
CA THR A 480 17.22 -33.97 6.11
C THR A 480 16.75 -32.52 5.95
N HIS A 481 17.69 -31.66 5.52
CA HIS A 481 17.37 -30.26 5.26
C HIS A 481 16.18 -30.15 4.30
N GLU A 482 16.20 -30.92 3.22
CA GLU A 482 15.14 -30.84 2.22
C GLU A 482 13.78 -31.18 2.82
N THR A 483 13.71 -32.29 3.57
CA THR A 483 12.43 -32.83 4.01
C THR A 483 11.71 -31.90 4.98
N LEU A 484 12.45 -31.13 5.73
CA LEU A 484 11.97 -30.27 6.82
C LEU A 484 11.02 -29.11 6.34
N LEU A 485 10.60 -29.06 5.08
CA LEU A 485 9.91 -27.91 4.49
C LEU A 485 8.62 -27.48 5.21
N ALA A 486 7.51 -28.18 4.94
CA ALA A 486 6.20 -27.70 5.35
C ALA A 486 6.10 -27.58 6.86
N TYR A 487 6.48 -28.63 7.58
CA TYR A 487 6.42 -28.63 9.04
C TYR A 487 7.13 -27.41 9.63
N LEU A 488 8.25 -26.99 9.03
CA LEU A 488 9.00 -25.86 9.56
C LEU A 488 8.21 -24.56 9.47
N VAL A 489 7.57 -24.30 8.33
CA VAL A 489 6.81 -23.06 8.20
C VAL A 489 5.59 -23.09 9.11
N ARG A 490 4.97 -24.25 9.31
CA ARG A 490 3.88 -24.34 10.27
C ARG A 490 4.36 -24.01 11.68
N ARG A 491 5.57 -24.45 12.04
CA ARG A 491 6.13 -24.13 13.35
C ARG A 491 6.46 -22.65 13.46
N LEU A 492 7.12 -22.10 12.44
CA LEU A 492 7.55 -20.71 12.50
C LEU A 492 6.37 -19.75 12.47
N LEU A 493 5.32 -20.10 11.73
CA LEU A 493 4.06 -19.37 11.83
C LEU A 493 3.54 -19.38 13.26
N GLU A 494 3.49 -20.58 13.86
CA GLU A 494 3.08 -20.72 15.25
C GLU A 494 3.89 -19.82 16.17
N ASN A 495 5.21 -19.85 16.04
CA ASN A 495 6.06 -19.05 16.93
C ASN A 495 5.93 -17.55 16.69
N GLY A 496 5.41 -17.15 15.54
CA GLY A 496 5.39 -15.73 15.20
C GLY A 496 4.04 -15.06 15.27
N ALA A 497 2.97 -15.84 15.42
CA ALA A 497 1.63 -15.28 15.43
C ALA A 497 1.43 -14.41 16.66
N ASN A 498 0.85 -13.22 16.46
CA ASN A 498 0.58 -12.29 17.55
C ASN A 498 -0.17 -12.98 18.70
N SER A 499 -1.01 -13.98 18.38
CA SER A 499 -1.84 -14.62 19.39
C SER A 499 -1.15 -15.79 20.09
N SER A 500 0.01 -16.23 19.63
CA SER A 500 0.67 -17.39 20.19
C SER A 500 1.36 -17.06 21.52
N PHE A 501 1.25 -17.99 22.47
CA PHE A 501 1.90 -17.83 23.76
C PHE A 501 3.41 -17.63 23.62
N VAL A 502 4.06 -18.45 22.77
CA VAL A 502 5.51 -18.39 22.69
C VAL A 502 5.99 -17.09 22.05
N HIS A 503 5.12 -16.41 21.31
CA HIS A 503 5.43 -15.07 20.82
C HIS A 503 5.18 -14.03 21.89
N ARG A 504 4.12 -14.21 22.69
CA ARG A 504 3.75 -13.21 23.69
C ARG A 504 4.65 -13.27 24.91
N ILE A 505 5.19 -14.46 25.24
CA ILE A 505 6.13 -14.55 26.36
C ILE A 505 7.38 -13.72 26.08
N ASN A 506 7.76 -13.58 24.80
CA ASN A 506 8.91 -12.77 24.43
C ASN A 506 8.57 -11.31 24.22
N ASP A 507 7.30 -10.96 24.09
CA ASP A 507 6.90 -9.57 23.89
C ASP A 507 7.04 -8.81 25.21
N PRO A 508 7.95 -7.83 25.30
CA PRO A 508 8.08 -7.08 26.56
C PRO A 508 6.85 -6.24 26.89
N LYS A 509 6.01 -5.92 25.91
CA LYS A 509 4.80 -5.16 26.16
C LYS A 509 3.69 -6.00 26.80
N VAL A 510 3.83 -7.32 26.83
CA VAL A 510 2.83 -8.21 27.41
C VAL A 510 3.25 -8.54 28.84
N SER A 511 2.38 -8.23 29.79
CA SER A 511 2.70 -8.47 31.20
C SER A 511 2.38 -9.92 31.57
N ILE A 512 2.98 -10.36 32.67
CA ILE A 512 2.71 -11.70 33.20
C ILE A 512 1.25 -11.82 33.60
N ASP A 513 0.66 -10.74 34.11
CA ASP A 513 -0.76 -10.76 34.44
C ASP A 513 -1.62 -11.02 33.20
N GLU A 514 -1.21 -10.47 32.06
CA GLU A 514 -1.91 -10.76 30.80
C GLU A 514 -1.72 -12.22 30.39
N LEU A 515 -0.53 -12.78 30.67
CA LEU A 515 -0.25 -14.15 30.26
C LEU A 515 -1.01 -15.16 31.11
N ILE A 516 -1.30 -14.83 32.37
CA ILE A 516 -1.97 -15.77 33.26
C ILE A 516 -3.47 -15.53 33.34
N ALA A 517 -4.00 -14.63 32.51
CA ALA A 517 -5.45 -14.42 32.44
C ALA A 517 -6.16 -15.72 32.09
N ASP A 518 -7.24 -16.00 32.80
CA ASP A 518 -8.01 -17.23 32.66
C ASP A 518 -8.98 -17.13 31.50
N PRO A 519 -8.73 -17.82 30.39
CA PRO A 519 -9.62 -17.68 29.22
C PRO A 519 -11.06 -18.07 29.49
N VAL A 520 -11.30 -18.99 30.44
CA VAL A 520 -12.67 -19.42 30.74
C VAL A 520 -13.49 -18.25 31.28
N GLU A 521 -12.94 -17.54 32.26
CA GLU A 521 -13.68 -16.43 32.85
C GLU A 521 -13.79 -15.25 31.89
N VAL A 522 -12.78 -15.04 31.04
CA VAL A 522 -12.87 -13.95 30.06
C VAL A 522 -13.99 -14.23 29.07
N VAL A 523 -14.10 -15.47 28.59
CA VAL A 523 -15.16 -15.79 27.64
C VAL A 523 -16.52 -15.65 28.30
N ARG A 524 -16.65 -16.09 29.55
CA ARG A 524 -17.94 -16.01 30.22
C ARG A 524 -18.41 -14.57 30.35
N ALA A 525 -17.48 -13.63 30.54
CA ALA A 525 -17.82 -12.24 30.80
C ALA A 525 -18.08 -11.43 29.53
N MET A 526 -17.86 -12.01 28.36
CA MET A 526 -18.09 -11.27 27.13
C MET A 526 -19.59 -11.05 26.92
N PRO A 527 -19.97 -9.97 26.23
CA PRO A 527 -21.40 -9.68 26.06
C PRO A 527 -22.15 -10.77 25.33
N VAL A 528 -21.65 -11.18 24.16
CA VAL A 528 -22.19 -12.31 23.41
C VAL A 528 -21.17 -13.44 23.53
N VAL A 529 -21.47 -14.42 24.39
CA VAL A 529 -20.55 -15.54 24.58
C VAL A 529 -20.40 -16.31 23.27
N GLY A 530 -19.16 -16.50 22.85
CA GLY A 530 -18.89 -17.29 21.66
C GLY A 530 -19.05 -16.58 20.35
N ALA A 531 -19.10 -15.26 20.34
CA ALA A 531 -19.23 -14.52 19.09
C ALA A 531 -18.06 -14.79 18.15
N LYS A 532 -18.37 -14.97 16.86
CA LYS A 532 -17.36 -15.05 15.81
C LYS A 532 -16.42 -13.84 15.87
N HIS A 533 -15.17 -14.05 15.46
CA HIS A 533 -14.23 -12.95 15.30
C HIS A 533 -14.82 -11.86 14.42
N ASP A 534 -14.68 -10.60 14.85
CA ASP A 534 -15.24 -9.47 14.12
C ASP A 534 -14.61 -9.29 12.75
N ARG A 535 -13.36 -9.72 12.58
CA ARG A 535 -12.61 -9.43 11.37
C ARG A 535 -12.47 -10.63 10.44
N ILE A 536 -13.21 -11.70 10.68
CA ILE A 536 -13.24 -12.86 9.78
C ILE A 536 -14.66 -13.01 9.25
N ALA A 537 -14.81 -12.95 7.94
CA ALA A 537 -16.13 -13.02 7.33
C ALA A 537 -16.57 -14.48 7.19
N LEU A 538 -17.81 -14.75 7.60
CA LEU A 538 -18.43 -16.02 7.22
C LEU A 538 -18.42 -16.12 5.69
N PRO A 539 -18.34 -17.33 5.13
CA PRO A 539 -18.28 -17.44 3.67
C PRO A 539 -19.43 -16.72 2.96
N ALA A 540 -20.64 -16.77 3.52
CA ALA A 540 -21.77 -16.07 2.89
C ALA A 540 -21.57 -14.56 2.84
N GLU A 541 -20.68 -14.01 3.66
CA GLU A 541 -20.56 -12.57 3.82
C GLU A 541 -19.27 -12.01 3.20
N LEU A 542 -18.63 -12.78 2.31
CA LEU A 542 -17.39 -12.34 1.67
C LEU A 542 -17.51 -10.98 1.00
N PHE A 543 -18.69 -10.67 0.45
CA PHE A 543 -18.84 -9.44 -0.31
C PHE A 543 -19.61 -8.37 0.45
N GLY A 544 -19.86 -8.59 1.74
CA GLY A 544 -20.46 -7.53 2.54
C GLY A 544 -21.84 -7.14 2.06
N ASP A 545 -22.09 -5.84 2.04
CA ASP A 545 -23.41 -5.33 1.68
C ASP A 545 -23.68 -5.39 0.18
N ALA A 546 -22.68 -5.71 -0.64
CA ALA A 546 -22.87 -5.69 -2.09
C ALA A 546 -23.82 -6.80 -2.53
N ARG A 547 -23.62 -8.00 -2.01
CA ARG A 547 -24.47 -9.13 -2.38
C ARG A 547 -24.10 -10.30 -1.49
N THR A 548 -24.96 -11.31 -1.52
CA THR A 548 -24.77 -12.52 -0.75
C THR A 548 -24.01 -13.54 -1.58
N ASN A 549 -22.94 -14.09 -1.02
CA ASN A 549 -22.18 -15.14 -1.68
C ASN A 549 -23.04 -16.37 -1.87
N SER A 550 -22.87 -17.05 -3.00
CA SER A 550 -23.51 -18.34 -3.18
C SER A 550 -22.97 -19.33 -2.14
N ALA A 551 -23.80 -20.32 -1.80
CA ALA A 551 -23.43 -21.34 -0.85
C ALA A 551 -23.15 -22.65 -1.56
N GLY A 552 -22.12 -23.37 -1.10
CA GLY A 552 -21.81 -24.68 -1.60
C GLY A 552 -22.34 -25.78 -0.69
N LEU A 553 -21.74 -26.96 -0.84
CA LEU A 553 -22.12 -28.14 -0.07
C LEU A 553 -20.85 -28.88 0.35
N ASP A 554 -20.87 -29.43 1.56
CA ASP A 554 -19.68 -30.07 2.13
C ASP A 554 -19.74 -31.56 1.82
N LEU A 555 -18.96 -32.01 0.83
CA LEU A 555 -19.00 -33.42 0.46
C LEU A 555 -18.15 -34.29 1.38
N SER A 556 -17.66 -33.74 2.48
CA SER A 556 -17.08 -34.55 3.55
C SER A 556 -18.05 -34.75 4.71
N ASN A 557 -19.24 -34.16 4.65
CA ASN A 557 -20.22 -34.24 5.73
C ASN A 557 -21.18 -35.37 5.44
N GLU A 558 -21.26 -36.37 6.34
CA GLU A 558 -22.09 -37.55 6.06
C GLU A 558 -23.56 -37.20 6.00
N GLU A 559 -24.02 -36.22 6.79
CA GLU A 559 -25.40 -35.78 6.67
C GLU A 559 -25.66 -35.20 5.29
N THR A 560 -24.74 -34.36 4.81
CA THR A 560 -24.87 -33.81 3.47
C THR A 560 -24.86 -34.91 2.42
N LEU A 561 -23.95 -35.88 2.55
CA LEU A 561 -23.89 -36.93 1.53
C LEU A 561 -25.16 -37.77 1.53
N ALA A 562 -25.74 -37.99 2.72
CA ALA A 562 -26.95 -38.78 2.80
C ALA A 562 -28.13 -38.05 2.17
N SER A 563 -28.28 -36.77 2.48
CA SER A 563 -29.36 -35.98 1.90
CA SER A 563 -29.38 -36.01 1.89
C SER A 563 -29.17 -35.82 0.39
N LEU A 564 -27.93 -35.56 -0.03
CA LEU A 564 -27.64 -35.38 -1.44
C LEU A 564 -27.91 -36.66 -2.22
N THR A 565 -27.54 -37.82 -1.66
CA THR A 565 -27.82 -39.09 -2.34
C THR A 565 -29.31 -39.20 -2.67
N GLU A 566 -30.17 -38.86 -1.71
CA GLU A 566 -31.61 -38.97 -1.93
C GLU A 566 -32.08 -37.98 -3.00
N ALA A 567 -31.61 -36.72 -2.92
CA ALA A 567 -32.02 -35.72 -3.89
C ALA A 567 -31.52 -36.07 -5.29
N LEU A 568 -30.30 -36.63 -5.39
CA LEU A 568 -29.76 -36.99 -6.69
C LEU A 568 -30.55 -38.14 -7.30
N ARG A 569 -30.83 -39.17 -6.52
CA ARG A 569 -31.66 -40.26 -7.01
C ARG A 569 -33.01 -39.77 -7.47
N GLU A 570 -33.61 -38.84 -6.71
CA GLU A 570 -34.91 -38.29 -7.09
C GLU A 570 -34.83 -37.47 -8.38
N SER A 571 -33.73 -36.74 -8.57
CA SER A 571 -33.56 -35.99 -9.82
C SER A 571 -33.51 -36.93 -11.02
N ALA A 572 -32.94 -38.12 -10.87
CA ALA A 572 -32.79 -39.05 -11.97
C ALA A 572 -34.10 -39.70 -12.37
N ALA A 573 -35.09 -39.68 -11.50
CA ALA A 573 -36.41 -40.22 -11.82
C ALA A 573 -37.31 -39.22 -12.54
N MET A 574 -36.92 -37.95 -12.57
CA MET A 574 -37.75 -36.93 -13.18
C MET A 574 -37.69 -37.02 -14.71
N LYS A 575 -38.78 -36.62 -15.36
CA LYS A 575 -38.85 -36.66 -16.83
C LYS A 575 -38.53 -35.27 -17.35
N TRP A 576 -37.23 -34.99 -17.42
CA TRP A 576 -36.74 -33.70 -17.88
C TRP A 576 -37.04 -33.47 -19.36
N THR A 577 -37.52 -32.28 -19.70
CA THR A 577 -37.74 -31.91 -21.08
C THR A 577 -37.23 -30.51 -21.36
N ALA A 578 -36.99 -30.23 -22.64
CA ALA A 578 -36.66 -28.91 -23.14
C ALA A 578 -37.45 -28.70 -24.43
N LEU A 579 -38.17 -27.58 -24.52
CA LEU A 579 -39.08 -27.31 -25.61
C LEU A 579 -38.82 -25.91 -26.16
N PRO A 580 -39.17 -25.65 -27.42
CA PRO A 580 -39.16 -24.26 -27.88
C PRO A 580 -40.22 -23.47 -27.13
N GLN A 581 -39.80 -22.60 -26.22
CA GLN A 581 -40.72 -21.86 -25.36
C GLN A 581 -40.83 -20.45 -25.91
N LEU A 582 -41.76 -20.27 -26.85
CA LEU A 582 -41.98 -18.95 -27.43
C LEU A 582 -42.85 -18.10 -26.51
N ALA A 583 -42.97 -16.81 -26.85
CA ALA A 583 -43.78 -15.91 -26.05
C ALA A 583 -45.22 -16.35 -26.00
N THR A 584 -45.69 -17.03 -27.04
CA THR A 584 -47.07 -17.49 -27.15
C THR A 584 -47.29 -18.87 -26.53
N GLY A 585 -46.23 -19.51 -26.04
CA GLY A 585 -46.33 -20.84 -25.48
C GLY A 585 -45.38 -21.81 -26.16
N PRO A 586 -45.34 -23.04 -25.67
CA PRO A 586 -44.47 -24.05 -26.29
C PRO A 586 -44.84 -24.32 -27.73
N ALA A 587 -43.83 -24.55 -28.56
CA ALA A 587 -44.03 -24.85 -29.96
C ALA A 587 -43.69 -26.31 -30.25
N ALA A 588 -44.28 -26.85 -31.32
CA ALA A 588 -43.96 -28.21 -31.71
C ALA A 588 -42.65 -28.24 -32.51
N GLY A 589 -42.05 -29.42 -32.56
CA GLY A 589 -40.85 -29.58 -33.35
C GLY A 589 -40.35 -31.01 -33.29
N GLU A 590 -39.15 -31.22 -33.82
CA GLU A 590 -38.54 -32.54 -33.83
C GLU A 590 -38.01 -32.88 -32.44
N THR A 591 -38.37 -34.07 -31.94
CA THR A 591 -38.06 -34.48 -30.58
C THR A 591 -37.11 -35.67 -30.60
N ARG A 592 -36.13 -35.64 -29.70
CA ARG A 592 -35.18 -36.72 -29.56
C ARG A 592 -34.78 -36.83 -28.09
N THR A 593 -34.17 -37.96 -27.74
CA THR A 593 -33.74 -38.14 -26.37
C THR A 593 -32.39 -37.48 -26.13
N VAL A 594 -32.13 -37.21 -24.86
CA VAL A 594 -30.84 -36.71 -24.38
C VAL A 594 -30.22 -37.81 -23.55
N LEU A 595 -29.03 -38.26 -23.94
CA LEU A 595 -28.37 -39.40 -23.31
C LEU A 595 -27.21 -38.93 -22.45
N ASN A 596 -26.99 -39.66 -21.35
CA ASN A 596 -25.82 -39.45 -20.48
C ASN A 596 -24.53 -39.72 -21.25
N PRO A 597 -23.61 -38.74 -21.35
CA PRO A 597 -22.36 -38.99 -22.08
C PRO A 597 -21.51 -40.09 -21.47
N GLY A 598 -21.70 -40.39 -20.19
CA GLY A 598 -20.95 -41.44 -19.53
C GLY A 598 -21.55 -42.80 -19.66
N ASP A 599 -22.76 -42.89 -20.19
CA ASP A 599 -23.46 -44.16 -20.34
C ASP A 599 -24.70 -43.90 -21.19
N HIS A 600 -24.62 -44.22 -22.48
CA HIS A 600 -25.70 -43.86 -23.38
C HIS A 600 -26.98 -44.64 -23.12
N ARG A 601 -26.92 -45.68 -22.27
CA ARG A 601 -28.13 -46.39 -21.86
C ARG A 601 -28.99 -45.56 -20.92
N ASP A 602 -28.42 -44.55 -20.27
CA ASP A 602 -29.10 -43.71 -19.28
C ASP A 602 -29.73 -42.53 -20.03
N VAL A 603 -31.04 -42.62 -20.26
CA VAL A 603 -31.78 -41.54 -20.92
C VAL A 603 -32.09 -40.49 -19.87
N VAL A 604 -31.62 -39.26 -20.09
CA VAL A 604 -31.79 -38.19 -19.11
C VAL A 604 -33.09 -37.43 -19.35
N GLY A 605 -33.46 -37.21 -20.60
CA GLY A 605 -34.70 -36.54 -20.90
C GLY A 605 -34.94 -36.44 -22.38
N SER A 606 -35.78 -35.49 -22.77
CA SER A 606 -36.15 -35.31 -24.17
C SER A 606 -36.11 -33.84 -24.52
N VAL A 607 -35.68 -33.53 -25.73
CA VAL A 607 -35.62 -32.16 -26.21
C VAL A 607 -36.40 -32.06 -27.52
N THR A 608 -37.23 -31.04 -27.62
CA THR A 608 -37.91 -30.68 -28.86
C THR A 608 -37.19 -29.47 -29.42
N GLU A 609 -36.65 -29.59 -30.64
CA GLU A 609 -35.80 -28.56 -31.19
C GLU A 609 -36.60 -27.60 -32.06
N THR A 610 -36.07 -26.39 -32.21
CA THR A 610 -36.79 -25.27 -32.80
C THR A 610 -36.59 -25.23 -34.31
N SER A 611 -37.68 -25.06 -35.05
CA SER A 611 -37.58 -24.86 -36.48
C SER A 611 -37.02 -23.47 -36.77
N GLU A 612 -36.38 -23.33 -37.93
CA GLU A 612 -35.86 -22.02 -38.31
C GLU A 612 -36.98 -21.00 -38.42
N GLU A 613 -38.17 -21.43 -38.83
CA GLU A 613 -39.30 -20.52 -38.92
C GLU A 613 -39.72 -20.03 -37.53
N ASP A 614 -39.75 -20.92 -36.53
CA ASP A 614 -40.13 -20.49 -35.19
C ASP A 614 -39.04 -19.63 -34.56
N ALA A 615 -37.77 -19.88 -34.88
CA ALA A 615 -36.71 -19.02 -34.38
C ALA A 615 -36.88 -17.60 -34.91
N ARG A 616 -37.20 -17.45 -36.20
CA ARG A 616 -37.46 -16.12 -36.72
C ARG A 616 -38.72 -15.53 -36.10
N ARG A 617 -39.75 -16.35 -35.89
CA ARG A 617 -40.95 -15.89 -35.23
C ARG A 617 -40.65 -15.40 -33.81
N ALA A 618 -39.79 -16.13 -33.09
CA ALA A 618 -39.46 -15.74 -31.72
C ALA A 618 -38.79 -14.38 -31.67
N VAL A 619 -37.95 -14.06 -32.66
CA VAL A 619 -37.30 -12.74 -32.67
C VAL A 619 -38.34 -11.65 -32.90
N ARG A 620 -39.32 -11.89 -33.77
CA ARG A 620 -40.36 -10.90 -34.00
C ARG A 620 -41.20 -10.70 -32.75
N LEU A 621 -41.50 -11.78 -32.03
CA LEU A 621 -42.23 -11.65 -30.76
C LEU A 621 -41.40 -10.89 -29.73
N ALA A 622 -40.09 -11.15 -29.70
CA ALA A 622 -39.20 -10.42 -28.80
C ALA A 622 -39.21 -8.92 -29.11
N ALA A 623 -39.16 -8.57 -30.40
CA ALA A 623 -39.18 -7.16 -30.77
C ALA A 623 -40.50 -6.49 -30.38
N ASP A 624 -41.61 -7.20 -30.55
CA ASP A 624 -42.90 -6.63 -30.19
C ASP A 624 -43.02 -6.43 -28.69
N ALA A 625 -42.37 -7.28 -27.91
CA ALA A 625 -42.43 -7.22 -26.45
C ALA A 625 -41.33 -6.37 -25.84
N ALA A 626 -40.40 -5.85 -26.64
CA ALA A 626 -39.28 -5.11 -26.08
C ALA A 626 -39.69 -3.87 -25.28
N PRO A 627 -40.63 -3.03 -25.74
CA PRO A 627 -41.01 -1.87 -24.91
C PRO A 627 -41.54 -2.23 -23.53
N ASP A 628 -42.32 -3.32 -23.42
CA ASP A 628 -42.91 -3.68 -22.14
C ASP A 628 -41.86 -4.16 -21.15
N TRP A 629 -40.78 -4.77 -21.64
CA TRP A 629 -39.73 -5.20 -20.73
C TRP A 629 -38.80 -4.04 -20.39
N ALA A 630 -38.49 -3.19 -21.36
CA ALA A 630 -37.67 -2.03 -21.07
C ALA A 630 -38.32 -1.14 -20.02
N ALA A 631 -39.66 -1.10 -19.99
CA ALA A 631 -40.37 -0.25 -19.05
C ALA A 631 -40.37 -0.78 -17.62
N VAL A 632 -39.98 -2.03 -17.40
CA VAL A 632 -39.84 -2.55 -16.04
C VAL A 632 -38.60 -1.88 -15.45
N PRO A 633 -38.71 -1.18 -14.33
CA PRO A 633 -37.58 -0.39 -13.84
C PRO A 633 -36.40 -1.29 -13.53
N PRO A 634 -35.17 -0.78 -13.71
CA PRO A 634 -33.99 -1.61 -13.45
C PRO A 634 -33.99 -2.29 -12.09
N SER A 635 -34.46 -1.61 -11.04
CA SER A 635 -34.43 -2.21 -9.70
C SER A 635 -35.33 -3.44 -9.65
N GLU A 636 -36.45 -3.41 -10.37
CA GLU A 636 -37.35 -4.57 -10.39
C GLU A 636 -36.80 -5.67 -11.29
N ARG A 637 -36.15 -5.32 -12.41
CA ARG A 637 -35.46 -6.34 -13.19
C ARG A 637 -34.40 -7.04 -12.36
N ALA A 638 -33.64 -6.26 -11.58
CA ALA A 638 -32.64 -6.85 -10.71
C ALA A 638 -33.27 -7.72 -9.63
N ALA A 639 -34.47 -7.34 -9.16
CA ALA A 639 -35.15 -8.15 -8.15
C ALA A 639 -35.52 -9.52 -8.71
N CYS A 640 -35.88 -9.59 -10.00
CA CYS A 640 -36.12 -10.88 -10.65
C CYS A 640 -34.85 -11.74 -10.62
N LEU A 641 -33.71 -11.13 -10.94
CA LEU A 641 -32.46 -11.88 -10.90
C LEU A 641 -32.17 -12.41 -9.50
N ASP A 642 -32.36 -11.57 -8.47
CA ASP A 642 -32.12 -12.00 -7.10
C ASP A 642 -33.06 -13.12 -6.69
N ARG A 643 -34.32 -13.04 -7.12
CA ARG A 643 -35.25 -14.13 -6.83
C ARG A 643 -34.85 -15.41 -7.55
N ALA A 644 -34.41 -15.30 -8.81
CA ALA A 644 -33.92 -16.48 -9.51
C ALA A 644 -32.74 -17.10 -8.79
N ALA A 645 -31.86 -16.27 -8.23
CA ALA A 645 -30.70 -16.81 -7.51
C ALA A 645 -31.12 -17.59 -6.27
N GLU A 646 -32.09 -17.05 -5.52
CA GLU A 646 -32.63 -17.79 -4.38
C GLU A 646 -33.21 -19.13 -4.81
N LEU A 647 -33.95 -19.14 -5.92
CA LEU A 647 -34.55 -20.38 -6.39
C LEU A 647 -33.49 -21.39 -6.82
N MET A 648 -32.44 -20.94 -7.50
CA MET A 648 -31.38 -21.88 -7.86
C MET A 648 -30.65 -22.39 -6.64
N GLN A 649 -30.43 -21.53 -5.64
CA GLN A 649 -29.76 -21.99 -4.43
C GLN A 649 -30.58 -23.08 -3.74
N ALA A 650 -31.90 -22.87 -3.64
CA ALA A 650 -32.76 -23.86 -2.98
C ALA A 650 -32.83 -25.15 -3.78
N ARG A 651 -32.75 -25.07 -5.10
CA ARG A 651 -32.88 -26.21 -5.98
C ARG A 651 -31.53 -26.87 -6.30
N MET A 652 -30.45 -26.39 -5.70
CA MET A 652 -29.12 -26.85 -6.06
C MET A 652 -28.98 -28.37 -6.10
N PRO A 653 -29.45 -29.14 -5.11
CA PRO A 653 -29.24 -30.59 -5.20
C PRO A 653 -29.88 -31.23 -6.42
N THR A 654 -31.09 -30.81 -6.79
CA THR A 654 -31.71 -31.33 -8.01
C THR A 654 -30.95 -30.87 -9.24
N LEU A 655 -30.54 -29.59 -9.29
CA LEU A 655 -29.74 -29.12 -10.42
C LEU A 655 -28.43 -29.90 -10.55
N LEU A 656 -27.78 -30.23 -9.41
CA LEU A 656 -26.57 -31.06 -9.45
C LEU A 656 -26.82 -32.35 -10.19
N GLY A 657 -27.91 -33.04 -9.85
CA GLY A 657 -28.17 -34.33 -10.46
C GLY A 657 -28.36 -34.23 -11.96
N LEU A 658 -29.03 -33.17 -12.42
CA LEU A 658 -29.22 -33.01 -13.85
C LEU A 658 -27.91 -32.71 -14.56
N ILE A 659 -27.10 -31.81 -13.99
CA ILE A 659 -25.82 -31.46 -14.60
C ILE A 659 -24.88 -32.67 -14.63
N ILE A 660 -24.87 -33.45 -13.54
CA ILE A 660 -24.01 -34.64 -13.49
C ILE A 660 -24.34 -35.58 -14.64
N ARG A 661 -25.64 -35.83 -14.88
CA ARG A 661 -26.01 -36.82 -15.87
C ARG A 661 -26.07 -36.27 -17.29
N GLU A 662 -26.42 -34.99 -17.47
CA GLU A 662 -26.52 -34.46 -18.83
C GLU A 662 -25.16 -34.07 -19.39
N ALA A 663 -24.29 -33.50 -18.55
CA ALA A 663 -23.06 -32.90 -19.05
C ALA A 663 -21.80 -33.63 -18.64
N GLY A 664 -21.90 -34.76 -17.95
CA GLY A 664 -20.71 -35.51 -17.58
C GLY A 664 -19.88 -34.89 -16.49
N LYS A 665 -20.50 -34.10 -15.62
CA LYS A 665 -19.78 -33.41 -14.56
C LYS A 665 -19.77 -34.24 -13.28
N SER A 666 -18.68 -34.11 -12.53
CA SER A 666 -18.63 -34.62 -11.17
C SER A 666 -19.47 -33.75 -10.24
N ALA A 667 -19.75 -34.28 -9.05
CA ALA A 667 -20.55 -33.53 -8.09
C ALA A 667 -19.87 -32.22 -7.70
N LEU A 668 -18.57 -32.24 -7.42
CA LEU A 668 -17.83 -31.03 -7.08
C LEU A 668 -17.93 -30.00 -8.19
N ASN A 669 -17.80 -30.44 -9.45
CA ASN A 669 -17.86 -29.50 -10.55
C ASN A 669 -19.28 -28.98 -10.78
N ALA A 670 -20.29 -29.82 -10.55
CA ALA A 670 -21.67 -29.35 -10.67
C ALA A 670 -21.99 -28.33 -9.57
N ILE A 671 -21.50 -28.54 -8.35
CA ILE A 671 -21.68 -27.54 -7.29
C ILE A 671 -21.10 -26.20 -7.75
N ALA A 672 -19.87 -26.22 -8.25
CA ALA A 672 -19.23 -24.99 -8.71
C ALA A 672 -20.04 -24.33 -9.82
N GLU A 673 -20.63 -25.15 -10.69
CA GLU A 673 -21.41 -24.63 -11.82
C GLU A 673 -22.66 -23.90 -11.33
N VAL A 674 -23.40 -24.49 -10.39
CA VAL A 674 -24.61 -23.85 -9.88
C VAL A 674 -24.25 -22.62 -9.06
N ARG A 675 -23.17 -22.69 -8.25
CA ARG A 675 -22.71 -21.51 -7.53
C ARG A 675 -22.42 -20.36 -8.50
N GLU A 676 -21.74 -20.65 -9.61
CA GLU A 676 -21.41 -19.59 -10.56
C GLU A 676 -22.67 -18.97 -11.14
N ALA A 677 -23.69 -19.78 -11.43
CA ALA A 677 -24.94 -19.24 -11.96
C ALA A 677 -25.60 -18.30 -10.94
N ILE A 678 -25.65 -18.73 -9.68
CA ILE A 678 -26.19 -17.88 -8.60
C ILE A 678 -25.41 -16.59 -8.51
N ASP A 679 -24.07 -16.68 -8.61
CA ASP A 679 -23.23 -15.49 -8.47
C ASP A 679 -23.42 -14.54 -9.64
N PHE A 680 -23.55 -15.05 -10.88
CA PHE A 680 -23.88 -14.18 -12.00
C PHE A 680 -25.17 -13.40 -11.74
N LEU A 681 -26.23 -14.11 -11.34
CA LEU A 681 -27.50 -13.45 -11.13
C LEU A 681 -27.38 -12.34 -10.10
N ARG A 682 -26.71 -12.63 -8.97
CA ARG A 682 -26.60 -11.63 -7.92
C ARG A 682 -25.64 -10.50 -8.28
N TYR A 683 -24.57 -10.81 -9.02
CA TYR A 683 -23.61 -9.78 -9.39
C TYR A 683 -24.23 -8.82 -10.42
N TYR A 684 -24.88 -9.35 -11.46
CA TYR A 684 -25.48 -8.43 -12.44
C TYR A 684 -26.63 -7.64 -11.83
N ALA A 685 -27.35 -8.23 -10.87
CA ALA A 685 -28.38 -7.49 -10.15
C ALA A 685 -27.77 -6.31 -9.39
N GLU A 686 -26.66 -6.54 -8.68
CA GLU A 686 -26.05 -5.47 -7.92
C GLU A 686 -25.43 -4.41 -8.83
N GLN A 687 -24.76 -4.85 -9.90
CA GLN A 687 -24.19 -3.88 -10.84
C GLN A 687 -25.30 -3.03 -11.45
N THR A 688 -26.46 -3.62 -11.71
CA THR A 688 -27.60 -2.85 -12.20
C THR A 688 -28.02 -1.78 -11.20
N ARG A 689 -28.17 -2.18 -9.93
CA ARG A 689 -28.57 -1.21 -8.91
C ARG A 689 -27.54 -0.11 -8.75
N ARG A 690 -26.28 -0.38 -9.07
CA ARG A 690 -25.26 0.65 -8.98
C ARG A 690 -25.25 1.59 -10.19
N THR A 691 -25.81 1.20 -11.33
CA THR A 691 -25.54 1.96 -12.55
C THR A 691 -26.74 2.40 -13.39
N LEU A 692 -27.71 1.54 -13.65
CA LEU A 692 -28.63 1.77 -14.77
C LEU A 692 -29.72 2.79 -14.43
N GLY A 693 -29.88 3.77 -15.33
CA GLY A 693 -30.91 4.78 -15.21
C GLY A 693 -31.66 4.98 -16.51
N PRO A 694 -32.54 5.98 -16.55
CA PRO A 694 -33.44 6.15 -17.70
C PRO A 694 -32.74 6.33 -19.02
N GLY A 695 -31.56 6.95 -19.03
CA GLY A 695 -30.80 7.22 -20.23
C GLY A 695 -29.97 6.09 -20.78
N HIS A 696 -29.94 4.94 -20.09
CA HIS A 696 -29.19 3.78 -20.55
C HIS A 696 -30.19 2.82 -21.19
N GLY A 697 -30.57 3.15 -22.43
CA GLY A 697 -31.62 2.41 -23.12
C GLY A 697 -31.15 1.06 -23.62
N PRO A 698 -32.05 0.09 -23.62
CA PRO A 698 -31.68 -1.25 -24.10
C PRO A 698 -31.37 -1.26 -25.59
N LEU A 699 -30.55 -2.24 -26.00
CA LEU A 699 -30.34 -2.45 -27.42
C LEU A 699 -31.60 -2.92 -28.12
N GLY A 700 -32.33 -3.85 -27.50
CA GLY A 700 -33.42 -4.53 -28.17
C GLY A 700 -33.23 -6.03 -28.01
N PRO A 701 -33.89 -6.82 -28.85
CA PRO A 701 -33.76 -8.28 -28.71
C PRO A 701 -32.32 -8.73 -28.81
N ILE A 702 -31.87 -9.50 -27.82
CA ILE A 702 -30.50 -10.01 -27.78
C ILE A 702 -30.55 -11.53 -27.90
N VAL A 703 -29.72 -12.05 -28.79
CA VAL A 703 -29.58 -13.49 -29.00
C VAL A 703 -28.42 -13.98 -28.14
N CYS A 704 -28.68 -14.95 -27.27
CA CYS A 704 -27.68 -15.49 -26.36
C CYS A 704 -27.41 -16.93 -26.78
N ILE A 705 -26.20 -17.18 -27.26
CA ILE A 705 -25.78 -18.49 -27.73
C ILE A 705 -24.69 -18.98 -26.81
N SER A 706 -24.85 -20.18 -26.26
CA SER A 706 -24.03 -20.63 -25.16
C SER A 706 -23.42 -22.00 -25.44
N PRO A 707 -22.31 -22.32 -24.75
CA PRO A 707 -21.61 -23.58 -25.00
C PRO A 707 -22.16 -24.70 -24.12
N TRP A 708 -21.78 -25.94 -24.46
CA TRP A 708 -22.26 -27.08 -23.68
C TRP A 708 -21.53 -27.24 -22.36
N ASN A 709 -20.29 -26.76 -22.24
CA ASN A 709 -19.41 -27.25 -21.18
C ASN A 709 -19.66 -26.58 -19.83
N PHE A 710 -20.24 -25.38 -19.81
CA PHE A 710 -20.75 -24.75 -18.61
C PHE A 710 -22.23 -24.50 -18.87
N PRO A 711 -23.04 -25.56 -18.87
CA PRO A 711 -24.38 -25.49 -19.48
C PRO A 711 -25.40 -24.75 -18.66
N LEU A 712 -25.13 -24.47 -17.39
CA LEU A 712 -26.00 -23.62 -16.60
C LEU A 712 -25.38 -22.26 -16.34
N ALA A 713 -24.09 -22.21 -16.02
CA ALA A 713 -23.49 -20.96 -15.54
C ALA A 713 -23.36 -19.93 -16.65
N ILE A 714 -22.71 -20.30 -17.77
CA ILE A 714 -22.54 -19.31 -18.84
C ILE A 714 -23.89 -19.01 -19.50
N PHE A 715 -24.71 -20.04 -19.69
CA PHE A 715 -26.09 -19.87 -20.12
C PHE A 715 -26.80 -18.79 -19.31
N THR A 716 -26.81 -18.97 -17.98
CA THR A 716 -27.51 -18.02 -17.10
C THR A 716 -26.86 -16.65 -17.13
N GLY A 717 -25.52 -16.60 -17.13
CA GLY A 717 -24.85 -15.32 -17.06
C GLY A 717 -25.19 -14.41 -18.23
N GLN A 718 -25.13 -14.96 -19.44
CA GLN A 718 -25.42 -14.12 -20.61
C GLN A 718 -26.85 -13.63 -20.57
N ILE A 719 -27.79 -14.54 -20.31
CA ILE A 719 -29.20 -14.16 -20.34
C ILE A 719 -29.53 -13.18 -19.22
N ALA A 720 -28.97 -13.41 -18.02
CA ALA A 720 -29.26 -12.54 -16.91
C ALA A 720 -28.78 -11.13 -17.18
N ALA A 721 -27.59 -11.00 -17.75
CA ALA A 721 -27.05 -9.67 -18.06
C ALA A 721 -27.93 -8.96 -19.09
N ALA A 722 -28.27 -9.65 -20.17
CA ALA A 722 -29.08 -9.03 -21.21
C ALA A 722 -30.45 -8.61 -20.67
N LEU A 723 -31.10 -9.49 -19.89
CA LEU A 723 -32.40 -9.19 -19.33
C LEU A 723 -32.34 -7.99 -18.39
N VAL A 724 -31.34 -7.96 -17.49
CA VAL A 724 -31.38 -6.93 -16.47
C VAL A 724 -31.04 -5.57 -17.08
N ALA A 725 -30.30 -5.55 -18.19
CA ALA A 725 -30.08 -4.32 -18.95
C ALA A 725 -31.31 -3.89 -19.73
N GLY A 726 -32.42 -4.62 -19.64
CA GLY A 726 -33.66 -4.22 -20.26
C GLY A 726 -33.94 -4.79 -21.63
N ASN A 727 -33.22 -5.81 -22.06
CA ASN A 727 -33.39 -6.42 -23.37
C ASN A 727 -34.17 -7.73 -23.27
N PRO A 728 -35.12 -7.98 -24.17
CA PRO A 728 -35.67 -9.33 -24.27
C PRO A 728 -34.65 -10.25 -24.92
N VAL A 729 -34.71 -11.53 -24.53
CA VAL A 729 -33.65 -12.49 -24.84
C VAL A 729 -34.23 -13.68 -25.62
N LEU A 730 -33.48 -14.10 -26.64
CA LEU A 730 -33.67 -15.37 -27.30
C LEU A 730 -32.51 -16.25 -26.84
N ALA A 731 -32.82 -17.29 -26.08
CA ALA A 731 -31.80 -18.14 -25.48
C ALA A 731 -31.66 -19.42 -26.30
N LYS A 732 -30.49 -19.61 -26.90
CA LYS A 732 -30.20 -20.75 -27.75
C LYS A 732 -29.11 -21.58 -27.08
N PRO A 733 -29.47 -22.57 -26.28
CA PRO A 733 -28.45 -23.39 -25.61
C PRO A 733 -27.81 -24.39 -26.57
N ALA A 734 -26.61 -24.83 -26.18
CA ALA A 734 -25.92 -25.85 -26.94
C ALA A 734 -26.80 -27.08 -27.16
N GLU A 735 -26.70 -27.68 -28.34
CA GLU A 735 -27.52 -28.84 -28.66
C GLU A 735 -27.24 -30.01 -27.71
N GLU A 736 -26.03 -30.08 -27.13
CA GLU A 736 -25.68 -31.19 -26.24
C GLU A 736 -26.39 -31.11 -24.90
N THR A 737 -26.71 -29.90 -24.40
CA THR A 737 -27.15 -29.72 -23.01
C THR A 737 -28.39 -28.84 -22.90
N PRO A 738 -29.49 -29.22 -23.56
CA PRO A 738 -30.70 -28.39 -23.49
C PRO A 738 -31.49 -28.52 -22.19
N LEU A 739 -31.38 -29.63 -21.46
CA LEU A 739 -32.30 -29.85 -20.34
C LEU A 739 -32.02 -28.90 -19.19
N ILE A 740 -30.75 -28.75 -18.80
CA ILE A 740 -30.45 -27.83 -17.71
C ILE A 740 -30.74 -26.39 -18.14
N ALA A 741 -30.61 -26.08 -19.43
CA ALA A 741 -30.96 -24.75 -19.91
C ALA A 741 -32.45 -24.49 -19.77
N ALA A 742 -33.27 -25.48 -20.13
CA ALA A 742 -34.72 -25.34 -19.98
C ALA A 742 -35.09 -25.15 -18.52
N GLU A 743 -34.39 -25.84 -17.61
CA GLU A 743 -34.69 -25.67 -16.19
C GLU A 743 -34.29 -24.28 -15.70
N GLY A 744 -33.16 -23.77 -16.18
CA GLY A 744 -32.77 -22.40 -15.84
C GLY A 744 -33.78 -21.37 -16.34
N VAL A 745 -34.31 -21.55 -17.55
CA VAL A 745 -35.34 -20.65 -18.05
C VAL A 745 -36.62 -20.79 -17.22
N ARG A 746 -36.97 -22.02 -16.81
CA ARG A 746 -38.14 -22.19 -15.97
C ARG A 746 -37.98 -21.43 -14.65
N ILE A 747 -36.76 -21.47 -14.08
CA ILE A 747 -36.50 -20.76 -12.83
C ILE A 747 -36.57 -19.25 -13.03
N LEU A 748 -35.97 -18.73 -14.11
CA LEU A 748 -36.05 -17.30 -14.38
C LEU A 748 -37.49 -16.85 -14.59
N ARG A 749 -38.29 -17.66 -15.29
CA ARG A 749 -39.69 -17.29 -15.46
C ARG A 749 -40.43 -17.34 -14.14
N GLU A 750 -40.13 -18.33 -13.29
CA GLU A 750 -40.77 -18.38 -11.98
C GLU A 750 -40.43 -17.14 -11.15
N ALA A 751 -39.20 -16.65 -11.30
CA ALA A 751 -38.70 -15.47 -10.60
C ALA A 751 -39.33 -14.17 -11.08
N GLY A 752 -40.09 -14.21 -12.17
CA GLY A 752 -40.82 -13.03 -12.62
C GLY A 752 -40.46 -12.55 -14.02
N ILE A 753 -39.49 -13.17 -14.68
CA ILE A 753 -39.18 -12.77 -16.06
C ILE A 753 -40.35 -13.17 -16.95
N PRO A 754 -40.98 -12.24 -17.66
CA PRO A 754 -42.12 -12.61 -18.51
C PRO A 754 -41.71 -13.53 -19.65
N ALA A 755 -42.66 -14.35 -20.09
CA ALA A 755 -42.37 -15.28 -21.19
C ALA A 755 -41.98 -14.54 -22.46
N SER A 756 -42.53 -13.35 -22.68
CA SER A 756 -42.16 -12.58 -23.87
C SER A 756 -40.75 -12.02 -23.77
N ALA A 757 -40.22 -11.85 -22.56
CA ALA A 757 -38.87 -11.34 -22.38
C ALA A 757 -37.79 -12.43 -22.42
N LEU A 758 -38.17 -13.70 -22.27
CA LEU A 758 -37.19 -14.78 -22.25
C LEU A 758 -37.78 -16.00 -22.95
N GLN A 759 -37.32 -16.25 -24.17
CA GLN A 759 -37.77 -17.36 -24.98
C GLN A 759 -36.64 -18.36 -25.15
N LEU A 760 -36.94 -19.64 -24.96
CA LEU A 760 -35.96 -20.72 -25.04
C LEU A 760 -36.09 -21.39 -26.40
N LEU A 761 -35.00 -21.45 -27.17
CA LEU A 761 -35.02 -22.04 -28.51
C LEU A 761 -33.98 -23.15 -28.59
N PRO A 762 -34.31 -24.37 -28.19
CA PRO A 762 -33.35 -25.48 -28.31
C PRO A 762 -33.06 -25.81 -29.76
N GLY A 763 -31.87 -26.35 -30.00
CA GLY A 763 -31.50 -26.81 -31.32
C GLY A 763 -30.01 -26.66 -31.55
N ASP A 764 -29.60 -26.89 -32.81
CA ASP A 764 -28.19 -26.89 -33.14
C ASP A 764 -27.76 -25.52 -33.69
N GLY A 765 -26.60 -25.47 -34.35
CA GLY A 765 -26.09 -24.20 -34.84
C GLY A 765 -26.97 -23.54 -35.88
N ARG A 766 -27.81 -24.32 -36.57
CA ARG A 766 -28.76 -23.74 -37.51
C ARG A 766 -29.71 -22.78 -36.81
N VAL A 767 -30.14 -23.13 -35.59
CA VAL A 767 -31.04 -22.26 -34.84
C VAL A 767 -30.32 -21.00 -34.40
N GLY A 768 -29.08 -21.16 -33.91
CA GLY A 768 -28.28 -19.98 -33.58
C GLY A 768 -28.09 -19.04 -34.76
N ALA A 769 -27.79 -19.61 -35.94
CA ALA A 769 -27.54 -18.78 -37.11
C ALA A 769 -28.81 -18.06 -37.56
N ALA A 770 -29.95 -18.76 -37.51
CA ALA A 770 -31.21 -18.14 -37.89
C ALA A 770 -31.52 -16.96 -36.97
N LEU A 771 -31.18 -17.09 -35.68
CA LEU A 771 -31.44 -16.01 -34.74
C LEU A 771 -30.50 -14.83 -35.01
N VAL A 772 -29.21 -15.12 -35.23
CA VAL A 772 -28.24 -14.07 -35.50
C VAL A 772 -28.66 -13.26 -36.74
N ALA A 773 -29.19 -13.93 -37.75
CA ALA A 773 -29.49 -13.29 -39.02
C ALA A 773 -30.79 -12.50 -39.01
N ALA A 774 -31.63 -12.67 -37.99
CA ALA A 774 -32.96 -12.08 -37.99
C ALA A 774 -32.86 -10.55 -37.90
N ALA A 775 -33.69 -9.87 -38.70
CA ALA A 775 -33.52 -8.43 -38.86
C ALA A 775 -33.70 -7.69 -37.55
N GLU A 776 -34.53 -8.20 -36.64
CA GLU A 776 -34.80 -7.50 -35.40
C GLU A 776 -33.77 -7.79 -34.32
N THR A 777 -32.84 -8.71 -34.56
CA THR A 777 -31.79 -9.00 -33.58
C THR A 777 -30.88 -7.79 -33.42
N ALA A 778 -30.82 -7.25 -32.21
CA ALA A 778 -30.11 -6.01 -31.94
C ALA A 778 -28.76 -6.22 -31.28
N GLY A 779 -28.44 -7.44 -30.87
CA GLY A 779 -27.18 -7.72 -30.22
C GLY A 779 -27.01 -9.21 -30.07
N VAL A 780 -25.78 -9.68 -30.02
CA VAL A 780 -25.49 -11.11 -29.93
C VAL A 780 -24.46 -11.33 -28.83
N MET A 781 -24.76 -12.25 -27.92
CA MET A 781 -23.81 -12.67 -26.90
C MET A 781 -23.49 -14.12 -27.19
N PHE A 782 -22.23 -14.37 -27.56
CA PHE A 782 -21.76 -15.69 -27.95
C PHE A 782 -20.64 -16.13 -27.03
N THR A 783 -20.73 -17.36 -26.56
CA THR A 783 -19.61 -18.02 -25.91
C THR A 783 -19.49 -19.39 -26.55
N GLY A 784 -18.30 -19.72 -27.02
CA GLY A 784 -18.12 -20.95 -27.79
C GLY A 784 -16.77 -20.94 -28.49
N SER A 785 -16.67 -21.75 -29.53
CA SER A 785 -15.41 -21.88 -30.26
C SER A 785 -15.11 -20.66 -31.12
N THR A 786 -13.81 -20.38 -31.29
CA THR A 786 -13.39 -19.26 -32.11
C THR A 786 -13.91 -19.40 -33.55
N GLU A 787 -13.92 -20.63 -34.09
CA GLU A 787 -14.32 -20.83 -35.48
C GLU A 787 -15.80 -20.50 -35.68
N VAL A 788 -16.65 -20.82 -34.70
CA VAL A 788 -18.06 -20.47 -34.84
C VAL A 788 -18.24 -18.97 -34.66
N ALA A 789 -17.52 -18.38 -33.72
CA ALA A 789 -17.57 -16.93 -33.55
C ALA A 789 -17.24 -16.22 -34.87
N ARG A 790 -16.30 -16.77 -35.64
CA ARG A 790 -15.91 -16.14 -36.90
C ARG A 790 -17.05 -16.21 -37.92
N LEU A 791 -17.80 -17.32 -37.92
CA LEU A 791 -18.98 -17.41 -38.78
C LEU A 791 -20.05 -16.40 -38.38
N ILE A 792 -20.26 -16.22 -37.07
CA ILE A 792 -21.21 -15.21 -36.61
C ILE A 792 -20.74 -13.81 -36.97
N GLN A 793 -19.44 -13.54 -36.81
CA GLN A 793 -18.86 -12.26 -37.21
C GLN A 793 -19.16 -11.97 -38.67
N ALA A 794 -19.06 -12.99 -39.53
CA ALA A 794 -19.34 -12.79 -40.95
C ALA A 794 -20.82 -12.50 -41.19
N GLN A 795 -21.72 -13.21 -40.51
CA GLN A 795 -23.15 -12.93 -40.61
C GLN A 795 -23.47 -11.49 -40.23
N LEU A 796 -22.93 -11.02 -39.11
CA LEU A 796 -23.27 -9.70 -38.62
C LEU A 796 -22.68 -8.59 -39.47
N ALA A 797 -21.57 -8.85 -40.17
CA ALA A 797 -21.01 -7.79 -40.99
C ALA A 797 -21.94 -7.40 -42.13
N ASP A 798 -22.90 -8.28 -42.47
CA ASP A 798 -23.93 -7.93 -43.44
C ASP A 798 -24.94 -6.93 -42.91
N ARG A 799 -25.01 -6.75 -41.59
CA ARG A 799 -26.16 -6.08 -40.98
C ARG A 799 -25.75 -4.77 -40.34
N LEU A 800 -26.72 -3.86 -40.28
CA LEU A 800 -26.62 -2.64 -39.48
C LEU A 800 -27.92 -2.48 -38.70
N SER A 801 -27.83 -1.78 -37.59
CA SER A 801 -29.01 -1.40 -36.81
C SER A 801 -29.90 -0.46 -37.63
N PRO A 802 -31.12 -0.18 -37.19
CA PRO A 802 -31.92 0.84 -37.89
C PRO A 802 -31.27 2.21 -37.93
N ALA A 803 -30.38 2.52 -36.99
CA ALA A 803 -29.63 3.76 -36.99
C ALA A 803 -28.40 3.70 -37.90
N GLY A 804 -28.12 2.54 -38.50
CA GLY A 804 -26.99 2.41 -39.39
C GLY A 804 -25.66 2.12 -38.72
N ARG A 805 -25.64 1.37 -37.63
CA ARG A 805 -24.42 1.07 -36.88
C ARG A 805 -24.28 -0.42 -36.67
N PRO A 806 -23.06 -0.91 -36.41
CA PRO A 806 -22.87 -2.36 -36.28
C PRO A 806 -23.65 -2.94 -35.11
N ILE A 807 -24.10 -4.18 -35.29
CA ILE A 807 -24.78 -4.94 -34.24
C ILE A 807 -23.76 -5.42 -33.22
N PRO A 808 -23.87 -5.00 -31.95
CA PRO A 808 -22.86 -5.39 -30.96
C PRO A 808 -22.77 -6.90 -30.80
N LEU A 809 -21.52 -7.38 -30.72
CA LEU A 809 -21.22 -8.79 -30.53
C LEU A 809 -20.23 -8.93 -29.39
N ILE A 810 -20.60 -9.70 -28.38
CA ILE A 810 -19.67 -10.19 -27.38
C ILE A 810 -19.38 -11.64 -27.75
N ALA A 811 -18.11 -11.95 -28.01
CA ALA A 811 -17.74 -13.28 -28.48
C ALA A 811 -16.57 -13.75 -27.62
N GLU A 812 -16.87 -14.68 -26.71
CA GLU A 812 -15.90 -15.17 -25.74
C GLU A 812 -15.54 -16.59 -26.14
N THR A 813 -14.27 -16.80 -26.51
CA THR A 813 -13.92 -17.98 -27.28
C THR A 813 -12.80 -18.81 -26.64
N GLY A 814 -12.04 -19.56 -27.43
CA GLY A 814 -11.18 -20.59 -26.87
C GLY A 814 -9.85 -20.08 -26.32
N GLY A 815 -9.08 -21.02 -25.76
CA GLY A 815 -7.78 -20.71 -25.21
C GLY A 815 -6.75 -21.74 -25.60
N GLN A 816 -5.49 -21.35 -25.43
CA GLN A 816 -4.35 -22.27 -25.54
C GLN A 816 -3.46 -21.98 -24.33
N ASN A 817 -3.97 -22.37 -23.17
CA ASN A 817 -3.53 -21.80 -21.90
C ASN A 817 -2.27 -22.49 -21.39
N ALA A 818 -1.28 -21.68 -21.01
CA ALA A 818 0.00 -22.17 -20.52
C ALA A 818 0.15 -21.91 -19.03
N MET A 819 0.99 -22.73 -18.39
CA MET A 819 1.50 -22.49 -17.05
C MET A 819 3.02 -22.61 -17.09
N ILE A 820 3.71 -21.60 -16.55
CA ILE A 820 5.17 -21.61 -16.48
C ILE A 820 5.58 -21.91 -15.05
N VAL A 821 6.51 -22.86 -14.89
CA VAL A 821 6.98 -23.33 -13.58
C VAL A 821 8.49 -23.22 -13.57
N ASP A 822 9.05 -22.51 -12.59
CA ASP A 822 10.50 -22.41 -12.49
C ASP A 822 11.01 -23.28 -11.34
N SER A 823 12.32 -23.24 -11.12
CA SER A 823 12.93 -24.17 -10.16
C SER A 823 12.73 -23.76 -8.71
N SER A 824 12.07 -22.63 -8.43
CA SER A 824 11.74 -22.23 -7.06
C SER A 824 10.37 -22.72 -6.63
N ALA A 825 9.56 -23.24 -7.56
CA ALA A 825 8.23 -23.70 -7.20
C ALA A 825 8.30 -25.01 -6.42
N LEU A 826 7.25 -25.27 -5.65
CA LEU A 826 7.15 -26.50 -4.88
C LEU A 826 6.46 -27.56 -5.73
N ALA A 827 7.16 -28.67 -5.99
CA ALA A 827 6.66 -29.64 -6.96
C ALA A 827 5.29 -30.18 -6.59
N GLU A 828 5.07 -30.50 -5.31
CA GLU A 828 3.78 -31.01 -4.87
C GLU A 828 2.64 -30.03 -5.15
N GLN A 829 2.88 -28.73 -4.93
CA GLN A 829 1.88 -27.72 -5.24
C GLN A 829 1.62 -27.64 -6.74
N VAL A 830 2.69 -27.61 -7.52
CA VAL A 830 2.56 -27.58 -8.97
C VAL A 830 1.71 -28.75 -9.46
N VAL A 831 2.04 -29.96 -9.00
CA VAL A 831 1.38 -31.14 -9.57
C VAL A 831 -0.10 -31.12 -9.24
N GLY A 832 -0.46 -30.74 -8.01
CA GLY A 832 -1.86 -30.65 -7.67
C GLY A 832 -2.61 -29.65 -8.54
N ASP A 833 -2.00 -28.49 -8.75
CA ASP A 833 -2.66 -27.47 -9.57
C ASP A 833 -2.70 -27.85 -11.05
N VAL A 834 -1.72 -28.62 -11.52
CA VAL A 834 -1.70 -29.08 -12.90
C VAL A 834 -2.76 -30.16 -13.12
N ILE A 835 -2.85 -31.13 -12.20
CA ILE A 835 -3.85 -32.18 -12.33
C ILE A 835 -5.25 -31.58 -12.36
N THR A 836 -5.52 -30.62 -11.46
CA THR A 836 -6.81 -29.94 -11.46
C THR A 836 -7.00 -29.14 -12.75
N SER A 837 -6.01 -28.32 -13.11
CA SER A 837 -6.21 -27.40 -14.23
C SER A 837 -6.33 -28.13 -15.55
N ALA A 838 -5.59 -29.22 -15.74
CA ALA A 838 -5.60 -29.89 -17.03
C ALA A 838 -6.71 -30.93 -17.16
N PHE A 839 -7.08 -31.62 -16.08
CA PHE A 839 -7.92 -32.79 -16.22
C PHE A 839 -9.27 -32.70 -15.51
N ASP A 840 -9.48 -31.72 -14.63
CA ASP A 840 -10.82 -31.46 -14.11
C ASP A 840 -11.80 -31.33 -15.28
N SER A 841 -12.96 -31.94 -15.14
CA SER A 841 -13.98 -31.91 -16.20
C SER A 841 -13.46 -32.48 -17.53
N ALA A 842 -12.50 -33.41 -17.45
CA ALA A 842 -11.87 -34.01 -18.63
C ALA A 842 -11.30 -32.93 -19.56
N GLY A 843 -10.76 -31.88 -18.95
CA GLY A 843 -10.18 -30.79 -19.72
C GLY A 843 -11.17 -29.98 -20.51
N GLN A 844 -12.45 -30.12 -20.25
CA GLN A 844 -13.48 -29.42 -21.02
C GLN A 844 -13.89 -28.13 -20.32
N ARG A 845 -12.86 -27.37 -19.96
CA ARG A 845 -13.00 -26.00 -19.49
C ARG A 845 -12.26 -25.11 -20.47
N CYS A 846 -12.84 -23.96 -20.81
CA CYS A 846 -12.13 -23.05 -21.68
C CYS A 846 -10.82 -22.57 -21.04
N SER A 847 -10.77 -22.56 -19.72
CA SER A 847 -9.63 -22.14 -18.93
C SER A 847 -8.60 -23.23 -18.69
N ALA A 848 -8.85 -24.44 -19.18
CA ALA A 848 -8.03 -25.59 -18.80
C ALA A 848 -6.59 -25.42 -19.24
N LEU A 849 -5.68 -25.99 -18.45
CA LEU A 849 -4.26 -25.95 -18.76
C LEU A 849 -3.96 -26.85 -19.94
N ARG A 850 -3.41 -26.26 -21.01
CA ARG A 850 -3.07 -27.00 -22.22
C ARG A 850 -1.58 -27.21 -22.40
N VAL A 851 -0.74 -26.30 -21.91
CA VAL A 851 0.71 -26.38 -22.12
C VAL A 851 1.39 -26.08 -20.79
N LEU A 852 2.04 -27.09 -20.22
CA LEU A 852 2.84 -26.92 -19.02
C LEU A 852 4.30 -26.71 -19.44
N CYS A 853 4.89 -25.61 -18.97
CA CYS A 853 6.27 -25.25 -19.32
C CYS A 853 7.13 -25.37 -18.07
N LEU A 854 8.09 -26.30 -18.09
CA LEU A 854 8.89 -26.66 -16.92
C LEU A 854 10.34 -26.26 -17.13
N GLN A 855 10.90 -25.53 -16.16
CA GLN A 855 12.31 -25.20 -16.25
C GLN A 855 13.13 -26.49 -16.26
N GLU A 856 14.15 -26.54 -17.12
CA GLU A 856 14.82 -27.79 -17.45
C GLU A 856 15.34 -28.51 -16.21
N ASP A 857 15.86 -27.75 -15.24
CA ASP A 857 16.51 -28.34 -14.07
C ASP A 857 15.56 -29.10 -13.16
N VAL A 858 14.25 -28.82 -13.22
CA VAL A 858 13.27 -29.50 -12.37
C VAL A 858 12.26 -30.29 -13.17
N ALA A 859 12.39 -30.33 -14.50
CA ALA A 859 11.34 -30.91 -15.34
C ALA A 859 11.19 -32.41 -15.10
N ASP A 860 12.30 -33.13 -14.96
CA ASP A 860 12.20 -34.58 -14.82
C ASP A 860 11.53 -34.96 -13.50
N ARG A 861 11.90 -34.29 -12.40
CA ARG A 861 11.29 -34.62 -11.12
C ARG A 861 9.79 -34.29 -11.14
N ILE A 862 9.41 -33.15 -11.72
CA ILE A 862 8.00 -32.78 -11.77
C ILE A 862 7.21 -33.72 -12.67
N LEU A 863 7.78 -34.08 -13.82
CA LEU A 863 7.09 -34.99 -14.74
C LEU A 863 6.85 -36.36 -14.09
N THR A 864 7.87 -36.91 -13.43
CA THR A 864 7.70 -38.18 -12.71
C THR A 864 6.56 -38.07 -11.71
N MET A 865 6.52 -36.98 -10.93
CA MET A 865 5.47 -36.80 -9.93
C MET A 865 4.11 -36.63 -10.58
N LEU A 866 4.07 -35.89 -11.70
CA LEU A 866 2.82 -35.67 -12.41
C LEU A 866 2.27 -36.98 -12.97
N LYS A 867 3.12 -37.81 -13.56
CA LYS A 867 2.66 -39.09 -14.09
C LYS A 867 2.17 -39.99 -12.97
N GLY A 868 2.83 -39.96 -11.81
CA GLY A 868 2.37 -40.76 -10.69
C GLY A 868 1.01 -40.30 -10.18
N ALA A 869 0.78 -38.99 -10.17
CA ALA A 869 -0.51 -38.48 -9.72
C ALA A 869 -1.60 -38.81 -10.74
N LEU A 870 -1.25 -38.75 -12.04
CA LEU A 870 -2.18 -39.11 -13.09
C LEU A 870 -2.75 -40.50 -12.87
N HIS A 871 -1.91 -41.44 -12.48
CA HIS A 871 -2.36 -42.82 -12.35
C HIS A 871 -3.24 -43.07 -11.13
N GLU A 872 -3.41 -42.07 -10.27
CA GLU A 872 -4.33 -42.20 -9.14
C GLU A 872 -5.74 -41.67 -9.44
N LEU A 873 -5.99 -41.22 -10.68
CA LEU A 873 -7.29 -40.67 -11.03
C LEU A 873 -8.27 -41.78 -11.40
N HIS A 874 -9.52 -41.61 -10.99
CA HIS A 874 -10.60 -42.53 -11.29
C HIS A 874 -11.49 -41.92 -12.38
N ILE A 875 -11.57 -42.59 -13.53
CA ILE A 875 -12.36 -42.14 -14.67
C ILE A 875 -13.59 -43.02 -14.79
N GLY A 876 -14.76 -42.42 -14.90
CA GLY A 876 -15.96 -43.20 -15.12
C GLY A 876 -17.22 -42.34 -15.08
N ARG A 877 -18.36 -43.03 -15.07
CA ARG A 877 -19.64 -42.36 -14.97
C ARG A 877 -19.71 -41.56 -13.68
N THR A 878 -20.18 -40.31 -13.76
CA THR A 878 -19.92 -39.35 -12.69
C THR A 878 -20.94 -39.36 -11.57
N ASP A 879 -21.85 -40.34 -11.52
CA ASP A 879 -22.79 -40.45 -10.41
C ASP A 879 -22.20 -41.23 -9.24
N ARG A 880 -20.87 -41.26 -9.11
CA ARG A 880 -20.17 -41.78 -7.95
C ARG A 880 -19.21 -40.71 -7.46
N LEU A 881 -19.26 -40.42 -6.16
CA LEU A 881 -18.35 -39.44 -5.58
C LEU A 881 -16.89 -39.79 -5.81
N SER A 882 -16.57 -41.08 -5.95
CA SER A 882 -15.18 -41.46 -6.16
C SER A 882 -14.65 -41.17 -7.54
N VAL A 883 -15.47 -40.68 -8.48
CA VAL A 883 -15.02 -40.43 -9.84
C VAL A 883 -14.39 -39.05 -9.93
N ASP A 884 -13.18 -38.99 -10.47
CA ASP A 884 -12.44 -37.74 -10.63
C ASP A 884 -12.65 -37.10 -11.99
N VAL A 885 -12.69 -37.91 -13.03
CA VAL A 885 -12.73 -37.45 -14.42
C VAL A 885 -13.88 -38.17 -15.10
N GLY A 886 -14.83 -37.41 -15.63
CA GLY A 886 -15.93 -37.97 -16.38
C GLY A 886 -15.66 -38.07 -17.87
N PRO A 887 -16.73 -38.27 -18.64
CA PRO A 887 -16.60 -38.48 -20.09
C PRO A 887 -16.43 -37.17 -20.84
N VAL A 888 -16.06 -37.30 -22.11
CA VAL A 888 -16.19 -36.18 -23.03
C VAL A 888 -17.61 -36.19 -23.61
N ILE A 889 -18.03 -35.02 -24.12
CA ILE A 889 -19.47 -34.80 -24.27
C ILE A 889 -20.09 -35.64 -25.38
N THR A 890 -19.35 -35.94 -26.45
CA THR A 890 -19.92 -36.69 -27.58
C THR A 890 -18.87 -37.59 -28.19
N SER A 891 -19.34 -38.53 -29.01
CA SER A 891 -18.43 -39.38 -29.77
CA SER A 891 -18.41 -39.38 -29.75
C SER A 891 -17.59 -38.55 -30.74
N GLU A 892 -18.18 -37.48 -31.29
CA GLU A 892 -17.44 -36.62 -32.20
C GLU A 892 -16.32 -35.88 -31.48
N ALA A 893 -16.61 -35.40 -30.27
CA ALA A 893 -15.55 -34.79 -29.47
C ALA A 893 -14.44 -35.79 -29.18
N LYS A 894 -14.82 -37.02 -28.81
CA LYS A 894 -13.84 -38.07 -28.53
C LYS A 894 -12.96 -38.34 -29.75
N ASP A 895 -13.60 -38.47 -30.92
CA ASP A 895 -12.84 -38.75 -32.14
C ASP A 895 -11.87 -37.63 -32.48
N ASN A 896 -12.28 -36.38 -32.26
CA ASN A 896 -11.42 -35.25 -32.58
C ASN A 896 -10.23 -35.20 -31.62
N ILE A 897 -10.46 -35.46 -30.33
CA ILE A 897 -9.37 -35.49 -29.37
C ILE A 897 -8.42 -36.64 -29.65
N GLU A 898 -8.96 -37.84 -29.90
CA GLU A 898 -8.10 -38.99 -30.14
C GLU A 898 -7.28 -38.84 -31.41
N LYS A 899 -7.85 -38.21 -32.43
CA LYS A 899 -7.08 -37.95 -33.65
C LYS A 899 -5.86 -37.09 -33.33
N HIS A 900 -6.00 -36.12 -32.44
CA HIS A 900 -4.87 -35.29 -32.04
C HIS A 900 -3.83 -36.13 -31.31
N ILE A 901 -4.27 -36.97 -30.37
CA ILE A 901 -3.35 -37.79 -29.58
C ILE A 901 -2.56 -38.73 -30.49
N GLU A 902 -3.24 -39.31 -31.48
CA GLU A 902 -2.57 -40.27 -32.36
C GLU A 902 -1.59 -39.58 -33.29
N ARG A 903 -1.95 -38.38 -33.80
CA ARG A 903 -1.01 -37.62 -34.60
C ARG A 903 0.27 -37.33 -33.82
N MET A 904 0.12 -36.86 -32.57
CA MET A 904 1.28 -36.61 -31.72
C MET A 904 2.07 -37.90 -31.46
N ARG A 905 1.36 -38.99 -31.15
CA ARG A 905 2.03 -40.27 -30.97
C ARG A 905 2.74 -40.70 -32.24
N GLY A 906 2.14 -40.40 -33.40
CA GLY A 906 2.77 -40.77 -34.66
C GLY A 906 4.08 -40.04 -34.90
N LEU A 907 4.20 -38.81 -34.39
CA LEU A 907 5.42 -38.04 -34.54
C LEU A 907 6.50 -38.45 -33.54
N GLY A 908 6.25 -39.48 -32.72
CA GLY A 908 7.24 -39.96 -31.80
C GLY A 908 7.26 -39.27 -30.44
N ARG A 909 6.30 -38.39 -30.15
CA ARG A 909 6.24 -37.75 -28.85
C ARG A 909 5.85 -38.76 -27.77
N LYS A 910 6.42 -38.59 -26.58
CA LYS A 910 6.06 -39.45 -25.45
C LYS A 910 4.62 -39.19 -25.02
N VAL A 911 3.82 -40.26 -24.92
CA VAL A 911 2.41 -40.18 -24.55
C VAL A 911 2.17 -41.06 -23.35
N GLU A 912 1.71 -40.47 -22.25
CA GLU A 912 1.35 -41.18 -21.03
C GLU A 912 -0.17 -41.16 -20.90
N GLN A 913 -0.77 -42.34 -20.70
CA GLN A 913 -2.23 -42.42 -20.63
C GLN A 913 -2.66 -43.34 -19.50
N ILE A 914 -3.72 -42.93 -18.80
CA ILE A 914 -4.40 -43.78 -17.84
C ILE A 914 -5.12 -44.90 -18.57
N GLY A 915 -5.11 -46.10 -17.98
CA GLY A 915 -5.96 -47.17 -18.49
C GLY A 915 -7.40 -46.95 -18.06
N LEU A 916 -8.32 -47.21 -18.99
CA LEU A 916 -9.74 -47.02 -18.73
C LEU A 916 -10.43 -48.33 -18.43
N ALA A 917 -11.32 -48.32 -17.44
CA ALA A 917 -12.06 -49.50 -17.05
C ALA A 917 -13.05 -49.89 -18.16
N SER A 918 -13.42 -51.17 -18.17
CA SER A 918 -14.34 -51.68 -19.18
C SER A 918 -15.70 -50.98 -19.10
N GLU A 919 -16.08 -50.50 -17.92
CA GLU A 919 -17.36 -49.83 -17.74
C GLU A 919 -17.47 -48.57 -18.60
N THR A 920 -16.35 -48.01 -19.05
CA THR A 920 -16.40 -46.78 -19.83
C THR A 920 -16.90 -47.00 -21.25
N GLY A 921 -16.93 -48.25 -21.74
CA GLY A 921 -17.29 -48.51 -23.11
C GLY A 921 -18.72 -48.11 -23.48
N VAL A 922 -19.61 -48.02 -22.49
CA VAL A 922 -20.99 -47.60 -22.77
C VAL A 922 -21.13 -46.10 -22.91
N GLY A 923 -20.06 -45.34 -22.68
CA GLY A 923 -20.06 -43.91 -22.86
C GLY A 923 -18.90 -43.46 -23.74
N THR A 924 -18.61 -42.16 -23.75
CA THR A 924 -17.56 -41.60 -24.61
C THR A 924 -16.49 -41.00 -23.71
N PHE A 925 -15.42 -41.75 -23.46
CA PHE A 925 -14.36 -41.34 -22.55
C PHE A 925 -13.02 -41.24 -23.28
N VAL A 926 -12.22 -40.26 -22.88
CA VAL A 926 -10.82 -40.15 -23.29
C VAL A 926 -9.98 -40.15 -22.02
N PRO A 927 -8.97 -41.00 -21.89
CA PRO A 927 -8.17 -41.01 -20.67
C PRO A 927 -7.34 -39.75 -20.58
N PRO A 928 -7.17 -39.22 -19.37
CA PRO A 928 -6.17 -38.16 -19.16
C PRO A 928 -4.85 -38.55 -19.77
N THR A 929 -4.26 -37.58 -20.49
CA THR A 929 -3.12 -37.82 -21.37
C THR A 929 -2.09 -36.73 -21.14
N ILE A 930 -0.82 -37.12 -21.07
CA ILE A 930 0.30 -36.19 -21.04
C ILE A 930 1.13 -36.41 -22.30
N ILE A 931 1.37 -35.35 -23.04
CA ILE A 931 2.12 -35.39 -24.30
C ILE A 931 3.32 -34.46 -24.17
N GLU A 932 4.52 -35.02 -24.30
CA GLU A 932 5.74 -34.25 -24.16
C GLU A 932 6.14 -33.71 -25.52
N LEU A 933 6.14 -32.38 -25.66
CA LEU A 933 6.45 -31.70 -26.90
C LEU A 933 7.86 -31.13 -26.89
N GLU A 934 8.35 -30.82 -28.09
CA GLU A 934 9.66 -30.21 -28.30
C GLU A 934 9.60 -28.69 -28.43
N LYS A 935 8.55 -28.17 -29.06
CA LYS A 935 8.34 -26.73 -29.18
C LYS A 935 6.86 -26.43 -29.01
N LEU A 936 6.56 -25.18 -28.64
CA LEU A 936 5.17 -24.77 -28.51
C LEU A 936 4.48 -24.72 -29.88
N SER A 937 5.24 -24.49 -30.95
CA SER A 937 4.68 -24.49 -32.29
C SER A 937 4.13 -25.85 -32.70
N ASP A 938 4.43 -26.91 -31.94
CA ASP A 938 3.85 -28.23 -32.20
C ASP A 938 2.34 -28.24 -32.05
N LEU A 939 1.74 -27.22 -31.46
CA LEU A 939 0.30 -27.11 -31.34
C LEU A 939 -0.26 -26.13 -32.37
N GLN A 940 -1.41 -26.46 -32.93
CA GLN A 940 -2.08 -25.63 -33.92
C GLN A 940 -3.31 -24.97 -33.33
N ARG A 941 -4.34 -25.76 -32.96
CA ARG A 941 -5.58 -25.23 -32.43
C ARG A 941 -5.88 -25.83 -31.07
N GLU A 942 -6.81 -25.18 -30.36
CA GLU A 942 -7.29 -25.68 -29.08
C GLU A 942 -7.80 -27.11 -29.22
N VAL A 943 -7.33 -27.99 -28.34
CA VAL A 943 -7.81 -29.37 -28.26
C VAL A 943 -8.60 -29.48 -26.96
N PHE A 944 -9.93 -29.57 -27.08
CA PHE A 944 -10.84 -29.39 -25.95
C PHE A 944 -11.09 -30.74 -25.29
N GLY A 945 -10.08 -31.22 -24.56
CA GLY A 945 -10.13 -32.53 -23.95
C GLY A 945 -9.06 -32.66 -22.89
N PRO A 946 -8.94 -33.87 -22.30
CA PRO A 946 -8.00 -34.08 -21.18
C PRO A 946 -6.59 -34.38 -21.68
N VAL A 947 -5.99 -33.41 -22.36
CA VAL A 947 -4.72 -33.61 -23.04
C VAL A 947 -3.78 -32.48 -22.65
N LEU A 948 -2.80 -32.80 -21.80
CA LEU A 948 -1.80 -31.85 -21.33
C LEU A 948 -0.53 -32.01 -22.14
N HIS A 949 -0.01 -30.89 -22.64
CA HIS A 949 1.25 -30.86 -23.37
C HIS A 949 2.33 -30.28 -22.47
N VAL A 950 3.53 -30.85 -22.54
CA VAL A 950 4.62 -30.47 -21.65
C VAL A 950 5.80 -30.05 -22.50
N ILE A 951 6.34 -28.86 -22.21
CA ILE A 951 7.59 -28.41 -22.84
C ILE A 951 8.56 -27.98 -21.75
N ARG A 952 9.85 -28.05 -22.09
CA ARG A 952 10.94 -27.70 -21.20
CA ARG A 952 10.93 -27.70 -21.19
C ARG A 952 11.63 -26.44 -21.68
N TYR A 953 12.16 -25.66 -20.74
CA TYR A 953 12.84 -24.43 -21.13
C TYR A 953 14.04 -24.18 -20.20
N ARG A 954 15.07 -23.55 -20.77
CA ARG A 954 16.20 -23.07 -19.99
C ARG A 954 15.90 -21.68 -19.43
N ARG A 955 16.37 -21.43 -18.20
CA ARG A 955 16.00 -20.21 -17.49
C ARG A 955 16.27 -18.95 -18.32
N ASP A 956 17.40 -18.90 -19.02
CA ASP A 956 17.72 -17.69 -19.79
C ASP A 956 16.78 -17.48 -20.97
N ASP A 957 16.04 -18.51 -21.39
CA ASP A 957 15.09 -18.41 -22.48
C ASP A 957 13.68 -18.08 -22.01
N LEU A 958 13.52 -17.67 -20.75
CA LEU A 958 12.17 -17.40 -20.24
C LEU A 958 11.46 -16.32 -21.06
N ASP A 959 12.15 -15.23 -21.38
CA ASP A 959 11.49 -14.17 -22.12
C ASP A 959 11.05 -14.68 -23.49
N ARG A 960 11.88 -15.49 -24.14
CA ARG A 960 11.50 -16.06 -25.43
C ARG A 960 10.30 -16.99 -25.28
N LEU A 961 10.24 -17.75 -24.18
CA LEU A 961 9.11 -18.64 -23.95
C LEU A 961 7.82 -17.86 -23.82
N VAL A 962 7.84 -16.73 -23.10
CA VAL A 962 6.64 -15.90 -23.01
C VAL A 962 6.22 -15.41 -24.39
N ASP A 963 7.19 -15.04 -25.22
CA ASP A 963 6.88 -14.71 -26.61
C ASP A 963 6.15 -15.85 -27.29
N ASP A 964 6.65 -17.08 -27.11
CA ASP A 964 6.06 -18.25 -27.76
C ASP A 964 4.62 -18.48 -27.27
N VAL A 965 4.37 -18.28 -25.98
CA VAL A 965 3.01 -18.40 -25.48
C VAL A 965 2.11 -17.36 -26.12
N ASN A 966 2.58 -16.10 -26.19
CA ASN A 966 1.78 -15.05 -26.82
C ASN A 966 1.59 -15.31 -28.31
N ALA A 967 2.55 -15.99 -28.94
CA ALA A 967 2.55 -16.16 -30.39
C ALA A 967 1.40 -17.02 -30.89
N THR A 968 0.75 -17.81 -30.03
CA THR A 968 -0.39 -18.59 -30.50
C THR A 968 -1.54 -17.70 -30.97
N GLY A 969 -1.61 -16.46 -30.49
CA GLY A 969 -2.73 -15.59 -30.77
C GLY A 969 -3.86 -15.68 -29.76
N TYR A 970 -3.85 -16.70 -28.92
CA TYR A 970 -4.81 -16.82 -27.83
C TYR A 970 -4.36 -15.96 -26.66
N GLY A 971 -5.25 -15.81 -25.67
CA GLY A 971 -4.92 -14.99 -24.52
C GLY A 971 -5.98 -15.09 -23.45
N LEU A 972 -6.27 -16.32 -22.99
CA LEU A 972 -7.34 -16.53 -22.04
C LEU A 972 -6.80 -16.66 -20.62
N THR A 973 -6.42 -17.86 -20.17
CA THR A 973 -5.84 -18.01 -18.84
C THR A 973 -4.35 -18.30 -18.94
N PHE A 974 -3.64 -17.98 -17.86
CA PHE A 974 -2.19 -18.17 -17.78
C PHE A 974 -1.79 -18.32 -16.33
N GLY A 975 -0.93 -19.29 -16.05
CA GLY A 975 -0.46 -19.54 -14.70
C GLY A 975 1.05 -19.42 -14.58
N LEU A 976 1.49 -19.00 -13.40
CA LEU A 976 2.90 -18.94 -13.09
C LEU A 976 3.11 -19.46 -11.68
N HIS A 977 4.03 -20.42 -11.52
CA HIS A 977 4.44 -20.95 -10.24
C HIS A 977 5.89 -20.55 -10.02
N THR A 978 6.10 -19.65 -9.07
CA THR A 978 7.43 -19.18 -8.69
C THR A 978 7.33 -18.54 -7.32
N ARG A 979 8.44 -18.54 -6.59
CA ARG A 979 8.53 -17.77 -5.36
C ARG A 979 9.22 -16.43 -5.54
N LEU A 980 9.66 -16.10 -6.75
CA LEU A 980 10.64 -15.02 -6.96
C LEU A 980 9.95 -13.79 -7.55
N ASP A 981 10.03 -12.67 -6.83
CA ASP A 981 9.38 -11.43 -7.28
C ASP A 981 9.89 -10.98 -8.64
N GLU A 982 11.20 -11.11 -8.91
CA GLU A 982 11.69 -10.64 -10.20
C GLU A 982 11.05 -11.43 -11.33
N THR A 983 10.81 -12.71 -11.11
CA THR A 983 10.22 -13.53 -12.16
C THR A 983 8.74 -13.19 -12.30
N ILE A 984 8.04 -12.95 -11.20
CA ILE A 984 6.64 -12.54 -11.27
C ILE A 984 6.52 -11.24 -12.05
N ALA A 985 7.37 -10.25 -11.72
CA ALA A 985 7.31 -8.96 -12.42
C ALA A 985 7.60 -9.12 -13.90
N HIS A 986 8.64 -9.89 -14.23
CA HIS A 986 9.01 -10.09 -15.63
C HIS A 986 7.87 -10.77 -16.40
N VAL A 987 7.41 -11.91 -15.90
CA VAL A 987 6.46 -12.70 -16.69
C VAL A 987 5.12 -11.98 -16.80
N THR A 988 4.61 -11.40 -15.70
CA THR A 988 3.29 -10.79 -15.77
C THR A 988 3.29 -9.49 -16.56
N SER A 989 4.44 -8.84 -16.72
CA SER A 989 4.48 -7.65 -17.54
C SER A 989 4.56 -7.98 -19.03
N ARG A 990 4.97 -9.20 -19.39
CA ARG A 990 5.15 -9.55 -20.78
C ARG A 990 4.08 -10.47 -21.33
N ILE A 991 3.41 -11.25 -20.48
CA ILE A 991 2.35 -12.11 -20.96
C ILE A 991 1.14 -11.27 -21.35
N LYS A 992 0.40 -11.73 -22.37
CA LYS A 992 -0.81 -11.06 -22.85
C LYS A 992 -1.99 -12.02 -22.74
N ALA A 993 -2.60 -12.06 -21.56
CA ALA A 993 -3.76 -12.91 -21.33
C ALA A 993 -4.69 -12.20 -20.37
N GLY A 994 -5.97 -12.60 -20.40
CA GLY A 994 -6.97 -11.87 -19.64
C GLY A 994 -7.08 -12.29 -18.19
N ASN A 995 -6.71 -13.53 -17.87
CA ASN A 995 -6.80 -14.04 -16.51
C ASN A 995 -5.47 -14.69 -16.13
N LEU A 996 -4.79 -14.08 -15.17
CA LEU A 996 -3.50 -14.57 -14.69
C LEU A 996 -3.68 -15.17 -13.30
N TYR A 997 -2.87 -16.20 -13.01
CA TYR A 997 -2.96 -16.93 -11.76
C TYR A 997 -1.55 -17.23 -11.28
N ILE A 998 -1.25 -16.84 -10.03
CA ILE A 998 0.09 -16.98 -9.48
C ILE A 998 0.04 -17.97 -8.32
N ASN A 999 0.78 -19.08 -8.47
CA ASN A 999 0.93 -20.10 -7.42
C ASN A 999 -0.40 -20.74 -7.03
N ARG A 1000 -1.27 -20.95 -8.03
CA ARG A 1000 -2.55 -21.62 -7.83
C ARG A 1000 -2.96 -22.24 -9.16
N ASN A 1001 -4.11 -22.92 -9.17
CA ASN A 1001 -4.62 -23.43 -10.44
C ASN A 1001 -5.10 -22.27 -11.31
N ILE A 1002 -5.46 -22.58 -12.56
N ILE A 1002 -5.34 -22.56 -12.59
CA ILE A 1002 -5.79 -21.51 -13.51
CA ILE A 1002 -5.74 -21.53 -13.55
C ILE A 1002 -7.23 -21.61 -13.99
C ILE A 1002 -7.21 -21.66 -13.91
N ILE A 1003 -8.11 -22.23 -13.22
N ILE A 1003 -7.98 -22.42 -13.14
CA ILE A 1003 -9.48 -22.42 -13.68
CA ILE A 1003 -9.41 -22.49 -13.37
C ILE A 1003 -10.45 -21.57 -12.87
C ILE A 1003 -10.06 -21.74 -12.21
N GLY A 1004 -9.93 -20.56 -12.18
N GLY A 1004 -10.20 -20.42 -12.39
CA GLY A 1004 -10.75 -19.70 -11.34
CA GLY A 1004 -10.80 -19.60 -11.36
C GLY A 1004 -11.48 -18.65 -12.14
C GLY A 1004 -12.20 -19.17 -11.74
N ALA A 1005 -12.79 -18.57 -11.93
N ALA A 1005 -12.33 -17.95 -12.22
CA ALA A 1005 -13.63 -17.59 -12.60
CA ALA A 1005 -13.56 -17.39 -12.76
C ALA A 1005 -14.67 -17.03 -11.65
C ALA A 1005 -14.62 -17.14 -11.69
N VAL A 1006 -14.28 -16.87 -10.37
N VAL A 1006 -14.22 -16.82 -10.47
CA VAL A 1006 -15.25 -16.42 -9.38
CA VAL A 1006 -15.21 -16.43 -9.47
C VAL A 1006 -15.78 -15.06 -9.79
C VAL A 1006 -15.77 -15.07 -9.87
N VAL A 1007 -17.09 -15.01 -10.02
CA VAL A 1007 -17.76 -13.79 -10.49
C VAL A 1007 -17.44 -12.62 -9.57
N GLY A 1008 -17.06 -11.48 -10.17
CA GLY A 1008 -16.76 -10.30 -9.41
C GLY A 1008 -15.47 -10.37 -8.61
N VAL A 1009 -14.71 -11.45 -8.73
CA VAL A 1009 -13.45 -11.64 -8.02
C VAL A 1009 -12.31 -11.90 -9.00
N GLN A 1010 -12.50 -12.86 -9.91
CA GLN A 1010 -11.73 -12.97 -11.15
C GLN A 1010 -12.71 -12.79 -12.31
N PRO A 1011 -13.08 -11.56 -12.62
CA PRO A 1011 -13.82 -11.32 -13.88
C PRO A 1011 -13.10 -12.02 -15.02
N PHE A 1012 -13.85 -12.74 -15.83
CA PHE A 1012 -13.28 -13.76 -16.68
C PHE A 1012 -13.44 -13.41 -18.15
N GLY A 1013 -12.35 -13.53 -18.89
CA GLY A 1013 -12.42 -13.26 -20.32
C GLY A 1013 -11.06 -12.83 -20.83
N GLY A 1014 -10.79 -13.20 -22.09
CA GLY A 1014 -9.49 -12.96 -22.66
C GLY A 1014 -9.48 -12.11 -23.91
N ARG A 1015 -8.37 -12.14 -24.63
CA ARG A 1015 -8.08 -11.27 -25.75
C ARG A 1015 -7.62 -12.10 -26.94
N GLY A 1016 -7.37 -11.42 -28.05
CA GLY A 1016 -6.90 -12.14 -29.22
C GLY A 1016 -7.95 -13.11 -29.71
N LEU A 1017 -7.50 -14.33 -30.04
CA LEU A 1017 -8.40 -15.39 -30.47
C LEU A 1017 -9.31 -15.88 -29.35
N SER A 1018 -9.11 -15.39 -28.13
CA SER A 1018 -9.88 -15.82 -26.96
C SER A 1018 -11.07 -14.93 -26.63
N GLY A 1019 -11.20 -13.77 -27.25
CA GLY A 1019 -12.33 -12.94 -26.87
C GLY A 1019 -12.31 -11.53 -27.40
N THR A 1020 -13.51 -10.93 -27.47
CA THR A 1020 -13.66 -9.51 -27.71
C THR A 1020 -13.76 -8.71 -26.42
N GLY A 1021 -14.17 -9.35 -25.32
CA GLY A 1021 -14.60 -8.61 -24.17
C GLY A 1021 -15.91 -7.91 -24.44
N PRO A 1022 -16.45 -7.21 -23.43
CA PRO A 1022 -15.91 -7.09 -22.07
C PRO A 1022 -16.04 -8.40 -21.29
N LYS A 1023 -15.37 -8.49 -20.14
CA LYS A 1023 -15.36 -9.70 -19.33
C LYS A 1023 -16.73 -9.99 -18.71
N ALA A 1024 -17.20 -11.22 -18.87
CA ALA A 1024 -18.27 -11.71 -18.02
C ALA A 1024 -17.84 -11.66 -16.55
N GLY A 1025 -18.81 -11.39 -15.68
CA GLY A 1025 -18.53 -11.29 -14.27
C GLY A 1025 -17.69 -10.11 -13.89
N GLY A 1026 -17.63 -9.10 -14.76
CA GLY A 1026 -16.91 -7.88 -14.48
C GLY A 1026 -17.78 -6.65 -14.71
N PRO A 1027 -17.24 -5.48 -14.38
CA PRO A 1027 -18.06 -4.28 -14.28
C PRO A 1027 -18.33 -3.58 -15.61
N LEU A 1028 -17.69 -3.98 -16.69
CA LEU A 1028 -17.92 -3.36 -18.00
C LEU A 1028 -18.97 -4.11 -18.80
N TYR A 1029 -19.46 -5.23 -18.30
CA TYR A 1029 -20.26 -6.14 -19.11
C TYR A 1029 -21.62 -5.53 -19.44
N LEU A 1030 -22.36 -5.07 -18.43
CA LEU A 1030 -23.70 -4.56 -18.69
C LEU A 1030 -23.69 -3.38 -19.63
N GLY A 1031 -22.63 -2.56 -19.58
CA GLY A 1031 -22.60 -1.39 -20.42
C GLY A 1031 -22.56 -1.68 -21.90
N ARG A 1032 -22.18 -2.91 -22.27
CA ARG A 1032 -22.17 -3.32 -23.67
C ARG A 1032 -23.57 -3.63 -24.18
N LEU A 1033 -24.53 -3.81 -23.27
CA LEU A 1033 -25.88 -4.27 -23.60
C LEU A 1033 -26.91 -3.14 -23.57
N VAL A 1034 -26.46 -1.89 -23.54
CA VAL A 1034 -27.32 -0.72 -23.62
C VAL A 1034 -26.74 0.21 -24.67
N THR A 1035 -27.55 1.17 -25.13
CA THR A 1035 -27.08 2.02 -26.22
C THR A 1035 -26.13 3.11 -25.74
N THR A 1036 -26.29 3.56 -24.50
CA THR A 1036 -25.37 4.51 -23.86
C THR A 1036 -24.85 3.87 -22.58
N ALA A 1037 -23.55 3.65 -22.51
CA ALA A 1037 -23.00 2.90 -21.39
C ALA A 1037 -22.94 3.77 -20.14
N PRO A 1038 -23.28 3.21 -18.97
CA PRO A 1038 -23.11 3.94 -17.72
C PRO A 1038 -21.65 3.94 -17.30
N VAL A 1039 -21.36 4.72 -16.27
CA VAL A 1039 -20.04 4.69 -15.64
C VAL A 1039 -20.04 3.56 -14.61
N PRO A 1040 -19.21 2.52 -14.79
CA PRO A 1040 -19.21 1.42 -13.83
C PRO A 1040 -18.71 1.87 -12.47
N PRO A 1041 -19.06 1.16 -11.41
CA PRO A 1041 -18.47 1.44 -10.10
C PRO A 1041 -16.96 1.40 -10.19
N GLN A 1042 -16.32 2.35 -9.50
CA GLN A 1042 -14.87 2.45 -9.33
C GLN A 1042 -14.11 2.64 -10.63
N HIS A 1043 -14.81 2.98 -11.72
CA HIS A 1043 -14.21 3.04 -13.05
C HIS A 1043 -13.73 4.45 -13.33
N SER A 1044 -12.43 4.70 -13.09
CA SER A 1044 -11.79 5.98 -13.35
C SER A 1044 -10.29 5.76 -13.21
N SER A 1045 -9.52 6.73 -13.70
CA SER A 1045 -8.08 6.69 -13.50
C SER A 1045 -7.54 8.10 -13.43
N VAL A 1046 -6.60 8.34 -12.50
CA VAL A 1046 -5.97 9.65 -12.43
C VAL A 1046 -4.80 9.78 -13.38
N HIS A 1047 -4.47 8.72 -14.11
CA HIS A 1047 -3.31 8.75 -15.00
C HIS A 1047 -3.72 9.19 -16.39
N THR A 1048 -2.87 9.97 -17.03
CA THR A 1048 -3.11 10.45 -18.39
C THR A 1048 -2.02 9.92 -19.30
N ASP A 1049 -2.41 9.34 -20.42
CA ASP A 1049 -1.41 8.79 -21.34
C ASP A 1049 -0.54 9.93 -21.87
N PRO A 1050 0.80 9.78 -21.84
CA PRO A 1050 1.67 10.89 -22.19
C PRO A 1050 1.72 11.13 -23.69
N VAL A 1051 1.47 10.08 -24.49
CA VAL A 1051 1.44 10.27 -25.93
C VAL A 1051 0.18 11.02 -26.32
N LEU A 1052 -0.94 10.73 -25.65
CA LEU A 1052 -2.14 11.55 -25.83
C LEU A 1052 -1.83 13.01 -25.54
N LEU A 1053 -1.14 13.29 -24.43
CA LEU A 1053 -0.80 14.67 -24.12
C LEU A 1053 0.05 15.31 -25.21
N ASP A 1054 1.05 14.57 -25.71
CA ASP A 1054 1.86 15.12 -26.81
C ASP A 1054 1.03 15.36 -28.05
N PHE A 1055 0.09 14.46 -28.36
CA PHE A 1055 -0.78 14.65 -29.50
C PHE A 1055 -1.68 15.88 -29.33
N ALA A 1056 -2.22 16.09 -28.14
CA ALA A 1056 -3.03 17.29 -27.90
C ALA A 1056 -2.22 18.57 -28.12
N LYS A 1057 -0.97 18.59 -27.67
CA LYS A 1057 -0.12 19.76 -27.90
C LYS A 1057 0.16 19.96 -29.38
N TRP A 1058 0.39 18.87 -30.12
CA TRP A 1058 0.60 18.97 -31.56
C TRP A 1058 -0.64 19.52 -32.25
N LEU A 1059 -1.83 19.07 -31.84
CA LEU A 1059 -3.07 19.59 -32.40
C LEU A 1059 -3.18 21.10 -32.20
N ASP A 1060 -2.88 21.57 -30.99
CA ASP A 1060 -2.92 23.01 -30.73
C ASP A 1060 -1.91 23.75 -31.60
N GLY A 1061 -0.72 23.18 -31.77
CA GLY A 1061 0.28 23.81 -32.62
C GLY A 1061 -0.13 23.89 -34.07
N LYS A 1062 -0.95 22.95 -34.53
CA LYS A 1062 -1.51 22.97 -35.87
C LYS A 1062 -2.74 23.86 -35.99
N GLY A 1063 -3.21 24.44 -34.88
CA GLY A 1063 -4.41 25.26 -34.90
C GLY A 1063 -5.71 24.50 -34.76
N ALA A 1064 -5.67 23.19 -34.50
CA ALA A 1064 -6.88 22.38 -34.37
C ALA A 1064 -7.37 22.42 -32.93
N ARG A 1065 -7.87 23.60 -32.54
CA ARG A 1065 -8.12 23.88 -31.13
C ARG A 1065 -9.26 23.02 -30.58
N ALA A 1066 -10.36 22.86 -31.33
CA ALA A 1066 -11.44 22.03 -30.83
C ALA A 1066 -11.00 20.59 -30.67
N GLU A 1067 -10.22 20.07 -31.63
CA GLU A 1067 -9.76 18.69 -31.53
C GLU A 1067 -8.76 18.52 -30.38
N ALA A 1068 -7.92 19.53 -30.15
CA ALA A 1068 -7.00 19.45 -29.01
C ALA A 1068 -7.77 19.38 -27.70
N GLU A 1069 -8.85 20.16 -27.57
CA GLU A 1069 -9.68 20.10 -26.39
C GLU A 1069 -10.33 18.73 -26.24
N ALA A 1070 -10.84 18.17 -27.34
CA ALA A 1070 -11.42 16.84 -27.31
C ALA A 1070 -10.36 15.81 -26.91
N ALA A 1071 -9.13 16.00 -27.35
CA ALA A 1071 -8.06 15.07 -26.99
C ALA A 1071 -7.77 15.14 -25.49
N ARG A 1072 -7.65 16.36 -24.94
CA ARG A 1072 -7.47 16.47 -23.50
C ARG A 1072 -8.63 15.82 -22.74
N ASN A 1073 -9.86 16.01 -23.22
CA ASN A 1073 -11.00 15.41 -22.54
C ASN A 1073 -10.94 13.90 -22.58
N ALA A 1074 -10.53 13.33 -23.73
CA ALA A 1074 -10.36 11.88 -23.83
C ALA A 1074 -9.30 11.39 -22.86
N GLY A 1075 -8.21 12.17 -22.72
CA GLY A 1075 -7.16 11.77 -21.80
C GLY A 1075 -7.64 11.65 -20.36
N SER A 1076 -8.51 12.58 -19.94
CA SER A 1076 -9.09 12.56 -18.60
C SER A 1076 -10.13 11.47 -18.45
N SER A 1077 -10.98 11.30 -19.47
CA SER A 1077 -12.08 10.34 -19.39
C SER A 1077 -11.59 8.90 -19.42
N SER A 1078 -10.45 8.64 -20.03
CA SER A 1078 -9.90 7.29 -20.11
C SER A 1078 -9.70 6.69 -18.73
N ALA A 1079 -10.04 5.41 -18.58
CA ALA A 1079 -9.77 4.69 -17.34
C ALA A 1079 -8.52 3.84 -17.44
N LEU A 1080 -7.74 4.00 -18.51
CA LEU A 1080 -6.43 3.36 -18.60
C LEU A 1080 -5.63 3.60 -17.33
N GLY A 1081 -5.10 2.52 -16.76
CA GLY A 1081 -4.34 2.65 -15.52
C GLY A 1081 -5.11 2.34 -14.27
N LEU A 1082 -6.43 2.15 -14.37
CA LEU A 1082 -7.21 1.66 -13.24
CA LEU A 1082 -7.21 1.66 -13.25
C LEU A 1082 -6.55 0.41 -12.68
N ASP A 1083 -6.48 0.33 -11.35
CA ASP A 1083 -5.75 -0.75 -10.69
C ASP A 1083 -6.39 -0.98 -9.32
N LEU A 1084 -7.20 -2.04 -9.24
CA LEU A 1084 -8.06 -2.28 -8.08
C LEU A 1084 -7.78 -3.65 -7.48
N GLU A 1085 -8.03 -3.78 -6.18
CA GLU A 1085 -8.08 -5.07 -5.53
C GLU A 1085 -9.53 -5.36 -5.21
N LEU A 1086 -10.01 -6.53 -5.63
CA LEU A 1086 -11.40 -6.92 -5.46
C LEU A 1086 -11.57 -7.75 -4.20
N PRO A 1087 -12.64 -7.53 -3.44
CA PRO A 1087 -12.88 -8.34 -2.23
C PRO A 1087 -13.05 -9.82 -2.57
N GLY A 1088 -12.46 -10.67 -1.72
CA GLY A 1088 -12.56 -12.09 -1.91
C GLY A 1088 -12.11 -12.84 -0.67
N PRO A 1089 -11.72 -14.10 -0.86
CA PRO A 1089 -11.34 -14.92 0.29
C PRO A 1089 -9.99 -14.49 0.86
N VAL A 1090 -9.78 -14.84 2.14
CA VAL A 1090 -8.47 -14.67 2.75
C VAL A 1090 -7.42 -15.53 2.02
N GLY A 1091 -6.17 -15.13 2.14
CA GLY A 1091 -5.10 -15.92 1.55
C GLY A 1091 -5.00 -15.82 0.05
N GLU A 1092 -5.65 -14.81 -0.53
CA GLU A 1092 -5.60 -14.57 -1.96
C GLU A 1092 -5.66 -13.07 -2.15
N ARG A 1093 -4.96 -12.57 -3.17
CA ARG A 1093 -5.09 -11.21 -3.64
C ARG A 1093 -5.65 -11.25 -5.06
N ASN A 1094 -6.78 -10.59 -5.28
CA ASN A 1094 -7.45 -10.60 -6.56
C ASN A 1094 -7.46 -9.19 -7.13
N LEU A 1095 -6.76 -9.01 -8.25
CA LEU A 1095 -6.48 -7.70 -8.81
C LEU A 1095 -7.16 -7.55 -10.16
N TYR A 1096 -7.55 -6.30 -10.47
CA TYR A 1096 -8.29 -5.99 -11.69
C TYR A 1096 -7.69 -4.70 -12.23
N THR A 1097 -7.27 -4.71 -13.49
CA THR A 1097 -6.53 -3.59 -14.07
CA THR A 1097 -6.63 -3.52 -14.03
C THR A 1097 -6.99 -3.33 -15.50
N LEU A 1098 -6.89 -2.08 -15.94
CA LEU A 1098 -7.20 -1.71 -17.32
C LEU A 1098 -5.93 -1.31 -18.05
N HIS A 1099 -5.65 -2.00 -19.16
CA HIS A 1099 -4.47 -1.80 -19.98
C HIS A 1099 -4.90 -1.37 -21.38
N ALA A 1100 -3.92 -0.98 -22.20
CA ALA A 1100 -4.19 -0.80 -23.63
C ALA A 1100 -4.58 -2.13 -24.27
N ARG A 1101 -5.39 -2.04 -25.33
CA ARG A 1101 -5.74 -3.24 -26.09
CA ARG A 1101 -5.74 -3.24 -26.09
C ARG A 1101 -4.60 -3.67 -27.01
N GLY A 1102 -3.92 -2.71 -27.62
CA GLY A 1102 -2.89 -3.06 -28.57
C GLY A 1102 -2.88 -2.09 -29.73
N ARG A 1103 -2.91 -2.60 -30.96
CA ARG A 1103 -2.92 -1.76 -32.14
C ARG A 1103 -4.33 -1.70 -32.69
N ILE A 1104 -4.90 -0.50 -32.74
CA ILE A 1104 -6.26 -0.27 -33.20
C ILE A 1104 -6.21 0.13 -34.66
N LEU A 1105 -7.04 -0.52 -35.48
CA LEU A 1105 -7.19 -0.12 -36.88
C LEU A 1105 -8.10 1.10 -36.96
N LEU A 1106 -7.60 2.18 -37.56
CA LEU A 1106 -8.37 3.40 -37.75
C LEU A 1106 -8.76 3.51 -39.22
N VAL A 1107 -10.06 3.63 -39.48
CA VAL A 1107 -10.58 3.84 -40.84
C VAL A 1107 -11.30 5.18 -40.86
N PRO A 1108 -10.58 6.29 -41.02
CA PRO A 1108 -11.21 7.61 -41.02
C PRO A 1108 -11.77 7.97 -42.39
N ALA A 1109 -12.62 8.99 -42.40
CA ALA A 1109 -13.08 9.62 -43.62
C ALA A 1109 -12.67 11.08 -43.75
N THR A 1110 -12.54 11.80 -42.63
CA THR A 1110 -12.25 13.22 -42.63
C THR A 1110 -11.10 13.50 -41.68
N GLU A 1111 -10.48 14.67 -41.87
CA GLU A 1111 -9.37 15.05 -41.00
C GLU A 1111 -9.80 15.13 -39.55
N SER A 1112 -10.91 15.83 -39.28
CA SER A 1112 -11.38 15.92 -37.90
C SER A 1112 -11.75 14.55 -37.36
N GLY A 1113 -12.34 13.69 -38.20
CA GLY A 1113 -12.62 12.33 -37.74
C GLY A 1113 -11.37 11.57 -37.37
N LEU A 1114 -10.33 11.70 -38.19
CA LEU A 1114 -9.04 11.08 -37.87
C LEU A 1114 -8.51 11.58 -36.53
N TYR A 1115 -8.53 12.90 -36.32
CA TYR A 1115 -8.01 13.43 -35.05
C TYR A 1115 -8.79 12.90 -33.87
N HIS A 1116 -10.12 12.80 -33.99
CA HIS A 1116 -10.91 12.23 -32.90
C HIS A 1116 -10.61 10.75 -32.68
N GLN A 1117 -10.48 9.97 -33.76
CA GLN A 1117 -10.15 8.56 -33.61
C GLN A 1117 -8.79 8.40 -32.94
N LEU A 1118 -7.81 9.17 -33.39
CA LEU A 1118 -6.47 9.07 -32.83
CA LEU A 1118 -6.46 9.11 -32.83
C LEU A 1118 -6.47 9.45 -31.35
N ALA A 1119 -7.19 10.51 -30.98
CA ALA A 1119 -7.27 10.90 -29.57
C ALA A 1119 -7.87 9.78 -28.73
N ALA A 1120 -8.96 9.17 -29.20
CA ALA A 1120 -9.58 8.07 -28.44
C ALA A 1120 -8.60 6.91 -28.27
N ALA A 1121 -7.90 6.52 -29.34
CA ALA A 1121 -6.99 5.38 -29.26
C ALA A 1121 -5.77 5.69 -28.40
N LEU A 1122 -5.20 6.88 -28.53
CA LEU A 1122 -4.01 7.22 -27.74
C LEU A 1122 -4.35 7.39 -26.26
N ALA A 1123 -5.51 7.98 -25.96
CA ALA A 1123 -5.90 8.19 -24.57
C ALA A 1123 -6.04 6.88 -23.82
N THR A 1124 -6.29 5.79 -24.54
CA THR A 1124 -6.43 4.46 -23.96
C THR A 1124 -5.17 3.62 -24.14
N GLY A 1125 -4.05 4.26 -24.49
CA GLY A 1125 -2.73 3.64 -24.46
C GLY A 1125 -2.36 2.85 -25.69
N ASN A 1126 -3.18 2.88 -26.74
CA ASN A 1126 -3.00 2.05 -27.92
C ASN A 1126 -2.08 2.69 -28.94
N SER A 1127 -1.52 1.84 -29.79
CA SER A 1127 -0.96 2.27 -31.07
C SER A 1127 -2.06 2.14 -32.12
N VAL A 1128 -1.80 2.68 -33.31
CA VAL A 1128 -2.80 2.65 -34.36
C VAL A 1128 -2.18 2.27 -35.70
N ALA A 1129 -3.00 1.68 -36.55
CA ALA A 1129 -2.70 1.55 -37.97
C ALA A 1129 -3.81 2.26 -38.71
N ILE A 1130 -3.45 3.28 -39.48
CA ILE A 1130 -4.43 4.15 -40.16
C ILE A 1130 -4.56 3.70 -41.60
N ASP A 1131 -5.80 3.51 -42.06
CA ASP A 1131 -6.09 3.18 -43.45
C ASP A 1131 -5.46 4.16 -44.44
N ALA A 1132 -4.50 3.68 -45.24
CA ALA A 1132 -3.82 4.56 -46.19
C ALA A 1132 -4.73 4.97 -47.33
N ALA A 1133 -5.78 4.19 -47.61
CA ALA A 1133 -6.73 4.54 -48.66
C ALA A 1133 -7.60 5.72 -48.30
N SER A 1134 -7.53 6.20 -47.06
CA SER A 1134 -8.26 7.39 -46.66
C SER A 1134 -7.72 8.64 -47.33
N GLY A 1135 -6.47 8.62 -47.79
CA GLY A 1135 -5.86 9.79 -48.38
C GLY A 1135 -5.58 10.91 -47.42
N LEU A 1136 -5.55 10.63 -46.12
CA LEU A 1136 -5.41 11.69 -45.12
C LEU A 1136 -3.99 11.83 -44.58
N GLN A 1137 -2.99 11.30 -45.30
CA GLN A 1137 -1.62 11.35 -44.81
C GLN A 1137 -1.16 12.78 -44.54
N ALA A 1138 -1.57 13.73 -45.37
CA ALA A 1138 -1.13 15.12 -45.17
C ALA A 1138 -1.72 15.77 -43.93
N SER A 1139 -2.68 15.12 -43.27
CA SER A 1139 -3.24 15.64 -42.03
C SER A 1139 -2.37 15.35 -40.81
N LEU A 1140 -1.36 14.48 -40.93
CA LEU A 1140 -0.55 14.06 -39.79
C LEU A 1140 0.92 14.36 -40.02
N LYS A 1141 1.23 15.53 -40.57
CA LYS A 1141 2.62 15.89 -40.85
C LYS A 1141 3.30 16.45 -39.59
N ASN A 1142 4.58 16.12 -39.45
CA ASN A 1142 5.43 16.66 -38.39
C ASN A 1142 4.97 16.23 -37.00
N LEU A 1143 4.60 14.95 -36.85
CA LEU A 1143 4.21 14.46 -35.54
C LEU A 1143 5.40 14.42 -34.59
N PRO A 1144 5.19 14.70 -33.30
CA PRO A 1144 6.22 14.41 -32.31
C PRO A 1144 6.65 12.95 -32.41
N GLN A 1145 7.93 12.69 -32.16
CA GLN A 1145 8.44 11.34 -32.27
C GLN A 1145 7.69 10.37 -31.36
N THR A 1146 7.29 10.83 -30.16
CA THR A 1146 6.52 9.96 -29.26
C THR A 1146 5.23 9.48 -29.91
N VAL A 1147 4.55 10.37 -30.64
CA VAL A 1147 3.31 10.00 -31.30
C VAL A 1147 3.59 9.17 -32.55
N GLY A 1148 4.59 9.57 -33.34
CA GLY A 1148 4.94 8.81 -34.51
C GLY A 1148 5.25 7.34 -34.22
N LEU A 1149 5.87 7.07 -33.06
CA LEU A 1149 6.17 5.70 -32.68
C LEU A 1149 4.91 4.85 -32.57
N ARG A 1150 3.78 5.49 -32.26
CA ARG A 1150 2.52 4.77 -32.12
C ARG A 1150 1.69 4.75 -33.40
N VAL A 1151 2.13 5.42 -34.46
CA VAL A 1151 1.33 5.59 -35.66
C VAL A 1151 2.00 4.86 -36.82
N SER A 1152 1.22 4.02 -37.49
CA SER A 1152 1.61 3.44 -38.77
C SER A 1152 0.45 3.60 -39.73
N TRP A 1153 0.77 3.55 -41.02
CA TRP A 1153 -0.22 3.61 -42.08
C TRP A 1153 -0.30 2.26 -42.77
N SER A 1154 -1.52 1.81 -43.07
CA SER A 1154 -1.71 0.47 -43.61
C SER A 1154 -2.45 0.54 -44.94
N LYS A 1155 -1.80 0.06 -46.00
CA LYS A 1155 -2.47 -0.12 -47.28
C LYS A 1155 -3.05 -1.52 -47.44
N ASP A 1156 -2.56 -2.50 -46.68
CA ASP A 1156 -3.04 -3.88 -46.73
C ASP A 1156 -3.32 -4.30 -45.29
N TRP A 1157 -4.57 -4.17 -44.86
CA TRP A 1157 -4.87 -4.38 -43.45
C TRP A 1157 -4.56 -5.80 -42.99
N ALA A 1158 -4.74 -6.79 -43.86
CA ALA A 1158 -4.52 -8.18 -43.44
C ALA A 1158 -3.05 -8.46 -43.18
N ALA A 1159 -2.16 -7.75 -43.86
CA ALA A 1159 -0.73 -7.96 -43.65
C ALA A 1159 -0.22 -7.32 -42.36
N ASP A 1160 -0.94 -6.33 -41.84
CA ASP A 1160 -0.43 -5.50 -40.76
C ASP A 1160 -1.07 -5.79 -39.41
N GLY A 1161 -1.88 -6.83 -39.31
CA GLY A 1161 -2.47 -7.22 -38.05
C GLY A 1161 -1.55 -8.12 -37.25
N PRO A 1162 -2.07 -8.73 -36.16
CA PRO A 1162 -3.46 -8.63 -35.73
C PRO A 1162 -3.76 -7.30 -35.07
N PHE A 1163 -4.99 -6.82 -35.26
CA PHE A 1163 -5.43 -5.64 -34.55
C PHE A 1163 -6.19 -6.05 -33.30
N ALA A 1164 -6.41 -5.09 -32.41
CA ALA A 1164 -7.11 -5.34 -31.15
C ALA A 1164 -8.45 -4.62 -31.08
N GLY A 1165 -8.85 -3.97 -32.16
CA GLY A 1165 -10.10 -3.25 -32.23
C GLY A 1165 -10.03 -2.33 -33.44
N ALA A 1166 -11.15 -1.65 -33.72
CA ALA A 1166 -11.18 -0.77 -34.87
C ALA A 1166 -12.11 0.40 -34.60
N LEU A 1167 -11.79 1.54 -35.19
CA LEU A 1167 -12.61 2.74 -35.20
C LEU A 1167 -12.86 3.12 -36.65
N VAL A 1168 -14.13 3.33 -37.01
CA VAL A 1168 -14.54 3.55 -38.38
C VAL A 1168 -15.38 4.83 -38.45
N GLU A 1169 -15.13 5.65 -39.46
CA GLU A 1169 -15.93 6.84 -39.75
C GLU A 1169 -16.53 6.72 -41.14
N GLY A 1170 -17.82 7.00 -41.25
CA GLY A 1170 -18.44 7.02 -42.56
C GLY A 1170 -19.95 7.00 -42.47
N ASP A 1171 -20.58 7.11 -43.65
CA ASP A 1171 -22.03 6.92 -43.71
C ASP A 1171 -22.36 5.43 -43.61
N ALA A 1172 -23.65 5.11 -43.62
CA ALA A 1172 -24.07 3.75 -43.28
C ALA A 1172 -23.47 2.72 -44.23
N GLU A 1173 -23.49 3.00 -45.54
CA GLU A 1173 -22.98 1.99 -46.47
C GLU A 1173 -21.46 1.91 -46.44
N ARG A 1174 -20.78 3.02 -46.11
CA ARG A 1174 -19.34 2.93 -45.89
C ARG A 1174 -19.02 2.07 -44.66
N ILE A 1175 -19.78 2.25 -43.58
CA ILE A 1175 -19.59 1.44 -42.39
C ILE A 1175 -19.81 -0.04 -42.70
N ARG A 1176 -20.88 -0.35 -43.44
CA ARG A 1176 -21.17 -1.74 -43.79
C ARG A 1176 -20.03 -2.35 -44.61
N ALA A 1177 -19.53 -1.60 -45.60
CA ALA A 1177 -18.44 -2.08 -46.44
C ALA A 1177 -17.19 -2.33 -45.62
N VAL A 1178 -16.83 -1.39 -44.75
CA VAL A 1178 -15.65 -1.55 -43.92
C VAL A 1178 -15.82 -2.70 -42.95
N ASN A 1179 -17.03 -2.88 -42.41
CA ASN A 1179 -17.28 -3.98 -41.48
CA ASN A 1179 -17.28 -3.99 -41.49
C ASN A 1179 -17.01 -5.33 -42.15
N LYS A 1180 -17.43 -5.47 -43.42
CA LYS A 1180 -17.15 -6.70 -44.17
CA LYS A 1180 -17.15 -6.70 -44.16
C LYS A 1180 -15.66 -6.89 -44.39
N ALA A 1181 -14.94 -5.82 -44.75
CA ALA A 1181 -13.49 -5.92 -44.95
C ALA A 1181 -12.80 -6.28 -43.64
N ILE A 1182 -13.26 -5.73 -42.51
CA ILE A 1182 -12.63 -6.05 -41.23
C ILE A 1182 -12.90 -7.50 -40.86
N ALA A 1183 -14.12 -7.99 -41.09
CA ALA A 1183 -14.45 -9.37 -40.76
C ALA A 1183 -13.62 -10.35 -41.57
N ALA A 1184 -13.14 -9.95 -42.75
CA ALA A 1184 -12.35 -10.82 -43.60
C ALA A 1184 -10.90 -10.91 -43.17
N LEU A 1185 -10.46 -10.05 -42.25
CA LEU A 1185 -9.08 -10.10 -41.79
C LEU A 1185 -8.83 -11.42 -41.07
N PRO A 1186 -7.65 -12.02 -41.24
CA PRO A 1186 -7.36 -13.27 -40.53
C PRO A 1186 -7.26 -13.04 -39.03
N GLY A 1187 -7.54 -14.11 -38.28
CA GLY A 1187 -7.25 -14.09 -36.86
C GLY A 1187 -8.40 -13.63 -35.97
N PRO A 1188 -8.11 -12.74 -35.02
CA PRO A 1188 -9.07 -12.46 -33.95
C PRO A 1188 -10.26 -11.66 -34.46
N LEU A 1189 -11.39 -11.85 -33.80
CA LEU A 1189 -12.52 -10.97 -34.00
C LEU A 1189 -12.17 -9.59 -33.47
N LEU A 1190 -12.54 -8.55 -34.20
CA LEU A 1190 -12.26 -7.18 -33.78
C LEU A 1190 -13.52 -6.52 -33.25
N LEU A 1191 -13.39 -5.88 -32.09
CA LEU A 1191 -14.47 -5.04 -31.57
C LEU A 1191 -14.42 -3.71 -32.32
N VAL A 1192 -15.38 -3.51 -33.22
CA VAL A 1192 -15.45 -2.37 -34.12
C VAL A 1192 -16.42 -1.35 -33.54
N GLN A 1193 -16.02 -0.08 -33.54
CA GLN A 1193 -16.93 1.02 -33.25
C GLN A 1193 -16.99 1.94 -34.47
N ALA A 1194 -18.20 2.34 -34.85
CA ALA A 1194 -18.40 3.16 -36.03
C ALA A 1194 -19.20 4.42 -35.67
N ALA A 1195 -18.98 5.46 -36.46
CA ALA A 1195 -19.69 6.71 -36.28
C ALA A 1195 -19.67 7.49 -37.59
N SER A 1196 -20.72 8.27 -37.83
CA SER A 1196 -20.69 9.19 -38.95
C SER A 1196 -19.88 10.43 -38.61
N SER A 1197 -19.51 11.18 -39.64
CA SER A 1197 -18.81 12.44 -39.39
C SER A 1197 -19.66 13.36 -38.52
N GLY A 1198 -20.97 13.42 -38.80
CA GLY A 1198 -21.86 14.25 -37.99
C GLY A 1198 -21.96 13.80 -36.55
N GLU A 1199 -21.97 12.49 -36.32
CA GLU A 1199 -21.99 11.96 -34.98
C GLU A 1199 -20.72 12.33 -34.21
N ILE A 1200 -19.57 12.28 -34.89
CA ILE A 1200 -18.32 12.70 -34.25
C ILE A 1200 -18.38 14.17 -33.87
N ALA A 1201 -19.02 15.01 -34.71
CA ALA A 1201 -19.16 16.42 -34.39
C ALA A 1201 -20.11 16.65 -33.22
N ARG A 1202 -21.20 15.87 -33.14
CA ARG A 1202 -22.25 16.12 -32.16
C ARG A 1202 -21.99 15.44 -30.82
N ASN A 1203 -21.38 14.26 -30.82
CA ASN A 1203 -21.31 13.41 -29.62
C ASN A 1203 -19.86 13.20 -29.20
N PRO A 1204 -19.42 13.80 -28.10
CA PRO A 1204 -18.05 13.57 -27.64
C PRO A 1204 -17.74 12.12 -27.34
N ASP A 1205 -18.77 11.31 -27.06
CA ASP A 1205 -18.60 9.89 -26.77
C ASP A 1205 -18.97 9.03 -27.98
N ALA A 1206 -18.89 9.59 -29.18
CA ALA A 1206 -19.16 8.83 -30.40
C ALA A 1206 -18.41 7.50 -30.39
N TYR A 1207 -17.15 7.52 -29.98
CA TYR A 1207 -16.35 6.32 -29.76
C TYR A 1207 -16.17 6.15 -28.26
N CYS A 1208 -16.62 5.02 -27.74
CA CYS A 1208 -16.63 4.80 -26.31
C CYS A 1208 -15.28 4.26 -25.85
N LEU A 1209 -14.69 4.91 -24.85
CA LEU A 1209 -13.37 4.51 -24.38
C LEU A 1209 -13.41 3.20 -23.59
N ASN A 1210 -14.59 2.78 -23.14
CA ASN A 1210 -14.72 1.49 -22.44
C ASN A 1210 -14.18 0.35 -23.28
N TRP A 1211 -14.40 0.38 -24.60
CA TRP A 1211 -14.08 -0.74 -25.47
C TRP A 1211 -12.71 -0.58 -26.12
N LEU A 1212 -11.94 0.42 -25.72
CA LEU A 1212 -10.58 0.64 -26.22
C LEU A 1212 -9.52 0.31 -25.18
N VAL A 1213 -9.92 -0.15 -24.01
CA VAL A 1213 -8.99 -0.71 -23.04
C VAL A 1213 -9.25 -2.20 -22.91
N GLU A 1214 -8.31 -2.88 -22.27
CA GLU A 1214 -8.35 -4.32 -22.07
C GLU A 1214 -8.33 -4.59 -20.59
N GLU A 1215 -9.26 -5.43 -20.12
CA GLU A 1215 -9.28 -5.80 -18.72
C GLU A 1215 -8.34 -6.98 -18.47
N VAL A 1216 -7.61 -6.91 -17.36
CA VAL A 1216 -6.78 -8.01 -16.92
C VAL A 1216 -7.10 -8.33 -15.47
N SER A 1217 -7.36 -9.60 -15.18
CA SER A 1217 -7.58 -10.11 -13.83
C SER A 1217 -6.36 -10.90 -13.41
N ALA A 1218 -5.89 -10.68 -12.19
CA ALA A 1218 -4.79 -11.48 -11.65
C ALA A 1218 -5.14 -11.99 -10.26
N SER A 1219 -5.01 -13.29 -10.06
CA SER A 1219 -5.29 -13.94 -8.78
C SER A 1219 -4.02 -14.56 -8.23
N ILE A 1220 -3.59 -14.09 -7.06
CA ILE A 1220 -2.34 -14.49 -6.42
C ILE A 1220 -2.65 -15.24 -5.15
N ASN A 1221 -2.20 -16.49 -5.06
CA ASN A 1221 -2.32 -17.28 -3.84
C ASN A 1221 -1.25 -16.82 -2.86
N THR A 1222 -1.63 -16.02 -1.86
CA THR A 1222 -0.67 -15.47 -0.92
C THR A 1222 -0.42 -16.39 0.26
N ALA A 1223 -1.10 -17.54 0.30
CA ALA A 1223 -0.84 -18.57 1.30
C ALA A 1223 0.12 -19.63 0.80
N ALA A 1224 0.65 -19.49 -0.42
CA ALA A 1224 1.40 -20.56 -1.07
C ALA A 1224 2.66 -20.92 -0.30
N ALA A 1225 3.24 -19.96 0.43
CA ALA A 1225 4.48 -20.24 1.17
C ALA A 1225 4.25 -21.09 2.40
N GLY A 1226 2.99 -21.41 2.73
CA GLY A 1226 2.69 -22.28 3.83
C GLY A 1226 1.87 -21.65 4.93
N GLY A 1227 1.44 -20.40 4.78
CA GLY A 1227 0.58 -19.80 5.77
C GLY A 1227 0.16 -18.41 5.33
N ASN A 1228 -0.62 -17.76 6.18
CA ASN A 1228 -1.30 -16.51 5.86
C ASN A 1228 -0.80 -15.41 6.79
N ALA A 1229 -0.06 -14.46 6.23
CA ALA A 1229 0.54 -13.40 7.06
C ALA A 1229 -0.53 -12.49 7.66
N SER A 1230 -1.57 -12.16 6.89
CA SER A 1230 -2.60 -11.26 7.41
C SER A 1230 -3.31 -11.87 8.62
N LEU A 1231 -3.63 -13.16 8.56
CA LEU A 1231 -4.34 -13.82 9.65
C LEU A 1231 -3.44 -14.10 10.86
N MET A 1232 -2.12 -13.96 10.73
CA MET A 1232 -1.25 -14.09 11.89
C MET A 1232 -1.55 -13.02 12.95
N ALA A 1233 -2.10 -11.88 12.54
CA ALA A 1233 -2.49 -10.83 13.47
C ALA A 1233 -3.95 -10.93 13.90
N ILE A 1234 -4.66 -11.97 13.47
CA ILE A 1234 -6.07 -12.15 13.80
C ILE A 1234 -6.17 -13.26 14.84
N GLY A 1235 -6.46 -12.87 16.07
CA GLY A 1235 -6.67 -13.81 17.17
C GLY A 1235 -7.81 -13.35 18.03
N ALA B 16 26.86 52.41 15.84
CA ALA B 16 26.59 51.03 15.45
C ALA B 16 26.14 50.20 16.65
N PRO B 17 24.92 49.68 16.61
CA PRO B 17 24.39 48.91 17.75
C PRO B 17 25.25 47.69 18.02
N ALA B 18 25.46 47.40 19.30
CA ALA B 18 26.29 46.27 19.68
C ALA B 18 25.62 44.97 19.23
N PRO B 19 26.40 44.01 18.72
CA PRO B 19 25.79 42.77 18.21
C PRO B 19 24.96 42.06 19.28
N PHE B 20 23.74 41.71 18.90
CA PHE B 20 22.80 40.94 19.72
C PHE B 20 22.36 41.65 21.00
N ALA B 21 22.65 42.95 21.15
CA ALA B 21 22.25 43.68 22.34
C ALA B 21 20.72 43.76 22.49
N ASP B 22 19.97 43.52 21.42
CA ASP B 22 18.53 43.61 21.47
C ASP B 22 17.91 42.38 20.82
N PHE B 23 18.52 41.22 21.05
CA PHE B 23 18.17 40.06 20.23
C PHE B 23 16.71 39.63 20.46
N ALA B 24 16.34 39.38 21.71
CA ALA B 24 14.98 38.92 21.98
C ALA B 24 14.55 39.23 23.41
N PRO B 25 14.55 40.49 23.83
CA PRO B 25 14.18 40.80 25.20
C PRO B 25 12.74 40.40 25.47
N PRO B 26 12.46 39.80 26.63
CA PRO B 26 11.08 39.44 26.96
C PRO B 26 10.21 40.68 27.15
N VAL B 27 8.90 40.46 26.96
CA VAL B 27 7.92 41.52 27.17
C VAL B 27 8.01 42.07 28.60
N ARG B 28 8.21 41.19 29.58
CA ARG B 28 8.31 41.58 30.98
C ARG B 28 9.25 40.63 31.69
N PRO B 29 9.81 41.03 32.83
CA PRO B 29 10.60 40.08 33.63
C PRO B 29 9.72 38.91 34.05
N GLN B 30 10.28 37.72 33.96
CA GLN B 30 9.52 36.49 34.20
C GLN B 30 9.43 36.23 35.70
N SER B 31 8.21 36.22 36.22
CA SER B 31 7.93 35.90 37.61
C SER B 31 8.24 34.44 37.91
N THR B 32 8.26 34.10 39.20
CA THR B 32 8.38 32.70 39.61
C THR B 32 7.31 31.85 38.95
N LEU B 33 6.06 32.32 38.94
CA LEU B 33 4.98 31.53 38.32
C LEU B 33 5.15 31.42 36.82
N ARG B 34 5.58 32.50 36.14
CA ARG B 34 5.81 32.40 34.70
C ARG B 34 6.96 31.45 34.40
N ARG B 35 8.00 31.46 35.24
CA ARG B 35 9.12 30.56 35.00
C ARG B 35 8.74 29.10 35.18
N ALA B 36 7.80 28.82 36.10
CA ALA B 36 7.37 27.44 36.28
C ALA B 36 6.60 26.93 35.07
N ILE B 37 5.88 27.81 34.38
CA ILE B 37 5.23 27.44 33.11
C ILE B 37 6.29 27.08 32.08
N THR B 38 7.25 27.98 31.84
CA THR B 38 8.26 27.72 30.82
C THR B 38 9.04 26.44 31.11
N ALA B 39 9.33 26.18 32.38
CA ALA B 39 10.11 24.99 32.76
C ALA B 39 9.40 23.70 32.35
N ALA B 40 8.07 23.73 32.24
CA ALA B 40 7.32 22.50 31.91
C ALA B 40 7.09 22.31 30.42
N TYR B 41 7.54 23.25 29.58
CA TYR B 41 7.15 23.31 28.16
C TYR B 41 7.25 21.95 27.48
N ARG B 42 8.41 21.28 27.59
CA ARG B 42 8.63 19.99 26.94
C ARG B 42 9.09 18.95 27.96
N ARG B 43 8.53 19.02 29.16
CA ARG B 43 8.89 18.08 30.21
C ARG B 43 8.59 16.65 29.76
N PRO B 44 9.46 15.69 30.06
CA PRO B 44 9.17 14.30 29.71
C PRO B 44 7.81 13.85 30.22
N GLU B 45 7.11 13.04 29.41
CA GLU B 45 5.78 12.59 29.76
C GLU B 45 5.78 11.80 31.06
N THR B 46 6.83 11.00 31.30
CA THR B 46 6.93 10.23 32.53
C THR B 46 7.10 11.11 33.76
N GLU B 47 7.57 12.35 33.59
CA GLU B 47 7.62 13.26 34.74
C GLU B 47 6.31 14.02 34.93
N CYS B 48 5.58 14.27 33.84
CA CYS B 48 4.34 15.03 33.93
C CYS B 48 3.24 14.25 34.62
N LEU B 49 3.12 12.97 34.33
CA LEU B 49 1.90 12.24 34.69
C LEU B 49 1.74 11.96 36.18
N PRO B 50 2.78 11.57 36.93
CA PRO B 50 2.55 11.17 38.33
C PRO B 50 1.88 12.24 39.17
N PRO B 51 2.31 13.53 39.10
CA PRO B 51 1.55 14.53 39.88
C PRO B 51 0.13 14.75 39.39
N LEU B 52 -0.13 14.56 38.09
CA LEU B 52 -1.50 14.69 37.60
C LEU B 52 -2.36 13.54 38.11
N VAL B 53 -1.82 12.32 38.11
CA VAL B 53 -2.54 11.19 38.69
C VAL B 53 -2.92 11.48 40.13
N GLU B 54 -1.96 12.00 40.91
CA GLU B 54 -2.22 12.31 42.32
C GLU B 54 -3.35 13.34 42.45
N ALA B 55 -3.29 14.41 41.65
CA ALA B 55 -4.30 15.47 41.74
C ALA B 55 -5.67 15.00 41.23
N ALA B 56 -5.70 14.05 40.31
CA ALA B 56 -6.95 13.57 39.73
C ALA B 56 -7.59 12.45 40.53
N THR B 57 -6.94 11.99 41.61
CA THR B 57 -7.44 10.86 42.39
C THR B 57 -8.72 11.24 43.12
N GLN B 58 -9.71 10.34 43.08
CA GLN B 58 -10.95 10.51 43.81
C GLN B 58 -11.27 9.23 44.57
N SER B 59 -12.11 9.37 45.60
CA SER B 59 -12.48 8.25 46.45
C SER B 59 -13.26 7.20 45.66
N LYS B 60 -13.31 5.98 46.22
CA LYS B 60 -14.09 4.93 45.60
C LYS B 60 -15.56 5.31 45.50
N GLU B 61 -16.10 5.94 46.56
CA GLU B 61 -17.49 6.37 46.54
C GLU B 61 -17.76 7.26 45.34
N ILE B 62 -16.94 8.29 45.15
CA ILE B 62 -17.14 9.22 44.06
C ILE B 62 -16.92 8.54 42.71
N ARG B 63 -15.91 7.68 42.62
CA ARG B 63 -15.64 7.00 41.35
C ARG B 63 -16.79 6.08 40.97
N ASP B 64 -17.36 5.37 41.95
CA ASP B 64 -18.53 4.54 41.67
C ASP B 64 -19.71 5.41 41.24
N ALA B 65 -19.96 6.50 41.95
CA ALA B 65 -21.08 7.39 41.60
C ALA B 65 -20.88 8.00 40.22
N ALA B 66 -19.64 8.37 39.88
CA ALA B 66 -19.39 8.97 38.57
C ALA B 66 -19.57 7.95 37.45
N ALA B 67 -19.17 6.71 37.68
CA ALA B 67 -19.35 5.69 36.65
C ALA B 67 -20.83 5.42 36.38
N SER B 68 -21.67 5.44 37.42
CA SER B 68 -23.10 5.24 37.19
C SER B 68 -23.72 6.45 36.52
N THR B 69 -23.28 7.66 36.85
CA THR B 69 -23.77 8.85 36.16
C THR B 69 -23.35 8.84 34.70
N ALA B 70 -22.10 8.46 34.42
CA ALA B 70 -21.65 8.38 33.04
C ALA B 70 -22.42 7.31 32.29
N ARG B 71 -22.69 6.17 32.95
CA ARG B 71 -23.47 5.13 32.30
C ARG B 71 -24.85 5.64 31.92
N LYS B 72 -25.51 6.33 32.85
CA LYS B 72 -26.82 6.89 32.57
C LYS B 72 -26.78 7.87 31.40
N LEU B 73 -25.74 8.70 31.34
CA LEU B 73 -25.62 9.63 30.22
C LEU B 73 -25.42 8.89 28.90
N ILE B 74 -24.58 7.84 28.90
CA ILE B 74 -24.24 7.16 27.67
C ILE B 74 -25.42 6.34 27.16
N GLU B 75 -26.16 5.70 28.07
CA GLU B 75 -27.37 4.99 27.66
C GLU B 75 -28.39 5.95 27.07
N ALA B 76 -28.52 7.15 27.66
CA ALA B 76 -29.40 8.16 27.10
C ALA B 76 -28.96 8.57 25.70
N LEU B 77 -27.65 8.78 25.51
CA LEU B 77 -27.14 9.18 24.21
C LEU B 77 -27.35 8.10 23.16
N ARG B 78 -27.05 6.84 23.52
CA ARG B 78 -27.17 5.77 22.53
C ARG B 78 -28.62 5.40 22.29
N GLY B 79 -29.50 5.65 23.27
CA GLY B 79 -30.90 5.27 23.14
C GLY B 79 -31.68 6.20 22.25
N LYS B 80 -31.26 7.45 22.14
CA LYS B 80 -31.93 8.41 21.28
C LYS B 80 -31.20 8.63 19.96
N HIS B 81 -30.04 8.01 19.79
CA HIS B 81 -29.33 8.10 18.52
C HIS B 81 -30.17 7.45 17.42
N SER B 82 -30.63 8.25 16.47
CA SER B 82 -31.45 7.76 15.36
C SER B 82 -30.67 7.62 14.07
N GLY B 83 -29.92 8.66 13.69
CA GLY B 83 -29.16 8.62 12.45
C GLY B 83 -29.10 9.96 11.74
N SER B 84 -27.93 10.31 11.22
CA SER B 84 -27.71 11.61 10.61
C SER B 84 -28.52 11.77 9.33
N GLY B 85 -28.59 13.01 8.84
CA GLY B 85 -29.26 13.27 7.58
C GLY B 85 -28.48 12.70 6.41
N VAL B 86 -27.16 12.82 6.43
CA VAL B 86 -26.36 12.34 5.31
C VAL B 86 -26.44 10.81 5.22
N GLU B 87 -26.45 10.12 6.36
CA GLU B 87 -26.58 8.67 6.34
C GLU B 87 -27.93 8.24 5.77
N GLY B 88 -28.99 8.97 6.11
CA GLY B 88 -30.29 8.67 5.53
C GLY B 88 -30.35 8.95 4.04
N LEU B 89 -29.60 9.95 3.59
CA LEU B 89 -29.55 10.25 2.16
C LEU B 89 -28.79 9.16 1.40
N VAL B 90 -27.64 8.75 1.94
CA VAL B 90 -26.86 7.68 1.34
C VAL B 90 -27.67 6.38 1.30
N GLN B 91 -28.45 6.11 2.34
CA GLN B 91 -29.28 4.91 2.35
C GLN B 91 -30.41 4.99 1.32
N GLU B 92 -31.09 6.14 1.26
CA GLU B 92 -32.27 6.23 0.40
C GLU B 92 -31.92 6.10 -1.08
N TYR B 93 -30.77 6.62 -1.48
CA TYR B 93 -30.39 6.58 -2.89
C TYR B 93 -29.30 5.56 -3.18
N SER B 94 -28.97 4.71 -2.20
CA SER B 94 -27.99 3.64 -2.37
C SER B 94 -26.66 4.20 -2.88
N LEU B 95 -26.22 5.28 -2.25
CA LEU B 95 -24.99 5.94 -2.66
C LEU B 95 -23.77 5.20 -2.15
N SER B 96 -22.74 5.14 -2.99
CA SER B 96 -21.43 4.80 -2.48
C SER B 96 -20.86 6.00 -1.73
N SER B 97 -19.73 5.78 -1.04
CA SER B 97 -19.09 6.88 -0.33
C SER B 97 -18.68 7.99 -1.28
N GLN B 98 -18.03 7.63 -2.39
CA GLN B 98 -17.61 8.64 -3.36
C GLN B 98 -18.81 9.37 -3.95
N GLU B 99 -19.92 8.65 -4.15
CA GLU B 99 -21.13 9.30 -4.65
C GLU B 99 -21.68 10.29 -3.63
N GLY B 100 -21.68 9.91 -2.35
CA GLY B 100 -22.10 10.84 -1.31
C GLY B 100 -21.23 12.08 -1.28
N VAL B 101 -19.90 11.91 -1.34
CA VAL B 101 -18.98 13.03 -1.34
C VAL B 101 -19.22 13.93 -2.55
N ALA B 102 -19.31 13.32 -3.73
CA ALA B 102 -19.51 14.08 -4.97
C ALA B 102 -20.80 14.86 -4.93
N LEU B 103 -21.87 14.24 -4.42
CA LEU B 103 -23.17 14.90 -4.32
C LEU B 103 -23.10 16.12 -3.41
N MET B 104 -22.42 16.01 -2.27
CA MET B 104 -22.32 17.15 -1.37
C MET B 104 -21.48 18.27 -1.98
N CYS B 105 -20.45 17.91 -2.75
CA CYS B 105 -19.69 18.92 -3.49
C CYS B 105 -20.56 19.65 -4.50
N LEU B 106 -21.37 18.90 -5.25
CA LEU B 106 -22.31 19.54 -6.17
C LEU B 106 -23.27 20.45 -5.42
N ALA B 107 -23.79 19.97 -4.28
CA ALA B 107 -24.75 20.76 -3.51
C ALA B 107 -24.10 22.05 -3.01
N GLU B 108 -22.85 21.96 -2.52
CA GLU B 108 -22.10 23.15 -2.11
C GLU B 108 -22.02 24.16 -3.25
N ALA B 109 -21.69 23.71 -4.45
CA ALA B 109 -21.56 24.61 -5.58
C ALA B 109 -22.90 25.23 -5.95
N LEU B 110 -23.98 24.44 -5.92
CA LEU B 110 -25.30 24.99 -6.24
C LEU B 110 -25.75 26.02 -5.22
N LEU B 111 -25.33 25.87 -3.96
CA LEU B 111 -25.68 26.82 -2.92
C LEU B 111 -24.91 28.13 -3.03
N ARG B 112 -23.86 28.18 -3.84
CA ARG B 112 -23.21 29.46 -4.11
C ARG B 112 -24.03 30.33 -5.05
N ILE B 113 -25.04 29.76 -5.71
CA ILE B 113 -26.02 30.54 -6.47
C ILE B 113 -27.03 31.08 -5.48
N PRO B 114 -27.07 32.41 -5.25
CA PRO B 114 -27.96 32.93 -4.19
C PRO B 114 -29.43 32.96 -4.59
N ASP B 115 -29.73 33.08 -5.87
CA ASP B 115 -31.11 33.19 -6.34
C ASP B 115 -31.71 31.79 -6.43
N THR B 116 -32.68 31.50 -5.55
CA THR B 116 -33.28 30.17 -5.50
C THR B 116 -33.87 29.77 -6.85
N ALA B 117 -34.53 30.70 -7.54
CA ALA B 117 -35.15 30.34 -8.82
C ALA B 117 -34.12 30.04 -9.88
N THR B 118 -33.01 30.78 -9.90
CA THR B 118 -31.95 30.53 -10.86
C THR B 118 -31.26 29.20 -10.58
N ARG B 119 -31.13 28.87 -9.29
CA ARG B 119 -30.52 27.60 -8.91
C ARG B 119 -31.41 26.42 -9.30
N ASP B 120 -32.71 26.53 -8.99
CA ASP B 120 -33.63 25.45 -9.33
C ASP B 120 -33.75 25.28 -10.84
N ALA B 121 -33.66 26.36 -11.60
CA ALA B 121 -33.72 26.23 -13.06
C ALA B 121 -32.49 25.50 -13.60
N LEU B 122 -31.31 25.81 -13.04
CA LEU B 122 -30.09 25.12 -13.46
C LEU B 122 -30.19 23.63 -13.16
N ILE B 123 -30.72 23.26 -12.00
CA ILE B 123 -30.84 21.85 -11.63
C ILE B 123 -31.75 21.11 -12.60
N ARG B 124 -32.94 21.65 -12.85
CA ARG B 124 -33.93 20.93 -13.66
C ARG B 124 -33.53 20.90 -15.13
N ASP B 125 -32.89 21.96 -15.63
CA ASP B 125 -32.67 22.10 -17.06
C ASP B 125 -31.25 21.76 -17.50
N LYS B 126 -30.27 21.82 -16.60
CA LYS B 126 -28.88 21.59 -16.97
C LYS B 126 -28.25 20.45 -16.19
N ILE B 127 -28.40 20.42 -14.86
CA ILE B 127 -27.68 19.46 -14.05
C ILE B 127 -28.30 18.07 -14.13
N ALA B 128 -29.64 17.99 -14.02
CA ALA B 128 -30.30 16.70 -14.03
C ALA B 128 -30.14 15.99 -15.38
N ASP B 129 -29.85 16.73 -16.44
CA ASP B 129 -29.50 16.17 -17.74
C ASP B 129 -28.03 15.76 -17.82
N GLY B 130 -27.33 15.69 -16.68
CA GLY B 130 -25.95 15.26 -16.64
C GLY B 130 -24.92 16.28 -17.04
N ASN B 131 -25.32 17.39 -17.65
CA ASN B 131 -24.37 18.36 -18.17
C ASN B 131 -23.75 19.20 -17.05
N TRP B 132 -23.40 18.55 -15.94
CA TRP B 132 -22.93 19.29 -14.78
C TRP B 132 -21.53 19.83 -14.99
N LYS B 133 -20.74 19.20 -15.86
CA LYS B 133 -19.35 19.60 -16.05
C LYS B 133 -19.26 21.02 -16.60
N SER B 134 -20.05 21.33 -17.62
CA SER B 134 -19.93 22.60 -18.31
C SER B 134 -20.36 23.78 -17.43
N HIS B 135 -21.30 23.58 -16.51
CA HIS B 135 -22.01 24.68 -15.89
C HIS B 135 -21.64 24.95 -14.44
N LEU B 136 -20.75 24.18 -13.84
CA LEU B 136 -20.34 24.46 -12.47
C LEU B 136 -18.85 24.21 -12.26
N ARG B 140 -12.74 26.28 -11.80
CA ARG B 140 -12.67 25.80 -10.42
C ARG B 140 -13.35 24.42 -10.32
N SER B 141 -12.58 23.43 -9.88
CA SER B 141 -13.13 22.08 -9.72
C SER B 141 -14.32 22.10 -8.78
N LEU B 142 -15.34 21.32 -9.14
CA LEU B 142 -16.45 21.10 -8.21
C LEU B 142 -15.97 20.52 -6.89
N PHE B 143 -14.82 19.85 -6.89
CA PHE B 143 -14.43 18.99 -5.78
C PHE B 143 -13.33 19.61 -4.91
N VAL B 144 -13.15 20.94 -4.97
CA VAL B 144 -12.11 21.61 -4.19
C VAL B 144 -12.19 21.26 -2.71
N ASN B 145 -13.41 21.18 -2.16
CA ASN B 145 -13.59 20.91 -0.74
C ASN B 145 -14.01 19.47 -0.47
N ALA B 146 -13.69 18.54 -1.37
CA ALA B 146 -14.12 17.16 -1.18
C ALA B 146 -13.46 16.49 0.02
N ALA B 147 -12.28 16.95 0.44
CA ALA B 147 -11.70 16.36 1.65
C ALA B 147 -12.59 16.63 2.86
N THR B 148 -13.18 17.82 2.92
CA THR B 148 -14.08 18.16 4.01
C THR B 148 -15.36 17.33 3.94
N TRP B 149 -15.96 17.22 2.76
CA TRP B 149 -17.14 16.40 2.61
C TRP B 149 -16.83 14.92 2.80
N GLY B 150 -15.61 14.49 2.47
CA GLY B 150 -15.23 13.12 2.75
C GLY B 150 -15.25 12.82 4.23
N LEU B 151 -14.82 13.79 5.05
CA LEU B 151 -14.93 13.62 6.49
C LEU B 151 -16.37 13.53 6.93
N VAL B 152 -17.23 14.38 6.36
CA VAL B 152 -18.65 14.36 6.70
C VAL B 152 -19.28 13.02 6.34
N VAL B 153 -18.94 12.48 5.16
CA VAL B 153 -19.62 11.30 4.66
C VAL B 153 -19.03 10.02 5.25
N THR B 154 -17.70 9.94 5.35
CA THR B 154 -17.03 8.70 5.73
C THR B 154 -16.35 8.74 7.09
N GLY B 155 -16.16 9.92 7.66
CA GLY B 155 -15.39 10.05 8.88
C GLY B 155 -13.89 9.91 8.72
N LYS B 156 -13.39 9.80 7.50
CA LYS B 156 -11.96 9.69 7.24
C LYS B 156 -11.50 10.90 6.43
N LEU B 157 -10.25 11.28 6.64
CA LEU B 157 -9.66 12.45 5.98
C LEU B 157 -8.62 12.01 4.97
N THR B 158 -8.73 12.51 3.75
CA THR B 158 -7.64 12.43 2.78
C THR B 158 -7.11 13.84 2.54
N SER B 159 -5.82 13.95 2.31
CA SER B 159 -5.22 15.26 2.10
C SER B 159 -5.55 15.82 0.72
N THR B 160 -5.60 14.96 -0.28
CA THR B 160 -5.96 15.35 -1.64
C THR B 160 -7.12 14.48 -2.11
N VAL B 161 -7.73 14.91 -3.22
CA VAL B 161 -9.00 14.34 -3.66
C VAL B 161 -8.80 13.66 -5.01
N ASN B 162 -9.42 12.49 -5.16
CA ASN B 162 -9.39 11.80 -6.44
C ASN B 162 -10.52 12.38 -7.28
N ASP B 163 -10.21 13.43 -8.03
CA ASP B 163 -11.22 14.14 -8.79
C ASP B 163 -11.75 13.34 -9.98
N ARG B 164 -10.98 12.38 -10.50
CA ARG B 164 -11.52 11.52 -11.55
C ARG B 164 -12.55 10.55 -10.97
N SER B 165 -12.27 10.00 -9.78
CA SER B 165 -13.22 9.12 -9.11
C SER B 165 -14.51 9.88 -8.78
N LEU B 166 -14.37 11.11 -8.27
CA LEU B 166 -15.54 11.89 -7.90
C LEU B 166 -16.35 12.30 -9.13
N ALA B 167 -15.68 12.65 -10.23
CA ALA B 167 -16.40 12.99 -11.45
C ALA B 167 -17.18 11.79 -11.97
N ALA B 168 -16.57 10.61 -11.93
CA ALA B 168 -17.26 9.39 -12.33
C ALA B 168 -18.45 9.12 -11.42
N ALA B 169 -18.27 9.33 -10.11
CA ALA B 169 -19.35 9.06 -9.16
C ALA B 169 -20.51 10.01 -9.34
N LEU B 170 -20.23 11.29 -9.59
CA LEU B 170 -21.29 12.26 -9.80
C LEU B 170 -22.07 11.98 -11.08
N THR B 171 -21.35 11.67 -12.17
CA THR B 171 -22.02 11.24 -13.39
C THR B 171 -22.90 10.03 -13.14
N ARG B 172 -22.37 9.04 -12.40
CA ARG B 172 -23.13 7.83 -12.15
C ARG B 172 -24.40 8.12 -11.38
N LEU B 173 -24.28 8.89 -10.28
CA LEU B 173 -25.45 9.08 -9.43
C LEU B 173 -26.52 9.94 -10.11
N ILE B 174 -26.09 10.95 -10.88
CA ILE B 174 -27.09 11.77 -11.57
C ILE B 174 -27.80 10.95 -12.66
N SER B 175 -27.04 10.15 -13.41
CA SER B 175 -27.65 9.35 -14.46
C SER B 175 -28.56 8.28 -13.89
N ARG B 176 -28.28 7.83 -12.67
CA ARG B 176 -29.10 6.79 -12.04
C ARG B 176 -30.35 7.39 -11.39
N CYS B 177 -30.19 8.51 -10.67
CA CYS B 177 -31.24 8.99 -9.78
C CYS B 177 -31.83 10.34 -10.15
N GLY B 178 -31.16 11.13 -11.00
CA GLY B 178 -31.78 12.33 -11.56
C GLY B 178 -31.97 13.48 -10.58
N GLU B 179 -32.93 14.35 -10.93
CA GLU B 179 -33.19 15.54 -10.13
C GLU B 179 -33.53 15.25 -8.67
N PRO B 180 -34.33 14.22 -8.32
CA PRO B 180 -34.64 14.02 -6.90
C PRO B 180 -33.42 13.89 -5.99
N VAL B 181 -32.36 13.20 -6.41
CA VAL B 181 -31.21 13.08 -5.52
C VAL B 181 -30.47 14.39 -5.45
N ILE B 182 -30.46 15.19 -6.53
CA ILE B 182 -29.83 16.50 -6.49
C ILE B 182 -30.57 17.40 -5.51
N ARG B 183 -31.90 17.38 -5.56
CA ARG B 183 -32.73 18.17 -4.66
C ARG B 183 -32.46 17.79 -3.20
N ARG B 184 -32.42 16.49 -2.90
CA ARG B 184 -32.16 16.04 -1.54
C ARG B 184 -30.76 16.45 -1.08
N GLY B 185 -29.78 16.43 -2.00
CA GLY B 185 -28.44 16.83 -1.62
C GLY B 185 -28.34 18.31 -1.32
N VAL B 186 -28.99 19.15 -2.14
CA VAL B 186 -28.98 20.59 -1.90
C VAL B 186 -29.65 20.91 -0.56
N ASP B 187 -30.82 20.32 -0.31
CA ASP B 187 -31.52 20.59 0.94
C ASP B 187 -30.71 20.11 2.15
N MET B 188 -30.00 18.99 2.00
CA MET B 188 -29.15 18.48 3.08
C MET B 188 -27.99 19.42 3.36
N ALA B 189 -27.27 19.83 2.31
CA ALA B 189 -26.13 20.73 2.51
C ALA B 189 -26.59 22.08 3.04
N MET B 190 -27.75 22.55 2.59
CA MET B 190 -28.29 23.81 3.08
C MET B 190 -28.49 23.77 4.59
N ARG B 191 -29.11 22.70 5.09
CA ARG B 191 -29.35 22.56 6.52
C ARG B 191 -28.05 22.40 7.29
N MET B 192 -27.14 21.55 6.80
CA MET B 192 -25.88 21.34 7.50
C MET B 192 -25.07 22.62 7.56
N MET B 193 -24.94 23.31 6.43
CA MET B 193 -24.09 24.49 6.40
C MET B 193 -24.77 25.72 6.99
N GLY B 194 -26.08 25.70 7.15
CA GLY B 194 -26.80 26.85 7.66
C GLY B 194 -27.22 26.72 9.11
N GLU B 195 -27.31 25.48 9.61
CA GLU B 195 -27.86 25.24 10.94
C GLU B 195 -27.03 24.34 11.82
N GLN B 196 -26.16 23.51 11.26
CA GLN B 196 -25.39 22.53 12.02
C GLN B 196 -23.95 22.98 12.22
N PHE B 197 -23.25 23.31 11.14
CA PHE B 197 -21.86 23.76 11.25
C PHE B 197 -21.79 25.15 11.86
N VAL B 198 -22.85 25.95 11.72
CA VAL B 198 -22.95 27.26 12.35
C VAL B 198 -24.29 27.36 13.04
N THR B 199 -24.34 28.23 14.04
CA THR B 199 -25.63 28.57 14.64
C THR B 199 -26.43 29.46 13.72
N GLY B 200 -25.76 30.34 12.99
CA GLY B 200 -26.42 31.18 12.01
C GLY B 200 -25.39 31.76 11.07
N GLU B 201 -25.88 32.27 9.94
CA GLU B 201 -25.00 32.91 8.98
C GLU B 201 -24.57 34.30 9.44
N THR B 202 -25.42 34.99 10.19
CA THR B 202 -25.14 36.32 10.73
C THR B 202 -25.40 36.29 12.23
N ILE B 203 -24.89 37.32 12.93
CA ILE B 203 -25.11 37.37 14.38
C ILE B 203 -26.59 37.55 14.68
N ARG B 204 -27.31 38.29 13.82
CA ARG B 204 -28.75 38.47 14.00
C ARG B 204 -29.47 37.13 14.00
N GLU B 205 -29.14 36.28 13.02
CA GLU B 205 -29.78 34.98 12.91
C GLU B 205 -29.38 34.08 14.08
N ALA B 206 -28.12 34.13 14.48
CA ALA B 206 -27.65 33.26 15.57
C ALA B 206 -28.32 33.63 16.88
N LEU B 207 -28.44 34.93 17.17
CA LEU B 207 -29.12 35.38 18.39
C LEU B 207 -30.58 34.94 18.38
N LYS B 208 -31.25 35.05 17.22
CA LYS B 208 -32.66 34.64 17.16
C LYS B 208 -32.81 33.15 17.44
N ARG B 209 -31.91 32.33 16.90
CA ARG B 209 -31.97 30.89 17.11
C ARG B 209 -31.52 30.47 18.50
N SER B 210 -30.95 31.38 19.29
CA SER B 210 -30.43 31.00 20.59
C SER B 210 -31.51 31.02 21.67
N LYS B 211 -32.65 31.64 21.42
CA LYS B 211 -33.65 31.82 22.47
C LYS B 211 -34.21 30.50 22.95
N GLU B 212 -34.38 29.53 22.04
CA GLU B 212 -35.03 28.26 22.40
C GLU B 212 -34.26 27.54 23.50
N LEU B 213 -32.94 27.41 23.33
CA LEU B 213 -32.16 26.71 24.34
C LEU B 213 -31.83 27.60 25.53
N GLU B 214 -31.76 28.92 25.36
CA GLU B 214 -31.59 29.79 26.52
C GLU B 214 -32.76 29.63 27.50
N GLU B 215 -33.99 29.46 26.98
CA GLU B 215 -35.15 29.28 27.86
C GLU B 215 -35.05 27.99 28.67
N LYS B 216 -34.31 27.00 28.17
CA LYS B 216 -34.09 25.75 28.88
C LYS B 216 -32.96 25.83 29.90
N GLY B 217 -32.15 26.89 29.87
CA GLY B 217 -31.06 27.06 30.81
C GLY B 217 -29.68 27.02 30.19
N PHE B 218 -29.57 26.91 28.87
CA PHE B 218 -28.30 27.05 28.20
C PHE B 218 -27.92 28.52 28.10
N SER B 219 -26.63 28.77 27.89
CA SER B 219 -26.10 30.08 27.53
C SER B 219 -25.24 29.91 26.29
N TYR B 220 -24.70 31.02 25.79
CA TYR B 220 -24.00 31.01 24.51
C TYR B 220 -22.71 31.82 24.57
N SER B 221 -21.75 31.40 23.74
CA SER B 221 -20.55 32.17 23.45
C SER B 221 -20.37 32.15 21.94
N TYR B 222 -20.43 33.32 21.28
CA TYR B 222 -20.44 33.36 19.83
C TYR B 222 -19.04 33.48 19.25
N ASP B 223 -18.80 32.71 18.20
CA ASP B 223 -17.51 32.65 17.52
C ASP B 223 -17.71 33.18 16.11
N MET B 224 -17.30 34.43 15.88
CA MET B 224 -17.32 35.01 14.53
C MET B 224 -16.14 34.40 13.80
N LEU B 225 -16.42 33.37 13.03
CA LEU B 225 -15.38 32.53 12.43
C LEU B 225 -14.34 33.39 11.74
N GLY B 226 -13.12 33.26 12.21
CA GLY B 226 -12.04 34.14 11.82
C GLY B 226 -10.80 33.82 12.61
N GLU B 227 -9.68 33.69 11.91
CA GLU B 227 -8.42 33.35 12.56
C GLU B 227 -7.32 33.56 11.54
N ALA B 228 -6.09 33.60 12.04
CA ALA B 228 -4.90 33.60 11.20
C ALA B 228 -4.97 34.67 10.13
N ALA B 229 -5.11 35.93 10.57
CA ALA B 229 -4.99 37.04 9.64
C ALA B 229 -3.67 36.94 8.87
N THR B 230 -3.75 37.13 7.55
CA THR B 230 -2.58 37.10 6.69
C THR B 230 -2.06 38.50 6.37
N THR B 231 -2.96 39.48 6.30
CA THR B 231 -2.62 40.85 5.96
C THR B 231 -3.20 41.80 7.00
N ALA B 232 -2.73 43.05 6.96
CA ALA B 232 -3.28 44.08 7.83
C ALA B 232 -4.78 44.25 7.58
N ALA B 233 -5.21 44.23 6.32
CA ALA B 233 -6.63 44.37 6.02
C ALA B 233 -7.45 43.24 6.61
N ASP B 234 -6.91 42.02 6.63
CA ASP B 234 -7.59 40.90 7.29
C ASP B 234 -7.82 41.20 8.76
N ALA B 235 -6.76 41.59 9.46
CA ALA B 235 -6.85 41.82 10.90
C ALA B 235 -7.80 42.96 11.21
N GLU B 236 -7.79 44.01 10.37
CA GLU B 236 -8.69 45.14 10.59
C GLU B 236 -10.14 44.72 10.40
N ARG B 237 -10.39 43.89 9.39
CA ARG B 237 -11.76 43.43 9.16
C ARG B 237 -12.23 42.56 10.32
N TYR B 238 -11.39 41.61 10.77
CA TYR B 238 -11.77 40.76 11.90
C TYR B 238 -12.03 41.61 13.13
N TYR B 239 -11.23 42.65 13.36
CA TYR B 239 -11.47 43.54 14.49
C TYR B 239 -12.86 44.18 14.39
N ARG B 240 -13.17 44.75 13.22
CA ARG B 240 -14.46 45.40 13.06
C ARG B 240 -15.61 44.41 13.17
N ASP B 241 -15.40 43.18 12.69
CA ASP B 241 -16.44 42.16 12.81
C ASP B 241 -16.69 41.78 14.27
N TYR B 242 -15.63 41.66 15.07
CA TYR B 242 -15.82 41.41 16.50
C TYR B 242 -16.53 42.57 17.17
N GLU B 243 -16.13 43.80 16.82
CA GLU B 243 -16.74 44.98 17.42
C GLU B 243 -18.23 45.02 17.14
N SER B 244 -18.62 44.80 15.89
CA SER B 244 -20.03 44.78 15.53
CA SER B 244 -20.03 44.79 15.54
CA SER B 244 -20.03 44.79 15.54
C SER B 244 -20.78 43.68 16.26
N ALA B 245 -20.16 42.50 16.37
CA ALA B 245 -20.79 41.40 17.08
C ALA B 245 -20.98 41.73 18.56
N ILE B 246 -19.99 42.37 19.20
CA ILE B 246 -20.14 42.70 20.62
C ILE B 246 -21.31 43.62 20.84
N HIS B 247 -21.51 44.61 19.96
CA HIS B 247 -22.67 45.48 20.07
C HIS B 247 -23.96 44.68 19.98
N ALA B 248 -24.03 43.72 19.06
CA ALA B 248 -25.25 42.95 18.88
C ALA B 248 -25.47 42.02 20.08
N ILE B 249 -24.43 41.30 20.49
CA ILE B 249 -24.54 40.37 21.61
C ILE B 249 -24.85 41.13 22.90
N GLY B 250 -24.20 42.28 23.10
CA GLY B 250 -24.43 43.05 24.31
C GLY B 250 -25.85 43.59 24.40
N LYS B 251 -26.36 44.10 23.28
CA LYS B 251 -27.75 44.56 23.27
C LYS B 251 -28.71 43.42 23.55
N ALA B 252 -28.45 42.25 22.96
CA ALA B 252 -29.30 41.08 23.19
C ALA B 252 -29.18 40.59 24.63
N SER B 253 -27.99 40.66 25.22
CA SER B 253 -27.83 40.26 26.61
C SER B 253 -28.79 41.02 27.52
N ALA B 254 -28.94 42.33 27.27
CA ALA B 254 -29.95 43.14 27.95
C ALA B 254 -29.80 43.08 29.47
N GLY B 255 -28.55 43.11 29.93
CA GLY B 255 -28.30 43.15 31.36
C GLY B 255 -28.37 41.82 32.08
N ARG B 256 -28.39 40.70 31.36
CA ARG B 256 -28.43 39.40 32.02
C ARG B 256 -27.12 39.04 32.70
N GLY B 257 -26.03 39.74 32.39
CA GLY B 257 -24.76 39.49 33.03
C GLY B 257 -23.99 38.35 32.38
N ILE B 258 -22.81 38.10 32.94
CA ILE B 258 -21.85 37.24 32.25
C ILE B 258 -22.14 35.75 32.39
N TYR B 259 -23.01 35.34 33.32
CA TYR B 259 -23.29 33.91 33.51
C TYR B 259 -24.54 33.47 32.75
N GLU B 260 -25.67 34.14 33.00
CA GLU B 260 -26.89 33.81 32.26
C GLU B 260 -26.82 34.30 30.82
N GLY B 261 -26.23 35.47 30.62
CA GLY B 261 -26.24 36.12 29.33
C GLY B 261 -25.13 35.64 28.42
N PRO B 262 -25.26 35.95 27.14
CA PRO B 262 -24.29 35.47 26.14
C PRO B 262 -22.97 36.23 26.21
N GLY B 263 -21.96 35.61 25.64
CA GLY B 263 -20.66 36.23 25.49
C GLY B 263 -20.09 36.05 24.11
N ILE B 264 -18.83 36.42 23.93
CA ILE B 264 -18.15 36.30 22.64
C ILE B 264 -16.80 35.63 22.87
N SER B 265 -16.32 34.90 21.87
CA SER B 265 -14.99 34.31 21.87
C SER B 265 -14.20 34.90 20.72
N ILE B 266 -12.91 35.15 20.96
CA ILE B 266 -12.01 35.70 19.94
C ILE B 266 -10.75 34.86 19.88
N LYS B 267 -10.06 34.97 18.75
CA LYS B 267 -8.74 34.39 18.55
C LYS B 267 -7.75 35.53 18.31
N LEU B 268 -6.67 35.57 19.09
CA LEU B 268 -5.70 36.64 18.91
C LEU B 268 -5.06 36.60 17.53
N SER B 269 -4.93 35.41 16.91
CA SER B 269 -4.35 35.37 15.57
C SER B 269 -5.21 36.08 14.52
N ALA B 270 -6.50 36.30 14.80
CA ALA B 270 -7.36 37.06 13.89
C ALA B 270 -7.02 38.55 13.92
N LEU B 271 -6.37 39.03 14.98
CA LEU B 271 -6.28 40.46 15.22
C LEU B 271 -4.92 41.04 14.85
N HIS B 272 -4.00 40.21 14.34
CA HIS B 272 -2.74 40.76 13.86
C HIS B 272 -2.09 39.76 12.93
N PRO B 273 -1.51 40.21 11.80
CA PRO B 273 -0.90 39.25 10.87
C PRO B 273 0.43 38.69 11.34
N ARG B 274 1.03 39.22 12.41
CA ARG B 274 2.31 38.71 12.91
C ARG B 274 2.20 38.39 14.40
N TYR B 275 1.20 37.59 14.74
CA TYR B 275 0.99 37.19 16.14
C TYR B 275 1.96 36.05 16.46
N SER B 276 3.13 36.43 16.98
CA SER B 276 4.16 35.45 17.31
C SER B 276 5.15 36.04 18.29
N ARG B 277 5.83 35.15 19.03
CA ARG B 277 6.85 35.61 19.95
C ARG B 277 7.95 36.37 19.23
N ALA B 278 8.27 36.01 17.98
CA ALA B 278 9.31 36.74 17.26
C ALA B 278 8.94 38.19 17.04
N GLN B 279 7.64 38.50 17.03
CA GLN B 279 7.18 39.87 16.84
C GLN B 279 6.46 40.38 18.09
N ALA B 280 6.97 39.99 19.27
CA ALA B 280 6.29 40.33 20.52
C ALA B 280 6.10 41.83 20.69
N ALA B 281 7.07 42.64 20.27
CA ALA B 281 6.91 44.09 20.44
C ALA B 281 5.73 44.60 19.62
N ARG B 282 5.59 44.12 18.37
CA ARG B 282 4.44 44.53 17.58
C ARG B 282 3.14 44.00 18.16
N VAL B 283 3.18 42.80 18.76
CA VAL B 283 1.97 42.26 19.37
C VAL B 283 1.52 43.14 20.52
N MET B 284 2.44 43.51 21.41
CA MET B 284 2.06 44.34 22.54
C MET B 284 1.67 45.76 22.10
N GLY B 285 2.28 46.25 21.03
CA GLY B 285 2.03 47.62 20.61
C GLY B 285 0.81 47.80 19.73
N GLU B 286 0.44 46.77 18.98
CA GLU B 286 -0.61 46.85 17.95
C GLU B 286 -1.77 45.91 18.19
N LEU B 287 -1.51 44.68 18.64
CA LEU B 287 -2.58 43.73 18.88
C LEU B 287 -3.28 44.00 20.21
N LEU B 288 -2.51 44.20 21.27
CA LEU B 288 -3.09 44.44 22.59
C LEU B 288 -4.07 45.61 22.61
N PRO B 289 -3.79 46.78 22.02
CA PRO B 289 -4.80 47.84 22.03
C PRO B 289 -6.13 47.43 21.41
N ARG B 290 -6.09 46.54 20.41
CA ARG B 290 -7.33 46.07 19.81
CA ARG B 290 -7.34 46.08 19.82
C ARG B 290 -8.11 45.20 20.78
N VAL B 291 -7.42 44.30 21.49
CA VAL B 291 -8.12 43.46 22.46
C VAL B 291 -8.68 44.32 23.59
N LYS B 292 -7.91 45.32 24.04
CA LYS B 292 -8.43 46.18 25.09
C LYS B 292 -9.69 46.91 24.65
N ALA B 293 -9.73 47.39 23.41
CA ALA B 293 -10.92 48.09 22.95
C ALA B 293 -12.13 47.17 22.93
N LEU B 294 -11.94 45.93 22.50
CA LEU B 294 -13.03 44.98 22.48
C LEU B 294 -13.45 44.61 23.90
N ALA B 295 -12.48 44.43 24.78
CA ALA B 295 -12.80 44.14 26.18
C ALA B 295 -13.57 45.29 26.82
N LEU B 296 -13.20 46.53 26.49
CA LEU B 296 -13.92 47.68 27.02
C LEU B 296 -15.39 47.68 26.59
N LEU B 297 -15.65 47.32 25.33
CA LEU B 297 -17.03 47.21 24.87
C LEU B 297 -17.76 46.08 25.60
N ALA B 298 -17.11 44.93 25.76
CA ALA B 298 -17.72 43.83 26.49
C ALA B 298 -18.02 44.22 27.93
N LYS B 299 -17.09 44.93 28.57
CA LYS B 299 -17.33 45.43 29.91
C LYS B 299 -18.55 46.34 29.95
N ASN B 300 -18.69 47.22 28.95
CA ASN B 300 -19.78 48.18 29.00
C ASN B 300 -21.14 47.50 28.88
N TYR B 301 -21.20 46.37 28.17
CA TYR B 301 -22.43 45.60 28.09
C TYR B 301 -22.53 44.53 29.16
N ASP B 302 -21.49 44.37 29.98
CA ASP B 302 -21.35 43.30 30.96
C ASP B 302 -21.62 41.92 30.35
N ILE B 303 -20.86 41.60 29.32
CA ILE B 303 -20.84 40.27 28.73
C ILE B 303 -19.45 39.70 28.91
N GLY B 304 -19.34 38.38 28.71
CA GLY B 304 -18.04 37.72 28.72
C GLY B 304 -17.32 37.85 27.39
N LEU B 305 -15.99 38.00 27.46
CA LEU B 305 -15.13 37.99 26.29
C LEU B 305 -14.01 37.00 26.53
N ASN B 306 -13.95 35.95 25.72
CA ASN B 306 -13.06 34.83 25.93
C ASN B 306 -11.96 34.82 24.88
N ILE B 307 -10.72 34.63 25.30
CA ILE B 307 -9.60 34.46 24.39
C ILE B 307 -9.38 32.96 24.17
N ASP B 308 -9.68 32.50 22.96
CA ASP B 308 -9.45 31.10 22.60
C ASP B 308 -7.96 30.79 22.62
N ALA B 309 -7.63 29.54 22.90
CA ALA B 309 -6.24 29.09 22.90
C ALA B 309 -5.87 28.47 21.56
N GLU B 310 -4.67 28.75 21.07
CA GLU B 310 -4.28 28.33 19.74
C GLU B 310 -3.03 27.45 19.80
N GLU B 311 -2.03 27.69 18.95
CA GLU B 311 -0.87 26.79 18.92
C GLU B 311 -0.03 26.92 20.19
N ALA B 312 0.75 25.88 20.47
CA ALA B 312 1.53 25.84 21.70
C ALA B 312 2.52 26.99 21.80
N ASP B 313 3.08 27.44 20.66
CA ASP B 313 4.06 28.53 20.73
C ASP B 313 3.42 29.91 20.87
N ARG B 314 2.11 29.99 21.05
CA ARG B 314 1.42 31.24 21.35
C ARG B 314 0.90 31.30 22.77
N LEU B 315 0.97 30.21 23.53
CA LEU B 315 0.41 30.18 24.88
C LEU B 315 1.03 31.27 25.75
N GLU B 316 2.35 31.26 25.90
CA GLU B 316 2.94 32.14 26.90
C GLU B 316 2.86 33.60 26.46
N LEU B 317 2.98 33.87 25.15
CA LEU B 317 2.74 35.21 24.64
C LEU B 317 1.36 35.73 25.02
N SER B 318 0.33 34.87 24.92
CA SER B 318 -1.01 35.34 25.25
C SER B 318 -1.13 35.75 26.71
N LEU B 319 -0.33 35.14 27.59
CA LEU B 319 -0.40 35.49 29.01
C LEU B 319 0.06 36.91 29.25
N ASP B 320 0.95 37.42 28.40
CA ASP B 320 1.37 38.81 28.57
C ASP B 320 0.24 39.78 28.26
N LEU B 321 -0.65 39.43 27.33
CA LEU B 321 -1.83 40.26 27.10
C LEU B 321 -2.83 40.11 28.25
N LEU B 322 -3.06 38.89 28.72
CA LEU B 322 -3.98 38.69 29.84
C LEU B 322 -3.54 39.50 31.06
N GLU B 323 -2.24 39.49 31.34
CA GLU B 323 -1.70 40.26 32.47
C GLU B 323 -2.09 41.72 32.37
N VAL B 324 -1.85 42.35 31.21
CA VAL B 324 -2.11 43.78 31.07
C VAL B 324 -3.60 44.06 31.21
N LEU B 325 -4.45 43.23 30.58
CA LEU B 325 -5.89 43.46 30.63
C LEU B 325 -6.40 43.38 32.07
N CYS B 326 -5.91 42.42 32.85
CA CYS B 326 -6.41 42.26 34.22
C CYS B 326 -5.95 43.38 35.14
N LEU B 327 -4.86 44.08 34.80
CA LEU B 327 -4.38 45.21 35.60
C LEU B 327 -4.82 46.56 35.06
N ASP B 328 -5.58 46.58 33.98
CA ASP B 328 -6.02 47.83 33.33
C ASP B 328 -7.24 48.38 34.07
N GLY B 329 -7.08 49.53 34.74
CA GLY B 329 -8.17 50.11 35.51
C GLY B 329 -9.39 50.49 34.70
N ASP B 330 -9.26 50.65 33.38
CA ASP B 330 -10.44 50.92 32.56
C ASP B 330 -11.42 49.76 32.58
N LEU B 331 -10.97 48.56 32.94
CA LEU B 331 -11.82 47.38 33.02
C LEU B 331 -12.18 47.02 34.45
N SER B 332 -12.06 47.99 35.36
CA SER B 332 -12.29 47.77 36.79
C SER B 332 -13.62 47.08 37.06
N GLY B 333 -13.58 46.03 37.88
CA GLY B 333 -14.77 45.35 38.35
C GLY B 333 -15.42 44.40 37.36
N TRP B 334 -14.91 44.30 36.14
CA TRP B 334 -15.50 43.42 35.14
C TRP B 334 -14.97 42.01 35.33
N ASN B 335 -15.87 41.05 35.54
CA ASN B 335 -15.47 39.66 35.73
C ASN B 335 -15.69 38.82 34.48
N GLY B 336 -15.86 39.46 33.34
CA GLY B 336 -16.11 38.77 32.09
C GLY B 336 -14.90 38.39 31.25
N MET B 337 -13.68 38.71 31.69
CA MET B 337 -12.51 38.30 30.93
C MET B 337 -12.38 36.78 30.99
N GLY B 338 -12.31 36.14 29.82
CA GLY B 338 -12.22 34.69 29.72
C GLY B 338 -10.95 34.24 29.02
N PHE B 339 -10.47 33.06 29.39
CA PHE B 339 -9.19 32.57 28.89
C PHE B 339 -9.21 31.05 28.88
N VAL B 340 -8.83 30.48 27.74
CA VAL B 340 -8.82 29.04 27.54
C VAL B 340 -7.46 28.48 27.95
N VAL B 341 -7.47 27.35 28.63
CA VAL B 341 -6.26 26.58 28.87
CA VAL B 341 -6.26 26.58 28.89
C VAL B 341 -6.47 25.16 28.39
N GLN B 342 -5.48 24.61 27.70
CA GLN B 342 -5.56 23.32 27.01
C GLN B 342 -4.93 22.23 27.87
N ALA B 343 -5.76 21.29 28.33
CA ALA B 343 -5.26 20.21 29.17
C ALA B 343 -4.42 19.19 28.42
N TYR B 344 -4.42 19.20 27.09
CA TYR B 344 -3.47 18.32 26.41
C TYR B 344 -2.05 18.87 26.48
N GLY B 345 -1.87 20.08 27.03
CA GLY B 345 -0.57 20.70 27.12
C GLY B 345 0.09 20.43 28.46
N LYS B 346 1.41 20.24 28.42
CA LYS B 346 2.16 19.91 29.62
C LYS B 346 2.22 21.07 30.61
N ARG B 347 2.03 22.30 30.15
CA ARG B 347 2.11 23.46 31.03
C ARG B 347 0.81 23.77 31.73
N CYS B 348 -0.28 23.04 31.41
CA CYS B 348 -1.62 23.45 31.83
C CYS B 348 -1.76 23.71 33.33
N PRO B 349 -1.36 22.82 34.25
CA PRO B 349 -1.55 23.14 35.67
C PRO B 349 -0.75 24.36 36.11
N PHE B 350 0.42 24.58 35.51
CA PHE B 350 1.25 25.72 35.85
C PHE B 350 0.67 27.02 35.32
N VAL B 351 0.05 26.97 34.14
CA VAL B 351 -0.68 28.12 33.62
C VAL B 351 -1.88 28.44 34.52
N LEU B 352 -2.58 27.41 35.01
CA LEU B 352 -3.69 27.64 35.93
C LEU B 352 -3.20 28.30 37.22
N ASP B 353 -2.07 27.84 37.77
CA ASP B 353 -1.50 28.50 38.95
C ASP B 353 -1.26 29.98 38.69
N PHE B 354 -0.71 30.31 37.51
CA PHE B 354 -0.46 31.71 37.16
C PHE B 354 -1.76 32.50 37.05
N ILE B 355 -2.79 31.92 36.43
CA ILE B 355 -4.05 32.64 36.23
C ILE B 355 -4.77 32.85 37.57
N ILE B 356 -4.79 31.82 38.41
CA ILE B 356 -5.45 31.96 39.72
C ILE B 356 -4.77 33.05 40.54
N ASP B 357 -3.43 33.10 40.51
CA ASP B 357 -2.71 34.14 41.22
C ASP B 357 -3.00 35.52 40.65
N LEU B 358 -3.01 35.64 39.30
CA LEU B 358 -3.36 36.90 38.67
C LEU B 358 -4.75 37.37 39.08
N ALA B 359 -5.72 36.45 39.08
CA ALA B 359 -7.07 36.82 39.52
C ALA B 359 -7.05 37.34 40.96
N ARG B 360 -6.33 36.67 41.85
CA ARG B 360 -6.28 37.07 43.26
C ARG B 360 -5.69 38.46 43.42
N ARG B 361 -4.56 38.72 42.78
CA ARG B 361 -3.89 40.00 43.03
C ARG B 361 -4.52 41.14 42.26
N SER B 362 -5.30 40.87 41.21
CA SER B 362 -5.89 41.94 40.42
C SER B 362 -7.33 42.24 40.78
N GLY B 363 -7.95 41.46 41.67
CA GLY B 363 -9.34 41.72 41.99
C GLY B 363 -10.27 41.50 40.81
N ARG B 364 -9.96 40.51 39.98
CA ARG B 364 -10.77 40.12 38.83
C ARG B 364 -11.10 38.64 38.97
N ARG B 365 -12.37 38.30 38.86
CA ARG B 365 -12.70 36.90 38.64
C ARG B 365 -12.50 36.62 37.17
N ILE B 366 -11.65 35.65 36.85
CA ILE B 366 -11.34 35.31 35.46
C ILE B 366 -12.12 34.05 35.10
N MET B 367 -12.77 34.07 33.94
CA MET B 367 -13.49 32.90 33.44
C MET B 367 -12.48 31.99 32.76
N VAL B 368 -12.35 30.76 33.23
CA VAL B 368 -11.31 29.87 32.70
C VAL B 368 -11.98 28.71 32.00
N ARG B 369 -11.84 28.64 30.68
CA ARG B 369 -12.38 27.52 29.91
C ARG B 369 -11.31 26.44 29.84
N LEU B 370 -11.56 25.31 30.52
CA LEU B 370 -10.68 24.16 30.43
C LEU B 370 -11.13 23.28 29.25
N VAL B 371 -10.23 23.08 28.30
CA VAL B 371 -10.47 22.24 27.13
C VAL B 371 -9.39 21.17 27.10
N LYS B 372 -9.55 20.19 26.20
CA LYS B 372 -8.44 19.29 25.96
C LYS B 372 -7.47 19.92 24.95
N GLY B 373 -7.91 20.15 23.71
CA GLY B 373 -7.12 20.95 22.78
C GLY B 373 -7.34 20.52 21.35
N ALA B 374 -7.24 21.49 20.43
CA ALA B 374 -7.72 21.30 19.06
C ALA B 374 -6.64 21.11 18.02
N TYR B 375 -5.36 21.21 18.38
CA TYR B 375 -4.29 21.26 17.40
C TYR B 375 -3.33 20.08 17.54
N TRP B 376 -3.81 18.94 18.03
CA TRP B 376 -2.89 17.89 18.49
C TRP B 376 -1.98 17.38 17.36
N ASP B 377 -2.55 16.95 16.22
CA ASP B 377 -1.74 16.42 15.12
CA ASP B 377 -1.66 16.38 15.22
C ASP B 377 -0.67 17.40 14.68
N ALA B 378 -1.05 18.69 14.61
CA ALA B 378 -0.12 19.72 14.14
C ALA B 378 1.01 19.94 15.13
N GLU B 379 0.72 19.79 16.43
CA GLU B 379 1.77 19.93 17.43
C GLU B 379 2.77 18.79 17.35
N ILE B 380 2.30 17.57 17.06
CA ILE B 380 3.24 16.45 16.89
C ILE B 380 4.17 16.70 15.71
N LYS B 381 3.59 17.07 14.56
CA LYS B 381 4.39 17.31 13.37
C LYS B 381 5.38 18.44 13.59
N ARG B 382 4.95 19.53 14.22
CA ARG B 382 5.81 20.71 14.36
CA ARG B 382 5.82 20.69 14.34
C ARG B 382 7.05 20.38 15.19
N ALA B 383 6.85 19.70 16.32
CA ALA B 383 7.99 19.37 17.18
C ALA B 383 8.97 18.46 16.46
N GLN B 384 8.45 17.51 15.68
CA GLN B 384 9.32 16.64 14.91
C GLN B 384 10.10 17.42 13.85
N LEU B 385 9.42 18.29 13.10
CA LEU B 385 10.10 19.09 12.08
C LEU B 385 11.20 19.93 12.68
N ASP B 386 10.95 20.50 13.86
CA ASP B 386 11.87 21.44 14.49
C ASP B 386 12.94 20.76 15.33
N GLY B 387 12.91 19.43 15.45
CA GLY B 387 13.95 18.72 16.17
C GLY B 387 14.03 19.06 17.64
N LEU B 388 12.90 19.29 18.28
CA LEU B 388 12.92 19.82 19.64
C LEU B 388 12.92 18.66 20.66
N ALA B 389 13.14 19.01 21.93
CA ALA B 389 13.48 17.97 22.92
C ALA B 389 12.34 16.99 23.13
N ASP B 390 11.12 17.48 23.08
CA ASP B 390 9.94 16.67 23.33
C ASP B 390 8.76 17.43 22.78
N PHE B 391 7.57 16.85 22.91
CA PHE B 391 6.34 17.51 22.51
C PHE B 391 5.84 18.45 23.60
N PRO B 392 5.12 19.51 23.23
CA PRO B 392 4.48 20.37 24.22
C PRO B 392 3.09 19.89 24.61
N VAL B 393 2.69 18.74 24.07
CA VAL B 393 1.42 18.09 24.35
C VAL B 393 1.71 16.64 24.70
N PHE B 394 0.72 16.00 25.34
CA PHE B 394 0.80 14.57 25.59
C PHE B 394 0.66 13.78 24.29
N THR B 395 1.12 12.53 24.32
CA THR B 395 1.06 11.67 23.14
C THR B 395 0.12 10.48 23.31
N ARG B 396 -0.34 10.18 24.52
CA ARG B 396 -1.40 9.21 24.73
C ARG B 396 -2.66 9.95 25.13
N LYS B 397 -3.77 9.59 24.49
CA LYS B 397 -5.01 10.33 24.72
C LYS B 397 -5.45 10.25 26.18
N ILE B 398 -5.24 9.09 26.81
CA ILE B 398 -5.60 8.93 28.21
C ILE B 398 -4.81 9.88 29.11
N HIS B 399 -3.62 10.31 28.67
CA HIS B 399 -2.87 11.27 29.46
C HIS B 399 -3.54 12.63 29.47
N THR B 400 -4.03 13.06 28.30
CA THR B 400 -4.81 14.28 28.24
C THR B 400 -6.04 14.20 29.15
N ASP B 401 -6.70 13.04 29.20
CA ASP B 401 -7.88 12.89 30.07
C ASP B 401 -7.50 13.04 31.54
N VAL B 402 -6.42 12.38 31.97
CA VAL B 402 -5.96 12.52 33.35
C VAL B 402 -5.59 13.97 33.64
N SER B 403 -4.89 14.62 32.70
CA SER B 403 -4.53 16.02 32.85
C SER B 403 -5.76 16.90 33.04
N TYR B 404 -6.81 16.65 32.23
CA TYR B 404 -8.04 17.42 32.35
C TYR B 404 -8.66 17.29 33.73
N ILE B 405 -8.72 16.06 34.25
CA ILE B 405 -9.37 15.84 35.55
C ILE B 405 -8.53 16.46 36.67
N ALA B 406 -7.21 16.34 36.59
CA ALA B 406 -6.33 16.97 37.58
C ALA B 406 -6.45 18.48 37.55
N CYS B 407 -6.57 19.05 36.36
CA CYS B 407 -6.74 20.50 36.26
C CYS B 407 -8.14 20.93 36.71
N ALA B 408 -9.16 20.09 36.51
CA ALA B 408 -10.47 20.42 37.02
C ALA B 408 -10.47 20.40 38.54
N ALA B 409 -9.68 19.51 39.14
CA ALA B 409 -9.57 19.51 40.60
C ALA B 409 -8.99 20.82 41.10
N LYS B 410 -7.97 21.34 40.41
CA LYS B 410 -7.38 22.61 40.79
C LYS B 410 -8.37 23.75 40.63
N LEU B 411 -9.11 23.74 39.52
CA LEU B 411 -10.09 24.80 39.28
C LEU B 411 -11.22 24.75 40.30
N LEU B 412 -11.72 23.56 40.61
CA LEU B 412 -12.85 23.46 41.52
C LEU B 412 -12.49 23.89 42.92
N ALA B 413 -11.21 23.80 43.28
CA ALA B 413 -10.77 24.32 44.56
C ALA B 413 -10.56 25.83 44.55
N ALA B 414 -10.75 26.49 43.41
CA ALA B 414 -10.52 27.92 43.32
C ALA B 414 -11.73 28.67 42.77
N THR B 415 -12.94 28.13 42.96
CA THR B 415 -14.13 28.78 42.40
C THR B 415 -14.43 30.12 43.04
N ASP B 416 -13.86 30.40 44.21
CA ASP B 416 -13.99 31.74 44.77
C ASP B 416 -13.14 32.76 44.04
N VAL B 417 -12.23 32.31 43.18
CA VAL B 417 -11.21 33.17 42.57
C VAL B 417 -11.37 33.20 41.05
N VAL B 418 -11.79 32.07 40.46
CA VAL B 418 -11.98 31.96 39.03
C VAL B 418 -13.31 31.26 38.79
N PHE B 419 -13.83 31.43 37.57
CA PHE B 419 -15.07 30.79 37.14
C PHE B 419 -14.74 29.65 36.20
N PRO B 420 -14.72 28.41 36.65
CA PRO B 420 -14.31 27.30 35.77
C PRO B 420 -15.40 26.94 34.78
N GLN B 421 -14.98 26.71 33.54
CA GLN B 421 -15.88 26.35 32.44
C GLN B 421 -15.35 25.07 31.82
N PHE B 422 -16.07 23.97 32.01
CA PHE B 422 -15.55 22.66 31.63
C PHE B 422 -16.10 22.28 30.27
N ALA B 423 -15.31 22.55 29.23
CA ALA B 423 -15.68 22.25 27.86
C ALA B 423 -15.31 20.81 27.54
N THR B 424 -16.32 19.97 27.34
CA THR B 424 -16.05 18.60 26.94
C THR B 424 -17.33 17.99 26.39
N HIS B 425 -17.16 17.06 25.44
CA HIS B 425 -18.27 16.22 24.98
C HIS B 425 -18.19 14.81 25.54
N ASN B 426 -17.24 14.55 26.41
CA ASN B 426 -16.97 13.21 26.93
C ASN B 426 -17.79 12.99 28.20
N ALA B 427 -18.72 12.01 28.15
CA ALA B 427 -19.63 11.80 29.26
C ALA B 427 -18.91 11.30 30.50
N GLN B 428 -17.81 10.57 30.31
CA GLN B 428 -17.03 10.10 31.46
C GLN B 428 -16.32 11.26 32.12
N THR B 429 -15.69 12.13 31.31
CA THR B 429 -15.06 13.33 31.84
C THR B 429 -16.07 14.17 32.60
N LEU B 430 -17.24 14.40 31.99
CA LEU B 430 -18.28 15.20 32.60
C LEU B 430 -18.72 14.61 33.94
N ALA B 431 -18.98 13.30 33.96
CA ALA B 431 -19.45 12.68 35.19
C ALA B 431 -18.42 12.79 36.31
N ALA B 432 -17.14 12.62 35.95
CA ALA B 432 -16.08 12.70 36.97
C ALA B 432 -16.06 14.07 37.62
N ILE B 433 -16.21 15.13 36.82
CA ILE B 433 -16.17 16.49 37.35
C ILE B 433 -17.47 16.83 38.07
N TYR B 434 -18.60 16.33 37.56
CA TYR B 434 -19.88 16.57 38.22
C TYR B 434 -19.85 16.10 39.67
N HIS B 435 -19.28 14.92 39.90
CA HIS B 435 -19.21 14.41 41.26
C HIS B 435 -18.04 15.00 42.05
N MET B 436 -16.93 15.30 41.38
CA MET B 436 -15.82 15.98 42.04
C MET B 436 -16.25 17.32 42.64
N ALA B 437 -17.21 18.00 42.01
CA ALA B 437 -17.57 19.34 42.44
C ALA B 437 -18.47 19.34 43.67
N GLY B 438 -19.09 18.20 44.00
CA GLY B 438 -19.87 18.10 45.21
C GLY B 438 -21.30 18.53 45.03
N LYS B 439 -22.02 18.52 46.16
CA LYS B 439 -23.45 18.73 46.14
C LYS B 439 -23.82 20.21 46.10
N ASP B 440 -22.95 21.10 46.59
CA ASP B 440 -23.27 22.51 46.65
C ASP B 440 -23.08 23.13 45.27
N PHE B 441 -24.14 23.66 44.69
CA PHE B 441 -24.04 24.30 43.40
C PHE B 441 -24.98 25.49 43.29
N HIS B 442 -24.50 26.52 42.61
CA HIS B 442 -25.32 27.65 42.20
C HIS B 442 -24.80 28.15 40.87
N VAL B 443 -25.68 28.78 40.09
CA VAL B 443 -25.22 29.39 38.85
C VAL B 443 -24.20 30.47 39.20
N GLY B 444 -23.07 30.45 38.51
CA GLY B 444 -21.94 31.29 38.83
C GLY B 444 -20.79 30.57 39.52
N LYS B 445 -21.02 29.36 40.04
CA LYS B 445 -19.93 28.61 40.64
C LYS B 445 -19.01 28.05 39.56
N TYR B 446 -19.57 27.30 38.62
CA TYR B 446 -18.86 26.81 37.45
C TYR B 446 -19.93 26.46 36.41
N GLU B 447 -19.49 26.18 35.18
CA GLU B 447 -20.40 25.69 34.17
C GLU B 447 -19.70 24.65 33.31
N PHE B 448 -20.49 23.94 32.52
CA PHE B 448 -19.99 23.16 31.41
C PHE B 448 -20.11 23.95 30.12
N GLN B 449 -19.41 23.48 29.08
CA GLN B 449 -19.52 24.08 27.75
C GLN B 449 -19.49 22.99 26.70
N CYS B 450 -20.09 23.29 25.55
CA CYS B 450 -20.09 22.34 24.44
C CYS B 450 -20.12 23.12 23.13
N LEU B 451 -19.89 22.41 22.03
CA LEU B 451 -19.95 23.01 20.71
CA LEU B 451 -19.95 23.00 20.70
C LEU B 451 -21.34 22.86 20.10
N HIS B 452 -21.79 23.93 19.43
CA HIS B 452 -23.05 23.89 18.72
C HIS B 452 -23.06 22.75 17.71
N GLY B 453 -24.20 22.07 17.60
CA GLY B 453 -24.34 21.00 16.62
C GLY B 453 -23.49 19.79 16.90
N MET B 454 -23.14 19.55 18.15
CA MET B 454 -22.27 18.45 18.52
CA MET B 454 -22.31 18.42 18.51
C MET B 454 -22.57 18.01 19.95
N GLY B 455 -22.59 18.97 20.87
CA GLY B 455 -22.76 18.71 22.28
C GLY B 455 -24.17 18.72 22.84
N GLU B 456 -25.15 19.21 22.08
CA GLU B 456 -26.49 19.30 22.65
C GLU B 456 -27.06 17.96 23.09
N PRO B 457 -26.88 16.85 22.35
CA PRO B 457 -27.44 15.57 22.85
C PRO B 457 -26.94 15.18 24.22
N LEU B 458 -25.66 15.41 24.52
CA LEU B 458 -25.18 15.13 25.87
C LEU B 458 -25.77 16.10 26.88
N TYR B 459 -25.75 17.40 26.58
CA TYR B 459 -26.09 18.36 27.60
C TYR B 459 -27.60 18.56 27.77
N GLU B 460 -28.42 18.07 26.84
CA GLU B 460 -29.83 18.02 27.20
C GLU B 460 -30.12 16.96 28.25
N GLU B 461 -29.15 16.11 28.58
CA GLU B 461 -29.21 15.20 29.72
C GLU B 461 -28.56 15.78 30.97
N VAL B 462 -28.16 17.05 30.92
CA VAL B 462 -27.43 17.71 32.00
C VAL B 462 -28.15 18.97 32.47
N VAL B 463 -28.54 19.84 31.53
CA VAL B 463 -29.17 21.11 31.89
C VAL B 463 -30.61 20.88 32.32
N GLY B 464 -31.00 21.54 33.41
CA GLY B 464 -32.38 21.56 33.82
C GLY B 464 -32.60 20.80 35.12
N ARG B 465 -33.64 21.21 35.86
CA ARG B 465 -33.89 20.63 37.18
C ARG B 465 -34.23 19.14 37.08
N GLY B 466 -34.79 18.70 35.97
CA GLY B 466 -35.06 17.29 35.74
C GLY B 466 -33.88 16.48 35.27
N LYS B 467 -32.70 17.08 35.13
CA LYS B 467 -31.50 16.36 34.71
C LYS B 467 -30.48 16.50 35.84
N LEU B 468 -29.28 16.98 35.56
CA LEU B 468 -28.28 17.21 36.61
C LEU B 468 -28.31 18.62 37.15
N ASP B 469 -29.15 19.49 36.58
CA ASP B 469 -29.30 20.88 37.04
C ASP B 469 -27.96 21.61 37.03
N ARG B 470 -27.25 21.50 35.90
CA ARG B 470 -25.98 22.17 35.68
C ARG B 470 -26.02 22.89 34.35
N PRO B 471 -25.54 24.13 34.31
CA PRO B 471 -25.63 24.93 33.09
C PRO B 471 -24.57 24.54 32.07
N CYS B 472 -24.87 24.86 30.81
CA CYS B 472 -23.94 24.61 29.73
C CYS B 472 -23.96 25.79 28.78
N ARG B 473 -22.78 26.31 28.46
CA ARG B 473 -22.63 27.37 27.47
C ARG B 473 -22.26 26.75 26.13
N ILE B 474 -23.00 27.13 25.10
CA ILE B 474 -22.80 26.59 23.76
C ILE B 474 -21.88 27.53 22.99
N TYR B 475 -20.77 26.99 22.48
CA TYR B 475 -19.85 27.71 21.60
C TYR B 475 -20.47 27.70 20.21
N ALA B 476 -20.85 28.87 19.72
CA ALA B 476 -21.75 28.99 18.58
C ALA B 476 -21.06 29.70 17.43
N PRO B 477 -20.60 28.96 16.42
CA PRO B 477 -19.99 29.60 15.24
C PRO B 477 -21.01 30.39 14.45
N VAL B 478 -20.55 31.50 13.88
CA VAL B 478 -21.41 32.39 13.11
C VAL B 478 -20.64 32.77 11.86
N GLY B 479 -21.22 32.52 10.69
CA GLY B 479 -20.51 32.88 9.47
C GLY B 479 -21.13 32.24 8.25
N THR B 480 -20.61 32.67 7.11
CA THR B 480 -21.03 32.23 5.79
C THR B 480 -20.48 30.85 5.47
N HIS B 481 -20.95 30.29 4.35
CA HIS B 481 -20.45 28.99 3.90
C HIS B 481 -18.94 29.00 3.72
N GLU B 482 -18.44 30.00 2.98
CA GLU B 482 -17.00 30.07 2.73
C GLU B 482 -16.22 30.21 4.03
N THR B 483 -16.75 30.99 4.97
CA THR B 483 -16.03 31.23 6.23
C THR B 483 -15.95 29.95 7.07
N LEU B 484 -17.02 29.16 7.10
CA LEU B 484 -17.03 27.97 7.94
C LEU B 484 -16.22 26.84 7.31
N LEU B 485 -16.20 26.74 5.98
CA LEU B 485 -15.45 25.69 5.32
C LEU B 485 -13.94 25.85 5.51
N ALA B 486 -13.48 27.04 5.91
CA ALA B 486 -12.05 27.30 5.93
C ALA B 486 -11.31 26.38 6.90
N TYR B 487 -11.84 26.23 8.11
CA TYR B 487 -11.20 25.39 9.12
C TYR B 487 -12.19 24.41 9.74
N LEU B 488 -13.21 24.01 8.97
CA LEU B 488 -14.16 23.01 9.46
C LEU B 488 -13.50 21.65 9.66
N VAL B 489 -12.48 21.34 8.86
CA VAL B 489 -11.77 20.07 9.00
C VAL B 489 -11.27 19.89 10.42
N ARG B 490 -10.68 20.95 11.00
CA ARG B 490 -10.19 20.86 12.37
C ARG B 490 -11.31 20.47 13.34
N ARG B 491 -12.54 20.91 13.06
CA ARG B 491 -13.68 20.55 13.90
C ARG B 491 -14.16 19.13 13.66
N LEU B 492 -14.06 18.63 12.43
CA LEU B 492 -14.54 17.29 12.08
C LEU B 492 -13.52 16.20 12.36
N LEU B 493 -12.23 16.53 12.41
CA LEU B 493 -11.21 15.56 12.81
C LEU B 493 -11.55 14.96 14.16
N GLU B 494 -11.87 15.83 15.12
CA GLU B 494 -12.29 15.41 16.44
C GLU B 494 -13.56 14.57 16.41
N ASN B 495 -14.33 14.62 15.31
CA ASN B 495 -15.54 13.82 15.21
C ASN B 495 -15.23 12.39 14.77
N GLY B 496 -14.25 12.21 13.90
CA GLY B 496 -13.93 10.90 13.35
C GLY B 496 -12.68 10.24 13.90
N ALA B 497 -12.03 10.83 14.91
CA ALA B 497 -10.82 10.23 15.46
C ALA B 497 -11.16 8.95 16.22
N ASN B 498 -10.32 7.93 16.04
CA ASN B 498 -10.58 6.63 16.66
C ASN B 498 -10.66 6.74 18.18
N SER B 499 -9.86 7.62 18.76
CA SER B 499 -9.78 7.80 20.20
C SER B 499 -10.81 8.77 20.75
N SER B 500 -11.59 9.42 19.89
CA SER B 500 -12.52 10.45 20.31
C SER B 500 -13.77 9.84 20.91
N PHE B 501 -14.23 10.42 22.02
CA PHE B 501 -15.47 9.94 22.63
C PHE B 501 -16.64 9.98 21.64
N VAL B 502 -16.77 11.07 20.89
CA VAL B 502 -17.95 11.20 20.02
C VAL B 502 -17.93 10.14 18.91
N HIS B 503 -16.76 9.66 18.52
CA HIS B 503 -16.70 8.57 17.56
C HIS B 503 -16.95 7.23 18.23
N ARG B 504 -16.39 7.03 19.43
CA ARG B 504 -16.53 5.77 20.14
C ARG B 504 -17.96 5.53 20.60
N ILE B 505 -18.70 6.59 20.93
CA ILE B 505 -20.08 6.42 21.36
C ILE B 505 -20.95 5.90 20.21
N ASN B 506 -20.57 6.19 18.97
CA ASN B 506 -21.27 5.72 17.79
C ASN B 506 -20.67 4.46 17.20
N ASP B 507 -19.73 3.83 17.89
CA ASP B 507 -19.18 2.55 17.47
C ASP B 507 -19.81 1.45 18.30
N PRO B 508 -20.59 0.54 17.70
CA PRO B 508 -21.25 -0.52 18.49
C PRO B 508 -20.28 -1.52 19.09
N LYS B 509 -19.08 -1.67 18.53
CA LYS B 509 -18.07 -2.56 19.11
C LYS B 509 -17.52 -2.04 20.43
N VAL B 510 -17.75 -0.77 20.76
CA VAL B 510 -17.29 -0.18 22.00
C VAL B 510 -18.39 -0.33 23.05
N SER B 511 -18.09 -1.03 24.13
CA SER B 511 -19.09 -1.24 25.17
C SER B 511 -19.21 -0.01 26.06
N ILE B 512 -20.33 0.08 26.77
CA ILE B 512 -20.49 1.16 27.73
C ILE B 512 -19.48 1.02 28.87
N ASP B 513 -19.17 -0.23 29.25
CA ASP B 513 -18.10 -0.46 30.21
C ASP B 513 -16.80 0.22 29.77
N GLU B 514 -16.45 0.06 28.49
CA GLU B 514 -15.24 0.68 27.97
C GLU B 514 -15.32 2.19 28.04
N LEU B 515 -16.50 2.76 27.76
CA LEU B 515 -16.64 4.21 27.71
C LEU B 515 -16.56 4.83 29.09
N ILE B 516 -16.94 4.10 30.13
CA ILE B 516 -16.92 4.62 31.49
C ILE B 516 -15.64 4.22 32.24
N ALA B 517 -14.70 3.58 31.56
CA ALA B 517 -13.39 3.30 32.15
C ALA B 517 -12.78 4.59 32.68
N ASP B 518 -12.15 4.50 33.85
CA ASP B 518 -11.61 5.67 34.53
C ASP B 518 -10.18 5.87 34.06
N PRO B 519 -9.88 6.93 33.31
CA PRO B 519 -8.50 7.11 32.82
C PRO B 519 -7.48 7.22 33.93
N VAL B 520 -7.87 7.77 35.08
CA VAL B 520 -6.93 7.96 36.18
C VAL B 520 -6.45 6.62 36.70
N GLU B 521 -7.37 5.68 36.91
CA GLU B 521 -6.94 4.38 37.43
C GLU B 521 -6.28 3.53 36.37
N VAL B 522 -6.63 3.72 35.09
CA VAL B 522 -5.92 3.01 34.03
C VAL B 522 -4.46 3.47 33.96
N VAL B 523 -4.24 4.80 34.02
CA VAL B 523 -2.86 5.30 33.96
C VAL B 523 -2.09 4.87 35.20
N ARG B 524 -2.74 4.89 36.36
CA ARG B 524 -2.04 4.54 37.59
C ARG B 524 -1.45 3.14 37.53
N ALA B 525 -2.12 2.23 36.82
CA ALA B 525 -1.76 0.82 36.84
C ALA B 525 -0.84 0.41 35.70
N MET B 526 -0.45 1.34 34.83
CA MET B 526 0.44 1.00 33.73
C MET B 526 1.86 0.75 34.26
N PRO B 527 2.63 -0.10 33.56
CA PRO B 527 3.95 -0.47 34.11
C PRO B 527 4.90 0.71 34.27
N VAL B 528 4.89 1.63 33.32
CA VAL B 528 5.63 2.89 33.42
C VAL B 528 4.60 4.00 33.30
N VAL B 529 4.34 4.68 34.43
CA VAL B 529 3.34 5.75 34.41
C VAL B 529 3.80 6.88 33.50
N GLY B 530 2.95 7.27 32.56
CA GLY B 530 3.25 8.38 31.68
C GLY B 530 4.18 8.08 30.53
N ALA B 531 4.38 6.81 30.18
CA ALA B 531 5.23 6.50 29.03
C ALA B 531 4.64 7.09 27.76
N LYS B 532 5.52 7.57 26.89
CA LYS B 532 5.13 8.10 25.58
C LYS B 532 4.42 7.02 24.76
N HIS B 533 3.56 7.47 23.84
CA HIS B 533 2.96 6.56 22.87
C HIS B 533 4.03 5.74 22.17
N ASP B 534 3.79 4.42 22.07
CA ASP B 534 4.76 3.53 21.44
C ASP B 534 4.98 3.84 19.98
N ARG B 535 4.00 4.45 19.30
CA ARG B 535 4.05 4.61 17.86
C ARG B 535 4.27 6.06 17.43
N ILE B 536 4.67 6.94 18.34
CA ILE B 536 4.99 8.32 18.00
C ILE B 536 6.43 8.55 18.41
N ALA B 537 7.28 8.85 17.43
CA ALA B 537 8.70 9.04 17.70
C ALA B 537 8.97 10.40 18.29
N LEU B 538 9.81 10.43 19.33
CA LEU B 538 10.42 11.69 19.74
C LEU B 538 11.17 12.30 18.56
N PRO B 539 11.25 13.62 18.48
CA PRO B 539 11.97 14.21 17.34
C PRO B 539 13.37 13.65 17.18
N ALA B 540 14.08 13.39 18.27
CA ALA B 540 15.43 12.85 18.17
C ALA B 540 15.45 11.45 17.55
N GLU B 541 14.31 10.76 17.55
CA GLU B 541 14.28 9.33 17.20
C GLU B 541 13.57 9.07 15.86
N LEU B 542 13.42 10.10 15.01
CA LEU B 542 12.74 9.92 13.72
C LEU B 542 13.35 8.82 12.88
N PHE B 543 14.67 8.60 12.98
CA PHE B 543 15.37 7.64 12.14
C PHE B 543 15.70 6.36 12.89
N GLY B 544 15.16 6.20 14.08
CA GLY B 544 15.32 4.96 14.81
C GLY B 544 16.77 4.63 15.05
N ASP B 545 17.10 3.35 14.85
CA ASP B 545 18.45 2.86 15.15
C ASP B 545 19.50 3.34 14.15
N ALA B 546 19.10 3.91 13.02
CA ALA B 546 20.08 4.31 12.01
C ALA B 546 20.97 5.45 12.48
N ARG B 547 20.40 6.46 13.13
CA ARG B 547 21.15 7.62 13.56
C ARG B 547 20.24 8.52 14.37
N THR B 548 20.87 9.43 15.09
CA THR B 548 20.16 10.39 15.92
C THR B 548 19.87 11.65 15.11
N ASN B 549 18.62 12.08 15.11
CA ASN B 549 18.24 13.30 14.42
C ASN B 549 18.93 14.50 15.06
N SER B 550 19.34 15.47 14.23
CA SER B 550 19.82 16.73 14.79
C SER B 550 18.72 17.41 15.60
N ALA B 551 19.15 18.19 16.58
CA ALA B 551 18.23 18.91 17.44
C ALA B 551 18.28 20.40 17.14
N GLY B 552 17.14 21.06 17.22
CA GLY B 552 17.04 22.49 17.05
C GLY B 552 17.00 23.20 18.39
N LEU B 553 16.49 24.44 18.36
CA LEU B 553 16.32 25.26 19.55
C LEU B 553 14.96 25.91 19.46
N ASP B 554 14.26 26.01 20.60
CA ASP B 554 12.89 26.51 20.63
C ASP B 554 12.92 28.02 20.87
N LEU B 555 12.76 28.80 19.78
CA LEU B 555 12.81 30.26 19.89
C LEU B 555 11.52 30.86 20.44
N SER B 556 10.57 30.03 20.90
CA SER B 556 9.46 30.52 21.70
C SER B 556 9.65 30.26 23.19
N ASN B 557 10.74 29.61 23.58
CA ASN B 557 11.02 29.30 24.98
C ASN B 557 11.87 30.41 25.59
N GLU B 558 11.35 31.08 26.63
CA GLU B 558 12.08 32.21 27.22
C GLU B 558 13.41 31.81 27.84
N GLU B 559 13.50 30.61 28.43
CA GLU B 559 14.80 30.17 28.94
C GLU B 559 15.79 30.04 27.79
N THR B 560 15.34 29.43 26.69
CA THR B 560 16.19 29.29 25.53
C THR B 560 16.62 30.64 24.98
N LEU B 561 15.67 31.58 24.87
CA LEU B 561 16.01 32.89 24.33
C LEU B 561 17.01 33.62 25.22
N ALA B 562 16.86 33.49 26.55
CA ALA B 562 17.78 34.17 27.46
C ALA B 562 19.17 33.57 27.37
N SER B 563 19.29 32.24 27.35
CA SER B 563 20.62 31.64 27.27
C SER B 563 21.22 31.85 25.88
N LEU B 564 20.39 31.78 24.84
CA LEU B 564 20.89 32.02 23.50
C LEU B 564 21.40 33.45 23.38
N THR B 565 20.66 34.43 23.93
CA THR B 565 21.12 35.81 23.91
C THR B 565 22.54 35.93 24.44
N GLU B 566 22.82 35.28 25.56
CA GLU B 566 24.15 35.39 26.16
C GLU B 566 25.21 34.71 25.31
N ALA B 567 24.89 33.53 24.77
CA ALA B 567 25.86 32.84 23.92
C ALA B 567 26.12 33.62 22.63
N LEU B 568 25.09 34.28 22.08
CA LEU B 568 25.29 35.06 20.86
C LEU B 568 26.15 36.28 21.13
N ARG B 569 25.87 37.00 22.22
CA ARG B 569 26.71 38.13 22.58
C ARG B 569 28.15 37.69 22.79
N GLU B 570 28.36 36.57 23.49
CA GLU B 570 29.72 36.09 23.73
C GLU B 570 30.40 35.69 22.43
N SER B 571 29.63 35.18 21.45
CA SER B 571 30.24 34.79 20.19
C SER B 571 30.80 36.00 19.46
N ALA B 572 30.17 37.16 19.64
CA ALA B 572 30.63 38.36 18.97
C ALA B 572 31.89 38.95 19.61
N ALA B 573 32.23 38.53 20.82
CA ALA B 573 33.45 38.99 21.48
C ALA B 573 34.66 38.09 21.23
N MET B 574 34.46 36.98 20.52
CA MET B 574 35.56 36.08 20.20
C MET B 574 36.35 36.61 19.01
N LYS B 575 37.64 36.28 18.97
CA LYS B 575 38.47 36.58 17.81
C LYS B 575 38.33 35.45 16.81
N TRP B 576 37.58 35.70 15.74
CA TRP B 576 37.34 34.73 14.68
C TRP B 576 38.34 34.94 13.55
N THR B 577 39.05 33.88 13.20
CA THR B 577 40.04 33.92 12.13
C THR B 577 39.82 32.73 11.20
N ALA B 578 40.37 32.86 9.99
CA ALA B 578 40.44 31.76 9.05
C ALA B 578 41.79 31.87 8.36
N LEU B 579 42.57 30.79 8.38
CA LEU B 579 43.94 30.76 7.89
C LEU B 579 44.10 29.63 6.90
N PRO B 580 45.11 29.68 6.04
CA PRO B 580 45.49 28.48 5.28
C PRO B 580 46.09 27.46 6.21
N GLN B 581 45.29 26.47 6.56
CA GLN B 581 45.66 25.44 7.53
C GLN B 581 46.18 24.24 6.78
N LEU B 582 47.48 24.18 6.58
CA LEU B 582 48.11 23.06 5.91
C LEU B 582 48.49 22.00 6.94
N ALA B 583 48.92 20.83 6.44
CA ALA B 583 49.22 19.72 7.35
C ALA B 583 50.33 20.07 8.31
N THR B 584 51.24 20.95 7.90
CA THR B 584 52.39 21.34 8.69
C THR B 584 52.15 22.59 9.54
N GLY B 585 50.95 23.15 9.49
CA GLY B 585 50.61 24.31 10.28
C GLY B 585 50.03 25.40 9.41
N PRO B 586 49.65 26.52 10.02
CA PRO B 586 49.08 27.61 9.23
C PRO B 586 50.16 28.33 8.43
N ALA B 587 49.77 28.77 7.24
CA ALA B 587 50.67 29.44 6.32
C ALA B 587 50.37 30.94 6.29
N ALA B 588 51.41 31.70 5.94
CA ALA B 588 51.26 33.15 5.77
C ALA B 588 50.49 33.46 4.48
N GLY B 589 49.84 34.62 4.46
CA GLY B 589 49.18 35.05 3.25
C GLY B 589 48.60 36.44 3.40
N GLU B 590 47.84 36.85 2.39
CA GLU B 590 47.22 38.18 2.41
C GLU B 590 46.01 38.14 3.33
N THR B 591 45.94 39.10 4.25
CA THR B 591 44.89 39.14 5.27
C THR B 591 43.95 40.31 5.04
N ARG B 592 42.66 40.07 5.25
CA ARG B 592 41.66 41.14 5.21
C ARG B 592 40.58 40.88 6.24
N THR B 593 39.79 41.90 6.50
CA THR B 593 38.66 41.77 7.41
C THR B 593 37.47 41.14 6.72
N VAL B 594 36.64 40.51 7.53
CA VAL B 594 35.35 39.97 7.14
C VAL B 594 34.29 40.82 7.82
N LEU B 595 33.42 41.45 7.03
CA LEU B 595 32.43 42.38 7.53
C LEU B 595 31.03 41.80 7.43
N ASN B 596 30.19 42.19 8.38
CA ASN B 596 28.79 41.77 8.41
C ASN B 596 28.07 42.33 7.17
N PRO B 597 27.51 41.49 6.30
CA PRO B 597 26.85 42.04 5.09
C PRO B 597 25.69 42.95 5.41
N GLY B 598 25.08 42.82 6.59
CA GLY B 598 23.99 43.69 6.98
C GLY B 598 24.39 44.98 7.66
N ASP B 599 25.68 45.15 7.95
CA ASP B 599 26.22 46.36 8.55
C ASP B 599 27.74 46.30 8.46
N HIS B 600 28.32 46.97 7.48
CA HIS B 600 29.77 46.83 7.28
C HIS B 600 30.59 47.42 8.41
N ARG B 601 29.97 48.16 9.34
CA ARG B 601 30.68 48.65 10.52
C ARG B 601 30.97 47.53 11.51
N ASP B 602 30.27 46.40 11.39
CA ASP B 602 30.40 45.28 12.32
C ASP B 602 31.45 44.34 11.75
N VAL B 603 32.66 44.39 12.30
CA VAL B 603 33.75 43.53 11.87
C VAL B 603 33.59 42.16 12.54
N VAL B 604 33.42 41.13 11.72
CA VAL B 604 33.19 39.78 12.26
C VAL B 604 34.50 39.08 12.57
N GLY B 605 35.51 39.24 11.71
CA GLY B 605 36.76 38.53 11.91
C GLY B 605 37.73 38.85 10.80
N SER B 606 38.74 38.00 10.64
CA SER B 606 39.76 38.24 9.64
CA SER B 606 39.80 38.23 9.67
C SER B 606 40.13 36.93 8.95
N VAL B 607 40.42 37.03 7.66
CA VAL B 607 40.78 35.88 6.86
C VAL B 607 42.14 36.10 6.23
N THR B 608 42.99 35.08 6.30
CA THR B 608 44.25 35.05 5.58
C THR B 608 44.09 34.09 4.42
N GLU B 609 44.28 34.59 3.21
CA GLU B 609 43.98 33.80 2.03
C GLU B 609 45.24 33.10 1.49
N THR B 610 44.99 32.02 0.75
CA THR B 610 46.02 31.05 0.39
C THR B 610 46.69 31.46 -0.92
N SER B 611 48.03 31.45 -0.93
CA SER B 611 48.73 31.62 -2.20
C SER B 611 48.52 30.40 -3.09
N GLU B 612 48.60 30.61 -4.41
CA GLU B 612 48.47 29.46 -5.31
C GLU B 612 49.58 28.44 -5.06
N GLU B 613 50.79 28.90 -4.71
CA GLU B 613 51.87 27.97 -4.37
C GLU B 613 51.51 27.12 -3.15
N ASP B 614 50.91 27.74 -2.13
CA ASP B 614 50.55 26.95 -0.96
C ASP B 614 49.37 26.03 -1.23
N ALA B 615 48.50 26.42 -2.17
CA ALA B 615 47.44 25.51 -2.60
C ALA B 615 48.04 24.24 -3.19
N ARG B 616 49.04 24.38 -4.07
CA ARG B 616 49.67 23.20 -4.66
C ARG B 616 50.43 22.41 -3.60
N ARG B 617 51.07 23.10 -2.66
CA ARG B 617 51.76 22.39 -1.58
C ARG B 617 50.78 21.56 -0.76
N ALA B 618 49.61 22.12 -0.47
CA ALA B 618 48.60 21.38 0.28
C ALA B 618 48.20 20.08 -0.41
N VAL B 619 48.03 20.12 -1.73
CA VAL B 619 47.66 18.90 -2.45
C VAL B 619 48.77 17.87 -2.35
N ARG B 620 50.03 18.31 -2.44
CA ARG B 620 51.13 17.37 -2.28
C ARG B 620 51.13 16.76 -0.87
N LEU B 621 50.87 17.57 0.15
CA LEU B 621 50.81 17.05 1.51
C LEU B 621 49.66 16.07 1.67
N ALA B 622 48.53 16.33 1.02
CA ALA B 622 47.41 15.40 1.07
C ALA B 622 47.76 14.08 0.38
N ALA B 623 48.45 14.15 -0.75
CA ALA B 623 48.85 12.92 -1.44
C ALA B 623 49.79 12.09 -0.56
N ASP B 624 50.71 12.76 0.14
CA ASP B 624 51.65 12.03 1.00
C ASP B 624 50.93 11.29 2.10
N ALA B 625 49.87 11.87 2.64
CA ALA B 625 49.15 11.30 3.76
C ALA B 625 47.99 10.41 3.33
N ALA B 626 47.72 10.30 2.04
CA ALA B 626 46.54 9.56 1.61
C ALA B 626 46.56 8.11 2.07
N PRO B 627 47.66 7.35 2.00
CA PRO B 627 47.59 5.96 2.46
C PRO B 627 47.29 5.80 3.95
N ASP B 628 47.81 6.70 4.80
CA ASP B 628 47.56 6.58 6.23
C ASP B 628 46.09 6.80 6.56
N TRP B 629 45.44 7.75 5.88
CA TRP B 629 44.02 7.98 6.16
C TRP B 629 43.17 6.86 5.57
N ALA B 630 43.53 6.36 4.39
CA ALA B 630 42.79 5.23 3.83
C ALA B 630 42.85 4.02 4.75
N ALA B 631 43.94 3.85 5.49
CA ALA B 631 44.08 2.70 6.37
C ALA B 631 43.31 2.84 7.68
N VAL B 632 42.70 3.99 7.96
CA VAL B 632 41.84 4.10 9.13
C VAL B 632 40.55 3.37 8.78
N PRO B 633 40.13 2.36 9.55
CA PRO B 633 38.94 1.58 9.19
C PRO B 633 37.73 2.48 8.98
N PRO B 634 36.89 2.16 8.00
CA PRO B 634 35.68 2.97 7.78
C PRO B 634 34.87 3.23 9.04
N SER B 635 34.72 2.23 9.94
CA SER B 635 33.95 2.45 11.15
C SER B 635 34.57 3.53 12.03
N GLU B 636 35.91 3.61 12.06
CA GLU B 636 36.57 4.65 12.84
C GLU B 636 36.50 6.01 12.15
N ARG B 637 36.60 6.04 10.82
CA ARG B 637 36.38 7.30 10.12
C ARG B 637 34.97 7.82 10.39
N ALA B 638 33.98 6.91 10.38
CA ALA B 638 32.60 7.29 10.70
C ALA B 638 32.46 7.78 12.13
N ALA B 639 33.22 7.17 13.07
CA ALA B 639 33.17 7.63 14.45
C ALA B 639 33.67 9.07 14.57
N CYS B 640 34.64 9.47 13.75
CA CYS B 640 35.08 10.86 13.74
C CYS B 640 33.94 11.78 13.34
N LEU B 641 33.21 11.39 12.28
CA LEU B 641 32.08 12.21 11.85
C LEU B 641 31.03 12.33 12.96
N ASP B 642 30.73 11.22 13.64
CA ASP B 642 29.74 11.27 14.72
C ASP B 642 30.23 12.16 15.86
N ARG B 643 31.53 12.10 16.18
CA ARG B 643 32.05 12.98 17.22
C ARG B 643 31.94 14.44 16.81
N ALA B 644 32.20 14.74 15.53
CA ALA B 644 32.08 16.11 15.08
C ALA B 644 30.64 16.59 15.19
N ALA B 645 29.68 15.70 14.90
CA ALA B 645 28.27 16.09 15.00
C ALA B 645 27.89 16.41 16.44
N GLU B 646 28.41 15.63 17.40
CA GLU B 646 28.15 15.93 18.82
C GLU B 646 28.69 17.29 19.20
N LEU B 647 29.89 17.64 18.71
CA LEU B 647 30.48 18.93 19.01
C LEU B 647 29.67 20.06 18.38
N MET B 648 29.24 19.91 17.12
CA MET B 648 28.44 20.97 16.51
C MET B 648 27.10 21.12 17.22
N GLN B 649 26.52 20.01 17.67
CA GLN B 649 25.26 20.10 18.40
C GLN B 649 25.44 20.87 19.71
N ALA B 650 26.51 20.55 20.45
CA ALA B 650 26.74 21.20 21.74
C ALA B 650 27.11 22.66 21.59
N ARG B 651 27.77 23.01 20.49
CA ARG B 651 28.24 24.37 20.25
C ARG B 651 27.32 25.14 19.32
N MET B 652 26.14 24.59 19.00
CA MET B 652 25.22 25.27 18.11
C MET B 652 24.99 26.74 18.46
N PRO B 653 24.76 27.14 19.72
CA PRO B 653 24.51 28.58 19.98
C PRO B 653 25.65 29.50 19.52
N THR B 654 26.89 29.09 19.74
CA THR B 654 28.03 29.90 19.27
C THR B 654 28.11 29.88 17.75
N LEU B 655 27.92 28.71 17.13
CA LEU B 655 27.96 28.66 15.67
C LEU B 655 26.87 29.52 15.05
N LEU B 656 25.68 29.53 15.66
CA LEU B 656 24.60 30.41 15.20
C LEU B 656 25.05 31.85 15.13
N GLY B 657 25.71 32.32 16.19
CA GLY B 657 26.11 33.71 16.24
C GLY B 657 27.05 34.07 15.12
N LEU B 658 27.96 33.16 14.77
CA LEU B 658 28.88 33.44 13.70
C LEU B 658 28.17 33.44 12.34
N ILE B 659 27.29 32.45 12.11
CA ILE B 659 26.56 32.36 10.85
C ILE B 659 25.67 33.58 10.66
N ILE B 660 24.97 34.00 11.72
CA ILE B 660 24.09 35.17 11.64
C ILE B 660 24.85 36.40 11.16
N ARG B 661 26.04 36.63 11.71
CA ARG B 661 26.79 37.85 11.43
C ARG B 661 27.65 37.76 10.18
N GLU B 662 28.16 36.57 9.82
CA GLU B 662 29.00 36.46 8.64
C GLU B 662 28.20 36.30 7.36
N ALA B 663 27.06 35.60 7.40
CA ALA B 663 26.37 35.23 6.17
C ALA B 663 24.98 35.83 6.04
N GLY B 664 24.60 36.76 6.92
CA GLY B 664 23.30 37.41 6.76
C GLY B 664 22.10 36.55 7.09
N LYS B 665 22.27 35.54 7.92
CA LYS B 665 21.18 34.61 8.20
C LYS B 665 20.41 35.05 9.43
N SER B 666 19.11 34.75 9.43
CA SER B 666 18.31 34.87 10.63
C SER B 666 18.63 33.72 11.59
N ALA B 667 18.17 33.86 12.82
CA ALA B 667 18.41 32.80 13.81
C ALA B 667 17.80 31.48 13.37
N LEU B 668 16.55 31.48 12.86
CA LEU B 668 15.95 30.22 12.43
C LEU B 668 16.75 29.59 11.29
N ASN B 669 17.20 30.41 10.35
CA ASN B 669 17.92 29.81 9.23
C ASN B 669 19.34 29.40 9.62
N ALA B 670 19.92 30.04 10.63
CA ALA B 670 21.20 29.56 11.13
C ALA B 670 21.04 28.25 11.88
N ILE B 671 19.95 28.09 12.63
CA ILE B 671 19.67 26.80 13.27
C ILE B 671 19.55 25.71 12.21
N ALA B 672 18.80 25.99 11.14
CA ALA B 672 18.66 25.01 10.06
C ALA B 672 20.01 24.67 9.45
N GLU B 673 20.88 25.67 9.31
CA GLU B 673 22.22 25.46 8.75
C GLU B 673 23.03 24.48 9.60
N VAL B 674 23.07 24.71 10.93
CA VAL B 674 23.86 23.84 11.79
C VAL B 674 23.25 22.45 11.85
N ARG B 675 21.91 22.37 11.94
CA ARG B 675 21.25 21.06 11.94
C ARG B 675 21.60 20.26 10.70
N GLU B 676 21.61 20.91 9.53
CA GLU B 676 21.92 20.19 8.30
C GLU B 676 23.34 19.65 8.33
N ALA B 677 24.30 20.45 8.82
CA ALA B 677 25.68 19.96 8.94
C ALA B 677 25.76 18.73 9.85
N ILE B 678 25.06 18.77 11.00
CA ILE B 678 25.01 17.63 11.92
C ILE B 678 24.43 16.42 11.22
N ASP B 679 23.34 16.62 10.47
CA ASP B 679 22.69 15.51 9.79
C ASP B 679 23.57 14.93 8.68
N PHE B 680 24.27 15.77 7.91
CA PHE B 680 25.22 15.22 6.93
C PHE B 680 26.25 14.34 7.63
N LEU B 681 26.83 14.84 8.71
CA LEU B 681 27.84 14.07 9.43
C LEU B 681 27.30 12.71 9.84
N ARG B 682 26.11 12.70 10.46
CA ARG B 682 25.59 11.44 10.98
C ARG B 682 25.09 10.53 9.88
N TYR B 683 24.55 11.10 8.80
CA TYR B 683 24.05 10.28 7.70
C TYR B 683 25.20 9.63 6.95
N TYR B 684 26.25 10.39 6.62
CA TYR B 684 27.36 9.75 5.90
C TYR B 684 28.09 8.76 6.79
N ALA B 685 28.10 9.00 8.10
CA ALA B 685 28.66 8.01 9.03
C ALA B 685 27.87 6.71 8.98
N GLU B 686 26.54 6.79 9.07
CA GLU B 686 25.74 5.58 9.01
C GLU B 686 25.82 4.90 7.64
N GLN B 687 25.76 5.67 6.55
CA GLN B 687 25.88 5.05 5.24
C GLN B 687 27.21 4.33 5.09
N THR B 688 28.27 4.89 5.68
CA THR B 688 29.57 4.20 5.67
C THR B 688 29.49 2.88 6.42
N ARG B 689 28.92 2.90 7.63
CA ARG B 689 28.82 1.66 8.40
C ARG B 689 27.99 0.60 7.67
N ARG B 690 27.05 1.02 6.81
CA ARG B 690 26.23 0.07 6.06
C ARG B 690 26.92 -0.49 4.82
N THR B 691 27.98 0.17 4.30
CA THR B 691 28.43 -0.17 2.95
C THR B 691 29.94 -0.43 2.80
N LEU B 692 30.82 0.37 3.41
CA LEU B 692 32.21 0.38 2.94
C LEU B 692 33.05 -0.76 3.52
N GLY B 693 33.76 -1.44 2.63
CA GLY B 693 34.60 -2.56 2.97
C GLY B 693 35.94 -2.43 2.30
N PRO B 694 36.81 -3.44 2.46
CA PRO B 694 38.19 -3.29 1.99
C PRO B 694 38.31 -3.09 0.48
N GLY B 695 37.38 -3.60 -0.31
CA GLY B 695 37.44 -3.44 -1.75
C GLY B 695 36.95 -2.11 -2.28
N HIS B 696 36.47 -1.21 -1.41
CA HIS B 696 36.01 0.11 -1.84
C HIS B 696 37.11 1.12 -1.52
N GLY B 697 38.12 1.15 -2.39
CA GLY B 697 39.27 2.00 -2.18
C GLY B 697 38.98 3.44 -2.47
N PRO B 698 39.67 4.35 -1.77
CA PRO B 698 39.45 5.78 -1.99
C PRO B 698 40.04 6.26 -3.32
N LEU B 699 39.56 7.42 -3.75
CA LEU B 699 40.12 8.06 -4.93
C LEU B 699 41.51 8.62 -4.65
N GLY B 700 41.68 9.24 -3.50
CA GLY B 700 42.85 10.03 -3.21
C GLY B 700 42.45 11.45 -2.81
N PRO B 701 43.37 12.40 -2.90
CA PRO B 701 43.05 13.78 -2.47
C PRO B 701 41.85 14.33 -3.22
N ILE B 702 40.85 14.80 -2.47
CA ILE B 702 39.65 15.38 -3.05
CA ILE B 702 39.64 15.37 -3.03
C ILE B 702 39.61 16.86 -2.72
N VAL B 703 39.36 17.67 -3.74
CA VAL B 703 39.19 19.11 -3.59
C VAL B 703 37.70 19.37 -3.43
N CYS B 704 37.33 20.01 -2.32
CA CYS B 704 35.94 20.35 -2.02
C CYS B 704 35.79 21.85 -2.09
N ILE B 705 34.99 22.32 -3.04
CA ILE B 705 34.78 23.75 -3.29
C ILE B 705 33.30 24.01 -3.04
N SER B 706 33.02 24.98 -2.17
CA SER B 706 31.70 25.18 -1.61
C SER B 706 31.19 26.60 -1.80
N PRO B 707 29.88 26.78 -1.77
CA PRO B 707 29.28 28.10 -2.01
C PRO B 707 29.15 28.88 -0.71
N TRP B 708 28.90 30.18 -0.84
CA TRP B 708 28.79 30.99 0.37
C TRP B 708 27.43 30.82 1.05
N ASN B 709 26.38 30.40 0.33
CA ASN B 709 25.04 30.67 0.83
C ASN B 709 24.58 29.65 1.86
N PHE B 710 25.17 28.46 1.89
CA PHE B 710 24.99 27.48 2.95
C PHE B 710 26.39 27.22 3.48
N PRO B 711 26.94 28.17 4.26
CA PRO B 711 28.40 28.24 4.45
C PRO B 711 28.94 27.20 5.42
N LEU B 712 28.09 26.58 6.22
CA LEU B 712 28.50 25.44 7.03
C LEU B 712 27.93 24.12 6.55
N ALA B 713 26.69 24.10 6.09
CA ALA B 713 26.05 22.82 5.80
C ALA B 713 26.63 22.15 4.57
N ILE B 714 26.68 22.83 3.43
CA ILE B 714 27.22 22.20 2.23
C ILE B 714 28.73 22.03 2.37
N PHE B 715 29.39 23.01 2.97
CA PHE B 715 30.80 22.89 3.30
C PHE B 715 31.09 21.59 4.05
N THR B 716 30.36 21.35 5.13
CA THR B 716 30.57 20.14 5.94
C THR B 716 30.18 18.89 5.19
N GLY B 717 29.05 18.92 4.47
CA GLY B 717 28.59 17.72 3.80
C GLY B 717 29.60 17.16 2.82
N GLN B 718 30.14 18.03 1.94
CA GLN B 718 31.10 17.55 0.94
C GLN B 718 32.34 16.97 1.61
N ILE B 719 32.87 17.69 2.59
CA ILE B 719 34.11 17.28 3.26
C ILE B 719 33.89 15.98 4.00
N ALA B 720 32.78 15.88 4.74
CA ALA B 720 32.52 14.69 5.53
C ALA B 720 32.43 13.45 4.66
N ALA B 721 31.71 13.57 3.54
CA ALA B 721 31.56 12.43 2.65
C ALA B 721 32.90 12.00 2.07
N ALA B 722 33.69 12.97 1.58
CA ALA B 722 35.01 12.62 1.05
C ALA B 722 35.89 11.96 2.12
N LEU B 723 35.92 12.54 3.33
CA LEU B 723 36.74 12.00 4.41
C LEU B 723 36.32 10.58 4.76
N VAL B 724 35.02 10.36 4.95
CA VAL B 724 34.60 9.06 5.46
C VAL B 724 34.75 7.97 4.40
N ALA B 725 34.75 8.35 3.13
CA ALA B 725 35.09 7.41 2.06
C ALA B 725 36.58 7.14 1.97
N GLY B 726 37.40 7.76 2.82
CA GLY B 726 38.81 7.41 2.90
C GLY B 726 39.74 8.34 2.18
N ASN B 727 39.27 9.52 1.76
CA ASN B 727 40.02 10.49 0.97
C ASN B 727 40.46 11.65 1.84
N PRO B 728 41.72 12.07 1.77
CA PRO B 728 42.09 13.34 2.38
C PRO B 728 41.50 14.47 1.57
N VAL B 729 41.24 15.59 2.24
CA VAL B 729 40.44 16.68 1.69
C VAL B 729 41.19 17.99 1.71
N LEU B 730 41.09 18.73 0.59
CA LEU B 730 41.51 20.12 0.49
C LEU B 730 40.22 20.94 0.45
N ALA B 731 39.94 21.68 1.52
CA ALA B 731 38.67 22.37 1.65
C ALA B 731 38.84 23.85 1.28
N LYS B 732 38.15 24.27 0.21
CA LYS B 732 38.24 25.64 -0.29
C LYS B 732 36.87 26.30 -0.13
N PRO B 733 36.65 27.03 0.95
CA PRO B 733 35.35 27.68 1.16
C PRO B 733 35.22 28.92 0.31
N ALA B 734 33.98 29.32 0.10
CA ALA B 734 33.69 30.56 -0.62
C ALA B 734 34.41 31.74 0.03
N GLU B 735 34.85 32.68 -0.81
CA GLU B 735 35.59 33.83 -0.28
C GLU B 735 34.75 34.69 0.65
N GLU B 736 33.42 34.67 0.49
CA GLU B 736 32.57 35.51 1.32
C GLU B 736 32.42 34.98 2.74
N THR B 737 32.57 33.68 2.96
CA THR B 737 32.21 33.06 4.25
C THR B 737 33.30 32.13 4.77
N PRO B 738 34.53 32.61 4.94
CA PRO B 738 35.61 31.72 5.42
C PRO B 738 35.57 31.42 6.90
N LEU B 739 34.96 32.25 7.74
CA LEU B 739 35.09 32.08 9.19
C LEU B 739 34.35 30.85 9.68
N ILE B 740 33.10 30.66 9.23
CA ILE B 740 32.38 29.49 9.72
C ILE B 740 33.00 28.22 9.14
N ALA B 741 33.58 28.29 7.94
CA ALA B 741 34.29 27.14 7.39
C ALA B 741 35.50 26.78 8.23
N ALA B 742 36.27 27.78 8.66
CA ALA B 742 37.40 27.52 9.53
C ALA B 742 36.96 26.86 10.83
N GLU B 743 35.81 27.28 11.36
CA GLU B 743 35.31 26.67 12.58
C GLU B 743 34.88 25.22 12.34
N GLY B 744 34.26 24.93 11.18
CA GLY B 744 33.96 23.55 10.84
C GLY B 744 35.20 22.69 10.79
N VAL B 745 36.29 23.20 10.23
CA VAL B 745 37.52 22.43 10.18
C VAL B 745 38.10 22.24 11.58
N ARG B 746 38.05 23.27 12.43
CA ARG B 746 38.46 23.10 13.83
C ARG B 746 37.73 21.94 14.47
N ILE B 747 36.41 21.89 14.26
CA ILE B 747 35.58 20.88 14.91
C ILE B 747 35.90 19.48 14.37
N LEU B 748 36.07 19.35 13.05
CA LEU B 748 36.41 18.05 12.48
CA LEU B 748 36.39 18.04 12.52
C LEU B 748 37.77 17.57 12.96
N ARG B 749 38.74 18.48 13.06
CA ARG B 749 40.04 18.09 13.57
C ARG B 749 39.94 17.69 15.04
N GLU B 750 39.16 18.44 15.83
CA GLU B 750 38.99 18.11 17.24
C GLU B 750 38.37 16.73 17.39
N ALA B 751 37.51 16.36 16.45
CA ALA B 751 36.79 15.10 16.50
C ALA B 751 37.65 13.93 16.05
N GLY B 752 38.87 14.16 15.57
CA GLY B 752 39.77 13.08 15.21
C GLY B 752 40.26 13.08 13.78
N ILE B 753 39.82 13.99 12.91
CA ILE B 753 40.36 14.02 11.55
C ILE B 753 41.77 14.57 11.60
N PRO B 754 42.79 13.83 11.16
CA PRO B 754 44.17 14.35 11.22
C PRO B 754 44.33 15.59 10.35
N ALA B 755 45.25 16.45 10.79
CA ALA B 755 45.54 17.66 10.04
C ALA B 755 45.95 17.35 8.59
N SER B 756 46.66 16.24 8.37
CA SER B 756 47.05 15.91 7.01
C SER B 756 45.88 15.43 6.17
N ALA B 757 44.79 15.00 6.80
CA ALA B 757 43.61 14.58 6.06
C ALA B 757 42.62 15.72 5.78
N LEU B 758 42.77 16.87 6.43
CA LEU B 758 41.80 17.95 6.23
C LEU B 758 42.52 19.28 6.35
N GLN B 759 42.76 19.91 5.20
CA GLN B 759 43.43 21.19 5.13
C GLN B 759 42.45 22.24 4.62
N LEU B 760 42.49 23.43 5.22
CA LEU B 760 41.62 24.54 4.85
C LEU B 760 42.41 25.56 4.04
N LEU B 761 41.88 25.93 2.87
CA LEU B 761 42.56 26.86 1.96
C LEU B 761 41.61 28.01 1.63
N PRO B 762 41.53 29.03 2.48
CA PRO B 762 40.66 30.16 2.16
C PRO B 762 41.17 30.91 0.94
N GLY B 763 40.24 31.57 0.26
CA GLY B 763 40.60 32.41 -0.86
C GLY B 763 39.49 32.43 -1.89
N ASP B 764 39.76 33.09 -3.02
CA ASP B 764 38.73 33.23 -4.03
C ASP B 764 38.85 32.12 -5.08
N GLY B 765 38.25 32.34 -6.26
CA GLY B 765 38.21 31.30 -7.26
C GLY B 765 39.57 30.90 -7.79
N ARG B 766 40.57 31.80 -7.69
CA ARG B 766 41.90 31.41 -8.14
C ARG B 766 42.49 30.31 -7.27
N VAL B 767 42.17 30.30 -5.98
CA VAL B 767 42.63 29.23 -5.10
C VAL B 767 41.91 27.93 -5.46
N GLY B 768 40.59 28.01 -5.70
CA GLY B 768 39.88 26.82 -6.17
C GLY B 768 40.46 26.25 -7.45
N ALA B 769 40.73 27.14 -8.42
CA ALA B 769 41.27 26.67 -9.69
C ALA B 769 42.64 26.05 -9.52
N ALA B 770 43.48 26.63 -8.66
CA ALA B 770 44.81 26.09 -8.44
C ALA B 770 44.73 24.69 -7.82
N LEU B 771 43.77 24.49 -6.92
CA LEU B 771 43.57 23.16 -6.34
C LEU B 771 43.11 22.15 -7.38
N VAL B 772 42.15 22.55 -8.22
CA VAL B 772 41.61 21.65 -9.23
C VAL B 772 42.70 21.20 -10.20
N ALA B 773 43.63 22.11 -10.53
CA ALA B 773 44.65 21.83 -11.53
C ALA B 773 45.84 21.04 -10.98
N ALA B 774 45.96 20.92 -9.66
CA ALA B 774 47.12 20.27 -9.07
C ALA B 774 47.21 18.81 -9.48
N ALA B 775 48.46 18.36 -9.72
CA ALA B 775 48.69 17.04 -10.31
C ALA B 775 48.08 15.91 -9.50
N GLU B 776 48.10 16.01 -8.17
CA GLU B 776 47.68 14.89 -7.35
C GLU B 776 46.20 14.90 -6.99
N THR B 777 45.44 15.89 -7.45
CA THR B 777 44.01 15.94 -7.18
C THR B 777 43.32 14.78 -7.87
N ALA B 778 42.59 13.97 -7.09
CA ALA B 778 41.99 12.74 -7.60
C ALA B 778 40.48 12.82 -7.76
N GLY B 779 39.85 13.90 -7.29
CA GLY B 779 38.43 14.10 -7.48
C GLY B 779 38.08 15.49 -7.02
N VAL B 780 36.96 16.01 -7.53
CA VAL B 780 36.49 17.35 -7.18
C VAL B 780 35.02 17.29 -6.82
N MET B 781 34.67 17.90 -5.67
CA MET B 781 33.29 18.07 -5.25
C MET B 781 33.01 19.56 -5.28
N PHE B 782 32.12 19.97 -6.16
CA PHE B 782 31.82 21.37 -6.36
C PHE B 782 30.33 21.62 -6.15
N THR B 783 30.03 22.67 -5.39
CA THR B 783 28.67 23.20 -5.32
C THR B 783 28.76 24.70 -5.53
N GLY B 784 27.99 25.23 -6.47
CA GLY B 784 28.14 26.62 -6.85
C GLY B 784 27.41 26.89 -8.14
N SER B 785 27.77 27.98 -8.79
CA SER B 785 27.09 28.35 -10.02
C SER B 785 27.46 27.41 -11.17
N THR B 786 26.51 27.26 -12.10
CA THR B 786 26.77 26.43 -13.28
C THR B 786 27.95 26.97 -14.08
N GLU B 787 28.05 28.30 -14.16
CA GLU B 787 29.13 28.92 -14.93
C GLU B 787 30.50 28.53 -14.41
N VAL B 788 30.68 28.53 -13.08
CA VAL B 788 31.96 28.15 -12.50
C VAL B 788 32.20 26.66 -12.66
N ALA B 789 31.14 25.84 -12.52
CA ALA B 789 31.29 24.40 -12.72
C ALA B 789 31.86 24.09 -14.08
N ARG B 790 31.43 24.83 -15.11
CA ARG B 790 31.94 24.60 -16.46
C ARG B 790 33.44 24.82 -16.55
N LEU B 791 33.96 25.86 -15.87
CA LEU B 791 35.39 26.11 -15.92
C LEU B 791 36.16 24.99 -15.25
N ILE B 792 35.65 24.49 -14.11
CA ILE B 792 36.29 23.36 -13.44
C ILE B 792 36.28 22.12 -14.32
N GLN B 793 35.12 21.85 -14.94
CA GLN B 793 35.03 20.71 -15.86
C GLN B 793 36.06 20.79 -16.97
N ALA B 794 36.24 21.97 -17.55
CA ALA B 794 37.25 22.12 -18.61
C ALA B 794 38.67 21.86 -18.07
N GLN B 795 38.97 22.36 -16.85
CA GLN B 795 40.27 22.07 -16.24
C GLN B 795 40.51 20.57 -16.13
N LEU B 796 39.51 19.84 -15.62
CA LEU B 796 39.69 18.42 -15.34
C LEU B 796 39.78 17.61 -16.61
N ALA B 797 39.13 18.06 -17.69
CA ALA B 797 39.10 17.28 -18.92
C ALA B 797 40.47 17.15 -19.55
N ASP B 798 41.42 18.02 -19.18
CA ASP B 798 42.79 17.93 -19.66
C ASP B 798 43.61 16.88 -18.91
N ARG B 799 43.09 16.35 -17.81
CA ARG B 799 43.84 15.46 -16.93
C ARG B 799 43.23 14.06 -16.94
N LEU B 800 44.04 13.09 -16.54
CA LEU B 800 43.61 11.73 -16.25
C LEU B 800 44.27 11.29 -14.95
N SER B 801 43.63 10.32 -14.30
CA SER B 801 44.21 9.69 -13.13
C SER B 801 45.47 8.92 -13.54
N PRO B 802 46.31 8.54 -12.57
CA PRO B 802 47.43 7.64 -12.91
C PRO B 802 46.99 6.38 -13.62
N ALA B 803 45.78 5.90 -13.34
CA ALA B 803 45.21 4.74 -14.02
C ALA B 803 44.66 5.07 -15.40
N GLY B 804 44.75 6.32 -15.86
CA GLY B 804 44.28 6.67 -17.17
C GLY B 804 42.78 6.83 -17.30
N ARG B 805 42.11 7.31 -16.26
CA ARG B 805 40.67 7.47 -16.27
C ARG B 805 40.29 8.88 -15.86
N PRO B 806 39.09 9.34 -16.23
CA PRO B 806 38.70 10.71 -15.89
C PRO B 806 38.63 10.92 -14.39
N ILE B 807 39.01 12.14 -13.98
CA ILE B 807 38.92 12.59 -12.59
C ILE B 807 37.45 12.83 -12.27
N PRO B 808 36.89 12.17 -11.26
CA PRO B 808 35.45 12.36 -10.97
C PRO B 808 35.14 13.78 -10.51
N LEU B 809 34.04 14.32 -11.01
CA LEU B 809 33.53 15.63 -10.62
C LEU B 809 32.07 15.47 -10.22
N ILE B 810 31.74 15.88 -8.98
CA ILE B 810 30.36 16.12 -8.59
C ILE B 810 30.16 17.61 -8.69
N ALA B 811 29.22 18.05 -9.52
CA ALA B 811 29.00 19.49 -9.70
C ALA B 811 27.52 19.77 -9.52
N GLU B 812 27.17 20.35 -8.37
CA GLU B 812 25.78 20.64 -8.02
C GLU B 812 25.58 22.14 -8.14
N THR B 813 24.70 22.55 -9.05
CA THR B 813 24.73 23.91 -9.57
C THR B 813 23.36 24.57 -9.41
N GLY B 814 23.07 25.56 -10.24
CA GLY B 814 21.97 26.47 -9.96
C GLY B 814 20.59 25.93 -10.32
N GLY B 815 19.57 26.76 -10.07
CA GLY B 815 18.21 26.39 -10.39
C GLY B 815 17.44 27.57 -10.95
N GLN B 816 16.32 27.26 -11.60
CA GLN B 816 15.34 28.27 -12.04
C GLN B 816 13.97 27.74 -11.63
N ASN B 817 13.71 27.79 -10.33
CA ASN B 817 12.72 26.91 -9.72
C ASN B 817 11.33 27.50 -9.78
N ALA B 818 10.36 26.67 -10.20
CA ALA B 818 8.98 27.09 -10.36
C ALA B 818 8.08 26.46 -9.32
N MET B 819 6.97 27.13 -9.04
CA MET B 819 5.86 26.57 -8.29
C MET B 819 4.61 26.81 -9.10
N ILE B 820 3.83 25.75 -9.35
CA ILE B 820 2.56 25.86 -10.05
C ILE B 820 1.43 25.76 -9.04
N VAL B 821 0.48 26.67 -9.13
CA VAL B 821 -0.65 26.79 -8.20
C VAL B 821 -1.93 26.78 -9.03
N ASP B 822 -2.83 25.85 -8.74
CA ASP B 822 -4.10 25.90 -9.46
C ASP B 822 -5.20 26.48 -8.57
N SER B 823 -6.41 26.51 -9.11
CA SER B 823 -7.51 27.18 -8.41
C SER B 823 -8.06 26.38 -7.24
N SER B 824 -7.59 25.16 -7.00
CA SER B 824 -8.02 24.39 -5.85
C SER B 824 -7.16 24.63 -4.63
N ALA B 825 -5.99 25.24 -4.79
CA ALA B 825 -5.08 25.48 -3.70
C ALA B 825 -5.66 26.50 -2.71
N LEU B 826 -5.22 26.41 -1.46
CA LEU B 826 -5.65 27.32 -0.41
C LEU B 826 -4.70 28.53 -0.41
N ALA B 827 -5.25 29.73 -0.66
CA ALA B 827 -4.40 30.89 -0.88
C ALA B 827 -3.47 31.16 0.29
N GLU B 828 -3.97 31.06 1.52
CA GLU B 828 -3.13 31.34 2.68
C GLU B 828 -1.93 30.39 2.74
N GLN B 829 -2.15 29.12 2.39
CA GLN B 829 -1.06 28.15 2.38
C GLN B 829 -0.05 28.48 1.31
N VAL B 830 -0.54 28.80 0.11
CA VAL B 830 0.33 29.22 -0.99
C VAL B 830 1.19 30.42 -0.56
N VAL B 831 0.55 31.45 0.01
CA VAL B 831 1.28 32.67 0.31
C VAL B 831 2.37 32.41 1.35
N GLY B 832 2.06 31.63 2.39
CA GLY B 832 3.10 31.30 3.36
C GLY B 832 4.26 30.55 2.75
N ASP B 833 3.97 29.60 1.87
CA ASP B 833 5.03 28.81 1.26
C ASP B 833 5.80 29.60 0.21
N VAL B 834 5.16 30.58 -0.43
CA VAL B 834 5.86 31.44 -1.37
C VAL B 834 6.80 32.39 -0.63
N ILE B 835 6.32 32.98 0.47
CA ILE B 835 7.20 33.88 1.22
C ILE B 835 8.41 33.13 1.75
N THR B 836 8.19 31.92 2.29
CA THR B 836 9.31 31.09 2.73
C THR B 836 10.25 30.78 1.57
N SER B 837 9.69 30.31 0.46
CA SER B 837 10.54 29.78 -0.61
C SER B 837 11.25 30.87 -1.39
N ALA B 838 10.58 32.00 -1.62
CA ALA B 838 11.14 33.05 -2.46
C ALA B 838 12.00 34.04 -1.70
N PHE B 839 11.66 34.34 -0.45
CA PHE B 839 12.24 35.49 0.21
C PHE B 839 13.01 35.19 1.49
N ASP B 840 12.81 34.03 2.10
CA ASP B 840 13.69 33.58 3.17
CA ASP B 840 13.69 33.60 3.18
C ASP B 840 15.14 33.64 2.70
N SER B 841 16.02 34.10 3.58
CA SER B 841 17.43 34.26 3.24
C SER B 841 17.63 35.19 2.05
N ALA B 842 16.69 36.13 1.87
CA ALA B 842 16.68 37.06 0.74
C ALA B 842 16.84 36.30 -0.58
N GLY B 843 16.18 35.13 -0.67
CA GLY B 843 16.24 34.36 -1.89
C GLY B 843 17.57 33.73 -2.20
N GLN B 844 18.48 33.72 -1.23
CA GLN B 844 19.83 33.20 -1.49
C GLN B 844 19.95 31.73 -1.10
N ARG B 845 19.05 30.94 -1.69
CA ARG B 845 19.06 29.49 -1.62
CA ARG B 845 19.08 29.49 -1.62
C ARG B 845 19.02 28.96 -3.04
N CYS B 846 19.83 27.94 -3.33
CA CYS B 846 19.74 27.35 -4.66
C CYS B 846 18.33 26.83 -4.95
N SER B 847 17.61 26.41 -3.92
CA SER B 847 16.25 25.87 -3.98
C SER B 847 15.17 26.95 -4.04
N ALA B 848 15.54 28.22 -3.98
CA ALA B 848 14.56 29.29 -3.80
C ALA B 848 13.59 29.35 -4.97
N LEU B 849 12.35 29.75 -4.65
CA LEU B 849 11.32 29.91 -5.68
C LEU B 849 11.61 31.14 -6.53
N ARG B 850 11.76 30.91 -7.84
CA ARG B 850 12.04 31.98 -8.81
C ARG B 850 10.85 32.33 -9.68
N VAL B 851 9.97 31.37 -9.97
CA VAL B 851 8.85 31.61 -10.88
C VAL B 851 7.59 31.04 -10.25
N LEU B 852 6.66 31.91 -9.86
CA LEU B 852 5.37 31.52 -9.31
C LEU B 852 4.35 31.53 -10.45
N CYS B 853 3.77 30.37 -10.77
CA CYS B 853 2.81 30.24 -11.86
C CYS B 853 1.42 30.08 -11.27
N LEU B 854 0.55 31.06 -11.50
CA LEU B 854 -0.77 31.11 -10.89
C LEU B 854 -1.85 30.90 -11.95
N GLN B 855 -2.79 29.99 -11.67
CA GLN B 855 -3.93 29.86 -12.57
C GLN B 855 -4.66 31.21 -12.65
N GLU B 856 -5.06 31.59 -13.87
CA GLU B 856 -5.45 32.98 -14.09
C GLU B 856 -6.64 33.39 -13.23
N ASP B 857 -7.53 32.44 -12.92
CA ASP B 857 -8.75 32.75 -12.18
C ASP B 857 -8.48 33.12 -10.73
N VAL B 858 -7.37 32.66 -10.15
CA VAL B 858 -7.06 32.94 -8.76
C VAL B 858 -5.86 33.86 -8.60
N ALA B 859 -5.25 34.30 -9.70
CA ALA B 859 -3.98 35.02 -9.60
C ALA B 859 -4.12 36.34 -8.86
N ASP B 860 -5.13 37.14 -9.19
CA ASP B 860 -5.27 38.45 -8.56
C ASP B 860 -5.45 38.33 -7.05
N ARG B 861 -6.31 37.40 -6.61
CA ARG B 861 -6.54 37.27 -5.17
C ARG B 861 -5.29 36.78 -4.44
N ILE B 862 -4.56 35.84 -5.03
CA ILE B 862 -3.33 35.38 -4.39
C ILE B 862 -2.29 36.49 -4.36
N LEU B 863 -2.16 37.26 -5.43
CA LEU B 863 -1.15 38.33 -5.45
C LEU B 863 -1.47 39.42 -4.45
N THR B 864 -2.75 39.78 -4.29
CA THR B 864 -3.13 40.75 -3.27
C THR B 864 -2.72 40.25 -1.89
N MET B 865 -2.99 38.98 -1.60
CA MET B 865 -2.66 38.43 -0.30
C MET B 865 -1.15 38.36 -0.10
N LEU B 866 -0.43 37.97 -1.15
CA LEU B 866 1.04 37.90 -1.07
C LEU B 866 1.63 39.27 -0.76
N LYS B 867 1.14 40.31 -1.47
CA LYS B 867 1.68 41.64 -1.25
C LYS B 867 1.35 42.14 0.15
N GLY B 868 0.16 41.81 0.65
CA GLY B 868 -0.16 42.21 2.02
C GLY B 868 0.71 41.52 3.04
N ALA B 869 1.01 40.23 2.82
CA ALA B 869 1.89 39.52 3.72
C ALA B 869 3.31 40.06 3.63
N LEU B 870 3.77 40.44 2.42
CA LEU B 870 5.13 40.97 2.31
C LEU B 870 5.28 42.29 3.07
N HIS B 871 4.20 43.05 3.18
CA HIS B 871 4.29 44.33 3.89
C HIS B 871 4.51 44.13 5.37
N GLU B 872 4.33 42.92 5.89
CA GLU B 872 4.53 42.65 7.32
C GLU B 872 5.91 42.13 7.64
N LEU B 873 6.79 41.99 6.64
CA LEU B 873 8.14 41.49 6.89
C LEU B 873 9.08 42.59 7.36
N HIS B 874 10.00 42.20 8.23
CA HIS B 874 11.04 43.10 8.75
C HIS B 874 12.35 42.74 8.06
N ILE B 875 12.92 43.72 7.35
CA ILE B 875 14.20 43.57 6.64
C ILE B 875 15.26 44.32 7.42
N GLY B 876 16.36 43.66 7.74
CA GLY B 876 17.42 44.38 8.43
C GLY B 876 18.55 43.46 8.87
N ARG B 877 19.41 44.02 9.72
CA ARG B 877 20.52 43.26 10.28
C ARG B 877 19.98 42.12 11.12
N THR B 878 20.54 40.92 10.96
CA THR B 878 19.84 39.71 11.38
C THR B 878 20.09 39.33 12.84
N ASP B 879 20.74 40.18 13.62
CA ASP B 879 20.99 39.88 15.03
C ASP B 879 19.85 40.30 15.92
N ARG B 880 18.63 40.34 15.38
CA ARG B 880 17.40 40.57 16.13
C ARG B 880 16.42 39.49 15.72
N LEU B 881 15.75 38.88 16.72
CA LEU B 881 14.78 37.82 16.44
C LEU B 881 13.63 38.31 15.57
N SER B 882 13.32 39.60 15.63
CA SER B 882 12.21 40.16 14.86
C SER B 882 12.54 40.37 13.38
N VAL B 883 13.77 40.10 12.94
CA VAL B 883 14.12 40.31 11.54
C VAL B 883 13.78 39.07 10.74
N ASP B 884 13.05 39.26 9.64
CA ASP B 884 12.60 38.19 8.76
C ASP B 884 13.51 37.99 7.56
N VAL B 885 13.96 39.08 6.94
CA VAL B 885 14.75 39.05 5.72
C VAL B 885 16.05 39.79 5.97
N GLY B 886 17.18 39.11 5.76
CA GLY B 886 18.48 39.71 5.91
C GLY B 886 19.05 40.29 4.63
N PRO B 887 20.34 40.62 4.66
CA PRO B 887 20.99 41.26 3.52
C PRO B 887 21.38 40.28 2.42
N VAL B 888 21.71 40.84 1.27
CA VAL B 888 22.42 40.06 0.26
C VAL B 888 23.92 40.11 0.58
N ILE B 889 24.66 39.12 0.08
CA ILE B 889 25.96 38.84 0.68
C ILE B 889 27.00 39.94 0.38
N THR B 890 26.96 40.56 -0.80
CA THR B 890 27.97 41.54 -1.17
C THR B 890 27.34 42.64 -2.01
N SER B 891 28.07 43.74 -2.14
CA SER B 891 27.67 44.81 -3.04
CA SER B 891 27.63 44.79 -3.04
C SER B 891 27.63 44.32 -4.48
N GLU B 892 28.57 43.44 -4.84
CA GLU B 892 28.59 42.86 -6.18
C GLU B 892 27.33 42.06 -6.45
N ALA B 893 26.90 41.26 -5.48
CA ALA B 893 25.66 40.50 -5.68
C ALA B 893 24.47 41.44 -5.77
N LYS B 894 24.43 42.46 -4.91
CA LYS B 894 23.38 43.46 -4.99
C LYS B 894 23.32 44.10 -6.37
N ASP B 895 24.48 44.51 -6.92
CA ASP B 895 24.50 45.11 -8.26
C ASP B 895 23.97 44.15 -9.32
N ASN B 896 24.32 42.86 -9.21
CA ASN B 896 23.90 41.89 -10.20
C ASN B 896 22.38 41.71 -10.16
N ILE B 897 21.82 41.64 -8.95
CA ILE B 897 20.37 41.50 -8.81
C ILE B 897 19.67 42.73 -9.35
N GLU B 898 20.18 43.92 -8.97
CA GLU B 898 19.56 45.16 -9.42
C GLU B 898 19.65 45.35 -10.92
N LYS B 899 20.73 44.86 -11.54
CA LYS B 899 20.84 44.94 -13.00
C LYS B 899 19.74 44.13 -13.68
N HIS B 900 19.39 42.98 -13.10
CA HIS B 900 18.29 42.19 -13.64
C HIS B 900 16.96 42.93 -13.48
N ILE B 901 16.70 43.45 -12.27
CA ILE B 901 15.45 44.15 -12.01
C ILE B 901 15.29 45.31 -12.97
N GLU B 902 16.36 46.09 -13.15
CA GLU B 902 16.27 47.23 -14.05
C GLU B 902 16.13 46.79 -15.52
N ARG B 903 16.72 45.66 -15.89
CA ARG B 903 16.50 45.13 -17.24
CA ARG B 903 16.49 45.13 -17.24
C ARG B 903 15.03 44.79 -17.46
N MET B 904 14.40 44.13 -16.48
CA MET B 904 12.99 43.83 -16.58
C MET B 904 12.14 45.09 -16.61
N ARG B 905 12.49 46.06 -15.78
CA ARG B 905 11.75 47.33 -15.77
C ARG B 905 11.85 48.01 -17.13
N GLY B 906 13.04 48.04 -17.71
CA GLY B 906 13.23 48.67 -19.02
C GLY B 906 12.52 47.97 -20.15
N LEU B 907 12.24 46.68 -20.02
CA LEU B 907 11.45 45.94 -20.99
C LEU B 907 9.95 46.20 -20.83
N GLY B 908 9.54 46.95 -19.82
CA GLY B 908 8.15 47.27 -19.60
C GLY B 908 7.41 46.34 -18.67
N ARG B 909 8.10 45.38 -18.05
CA ARG B 909 7.44 44.47 -17.14
C ARG B 909 7.07 45.18 -15.84
N LYS B 910 5.95 44.77 -15.26
CA LYS B 910 5.54 45.31 -13.96
C LYS B 910 6.50 44.81 -12.87
N VAL B 911 7.08 45.75 -12.14
CA VAL B 911 8.02 45.48 -11.06
C VAL B 911 7.49 46.17 -9.81
N GLU B 912 7.37 45.41 -8.72
CA GLU B 912 6.95 45.94 -7.43
C GLU B 912 7.95 45.52 -6.35
N GLN B 913 8.31 46.47 -5.49
CA GLN B 913 9.22 46.23 -4.38
C GLN B 913 8.62 46.77 -3.09
N ILE B 914 8.91 46.10 -1.98
CA ILE B 914 8.53 46.67 -0.69
C ILE B 914 9.62 47.61 -0.18
N GLY B 915 9.32 48.33 0.90
CA GLY B 915 10.24 49.35 1.37
C GLY B 915 11.32 48.82 2.29
N LEU B 916 12.41 49.60 2.39
CA LEU B 916 13.53 49.28 3.26
C LEU B 916 13.70 50.39 4.29
N ALA B 917 13.97 50.00 5.53
CA ALA B 917 14.27 50.97 6.58
C ALA B 917 15.61 51.63 6.31
N SER B 918 15.76 52.85 6.83
CA SER B 918 16.99 53.60 6.58
C SER B 918 18.21 52.90 7.16
N GLU B 919 18.03 52.08 8.20
CA GLU B 919 19.14 51.36 8.81
C GLU B 919 19.77 50.36 7.87
N THR B 920 19.12 50.02 6.75
CA THR B 920 19.73 49.09 5.81
C THR B 920 20.90 49.71 5.06
N GLY B 921 21.01 51.04 5.04
CA GLY B 921 22.02 51.73 4.26
C GLY B 921 23.46 51.41 4.62
N VAL B 922 23.70 50.91 5.84
CA VAL B 922 25.05 50.53 6.24
C VAL B 922 25.44 49.13 5.76
N GLY B 923 24.49 48.38 5.19
CA GLY B 923 24.80 47.08 4.63
C GLY B 923 24.28 46.96 3.22
N THR B 924 24.23 45.75 2.66
CA THR B 924 23.82 45.55 1.28
C THR B 924 22.49 44.78 1.26
N PHE B 925 21.40 45.51 1.03
CA PHE B 925 20.06 44.93 1.03
C PHE B 925 19.36 45.14 -0.30
N VAL B 926 18.57 44.14 -0.69
CA VAL B 926 17.61 44.23 -1.78
C VAL B 926 16.25 43.84 -1.22
N PRO B 927 15.21 44.65 -1.41
CA PRO B 927 13.90 44.29 -0.85
C PRO B 927 13.24 43.20 -1.68
N PRO B 928 12.36 42.41 -1.06
CA PRO B 928 11.51 41.50 -1.83
C PRO B 928 10.88 42.18 -3.03
N THR B 929 11.02 41.54 -4.18
CA THR B 929 10.67 42.10 -5.47
C THR B 929 9.80 41.10 -6.22
N ILE B 930 8.72 41.59 -6.83
CA ILE B 930 7.81 40.79 -7.63
C ILE B 930 7.80 41.37 -9.04
N ILE B 931 8.05 40.53 -10.03
CA ILE B 931 8.10 40.95 -11.43
C ILE B 931 7.13 40.10 -12.23
N GLU B 932 6.26 40.74 -12.99
CA GLU B 932 5.29 40.00 -13.80
C GLU B 932 5.90 39.71 -15.16
N LEU B 933 5.91 38.43 -15.55
CA LEU B 933 6.45 38.04 -16.83
C LEU B 933 5.33 37.75 -17.83
N GLU B 934 5.65 37.95 -19.10
CA GLU B 934 4.74 37.50 -20.16
C GLU B 934 4.98 36.04 -20.50
N LYS B 935 6.24 35.60 -20.48
CA LYS B 935 6.59 34.23 -20.76
C LYS B 935 7.78 33.84 -19.90
N LEU B 936 7.91 32.54 -19.63
CA LEU B 936 9.06 32.09 -18.83
C LEU B 936 10.37 32.35 -19.56
N SER B 937 10.36 32.34 -20.89
CA SER B 937 11.57 32.65 -21.65
C SER B 937 12.03 34.09 -21.45
N ASP B 938 11.26 34.93 -20.77
CA ASP B 938 11.76 36.25 -20.39
C ASP B 938 12.99 36.14 -19.50
N LEU B 939 13.12 35.03 -18.77
CA LEU B 939 14.25 34.81 -17.88
C LEU B 939 15.36 34.12 -18.63
N GLN B 940 16.59 34.61 -18.46
CA GLN B 940 17.74 34.07 -19.15
C GLN B 940 18.74 33.39 -18.23
N ARG B 941 18.65 33.64 -16.93
CA ARG B 941 19.72 33.26 -16.02
C ARG B 941 19.14 33.19 -14.62
N GLU B 942 19.79 32.38 -13.79
CA GLU B 942 19.46 32.36 -12.36
C GLU B 942 19.83 33.71 -11.75
N VAL B 943 18.86 34.34 -11.08
CA VAL B 943 19.10 35.59 -10.37
C VAL B 943 19.01 35.29 -8.88
N PHE B 944 20.16 35.33 -8.21
CA PHE B 944 20.31 34.75 -6.88
C PHE B 944 20.04 35.84 -5.84
N GLY B 945 18.76 36.13 -5.65
CA GLY B 945 18.35 37.20 -4.77
C GLY B 945 16.85 37.15 -4.54
N PRO B 946 16.30 38.15 -3.88
CA PRO B 946 14.88 38.08 -3.47
C PRO B 946 13.94 38.58 -4.56
N VAL B 947 13.97 37.93 -5.71
CA VAL B 947 13.25 38.39 -6.90
C VAL B 947 12.35 37.27 -7.36
N LEU B 948 11.06 37.46 -7.16
CA LEU B 948 10.05 36.47 -7.54
C LEU B 948 9.40 36.92 -8.85
N HIS B 949 9.35 36.02 -9.81
CA HIS B 949 8.69 36.28 -11.08
C HIS B 949 7.36 35.57 -11.11
N VAL B 950 6.36 36.21 -11.74
CA VAL B 950 4.99 35.71 -11.73
C VAL B 950 4.51 35.49 -13.15
N ILE B 951 3.95 34.31 -13.41
CA ILE B 951 3.34 33.93 -14.68
C ILE B 951 1.90 33.55 -14.39
N ARG B 952 0.96 34.00 -15.23
CA ARG B 952 -0.43 33.55 -15.16
C ARG B 952 -0.68 32.56 -16.28
N TYR B 953 -1.47 31.52 -16.00
CA TYR B 953 -1.73 30.51 -17.03
C TYR B 953 -3.20 30.08 -17.01
N ARG B 954 -3.68 29.66 -18.17
CA ARG B 954 -4.98 29.01 -18.28
C ARG B 954 -4.83 27.52 -18.04
N ARG B 955 -5.80 26.92 -17.35
CA ARG B 955 -5.67 25.51 -16.97
C ARG B 955 -5.49 24.61 -18.19
N ASP B 956 -6.13 24.95 -19.32
CA ASP B 956 -5.94 24.14 -20.53
C ASP B 956 -4.52 24.19 -21.05
N ASP B 957 -3.71 25.15 -20.58
CA ASP B 957 -2.33 25.30 -21.02
C ASP B 957 -1.33 24.70 -20.03
N LEU B 958 -1.80 23.89 -19.08
CA LEU B 958 -0.92 23.39 -18.03
C LEU B 958 0.23 22.56 -18.61
N ASP B 959 -0.06 21.70 -19.59
CA ASP B 959 1.02 20.85 -20.11
C ASP B 959 2.08 21.69 -20.79
N ARG B 960 1.67 22.72 -21.54
CA ARG B 960 2.61 23.65 -22.16
C ARG B 960 3.41 24.41 -21.10
N LEU B 961 2.76 24.79 -20.00
CA LEU B 961 3.47 25.47 -18.93
C LEU B 961 4.56 24.59 -18.34
N VAL B 962 4.28 23.30 -18.14
CA VAL B 962 5.31 22.39 -17.66
C VAL B 962 6.47 22.35 -18.65
N ASP B 963 6.18 22.32 -19.96
CA ASP B 963 7.25 22.40 -20.96
C ASP B 963 8.07 23.68 -20.78
N ASP B 964 7.39 24.81 -20.55
CA ASP B 964 8.08 26.07 -20.37
C ASP B 964 9.01 26.03 -19.16
N VAL B 965 8.58 25.38 -18.08
CA VAL B 965 9.44 25.25 -16.90
C VAL B 965 10.65 24.39 -17.24
N ASN B 966 10.44 23.26 -17.92
CA ASN B 966 11.56 22.38 -18.28
C ASN B 966 12.50 23.04 -19.29
N ALA B 967 11.98 23.97 -20.09
CA ALA B 967 12.76 24.52 -21.20
C ALA B 967 13.91 25.41 -20.76
N THR B 968 13.96 25.83 -19.49
CA THR B 968 15.08 26.63 -19.04
C THR B 968 16.37 25.84 -19.04
N GLY B 969 16.28 24.51 -19.00
CA GLY B 969 17.43 23.65 -18.90
C GLY B 969 17.81 23.28 -17.48
N TYR B 970 17.26 24.00 -16.49
CA TYR B 970 17.47 23.68 -15.09
C TYR B 970 16.50 22.61 -14.64
N GLY B 971 16.74 22.08 -13.44
CA GLY B 971 15.89 21.03 -12.92
C GLY B 971 16.23 20.71 -11.48
N LEU B 972 16.17 21.73 -10.61
CA LEU B 972 16.51 21.54 -9.20
C LEU B 972 15.26 21.34 -8.36
N THR B 973 14.62 22.41 -7.88
CA THR B 973 13.40 22.23 -7.09
C THR B 973 12.16 22.65 -7.88
N PHE B 974 11.03 22.07 -7.47
CA PHE B 974 9.77 22.37 -8.14
C PHE B 974 8.62 22.13 -7.16
N GLY B 975 7.66 23.05 -7.14
CA GLY B 975 6.52 22.94 -6.24
C GLY B 975 5.20 22.91 -6.98
N LEU B 976 4.23 22.20 -6.40
CA LEU B 976 2.87 22.15 -6.93
C LEU B 976 1.90 22.27 -5.77
N HIS B 977 1.00 23.27 -5.84
CA HIS B 977 -0.08 23.42 -4.87
C HIS B 977 -1.39 23.13 -5.58
N THR B 978 -2.02 22.02 -5.19
CA THR B 978 -3.29 21.59 -5.74
C THR B 978 -3.88 20.56 -4.79
N ARG B 979 -5.20 20.47 -4.78
CA ARG B 979 -5.84 19.40 -4.04
C ARG B 979 -6.22 18.22 -4.92
N LEU B 980 -5.94 18.27 -6.23
CA LEU B 980 -6.53 17.35 -7.19
C LEU B 980 -5.52 16.29 -7.62
N ASP B 981 -5.86 15.02 -7.38
CA ASP B 981 -4.95 13.93 -7.71
C ASP B 981 -4.62 13.87 -9.19
N GLU B 982 -5.58 14.16 -10.09
CA GLU B 982 -5.27 14.11 -11.52
C GLU B 982 -4.21 15.14 -11.88
N THR B 983 -4.29 16.34 -11.27
CA THR B 983 -3.29 17.37 -11.54
C THR B 983 -1.93 16.98 -10.98
N ILE B 984 -1.90 16.40 -9.77
CA ILE B 984 -0.64 15.92 -9.20
C ILE B 984 -0.01 14.87 -10.11
N ALA B 985 -0.80 13.92 -10.59
CA ALA B 985 -0.24 12.85 -11.42
C ALA B 985 0.27 13.42 -12.74
N HIS B 986 -0.51 14.29 -13.37
CA HIS B 986 -0.09 14.90 -14.63
C HIS B 986 1.21 15.66 -14.45
N VAL B 987 1.24 16.58 -13.50
CA VAL B 987 2.38 17.49 -13.38
C VAL B 987 3.63 16.73 -12.95
N THR B 988 3.52 15.84 -11.96
CA THR B 988 4.73 15.14 -11.51
C THR B 988 5.24 14.15 -12.54
N SER B 989 4.40 13.69 -13.46
CA SER B 989 4.86 12.79 -14.52
C SER B 989 5.58 13.52 -15.65
N ARG B 990 5.41 14.85 -15.75
CA ARG B 990 5.94 15.61 -16.87
C ARG B 990 7.05 16.58 -16.49
N ILE B 991 7.10 17.02 -15.23
CA ILE B 991 8.16 17.92 -14.79
C ILE B 991 9.48 17.15 -14.70
N LYS B 992 10.58 17.83 -14.98
CA LYS B 992 11.91 17.19 -14.95
C LYS B 992 12.77 17.93 -13.95
N ALA B 993 12.58 17.63 -12.67
CA ALA B 993 13.36 18.25 -11.61
C ALA B 993 13.72 17.21 -10.56
N GLY B 994 14.82 17.45 -9.85
CA GLY B 994 15.30 16.45 -8.90
C GLY B 994 14.60 16.44 -7.56
N ASN B 995 13.98 17.55 -7.16
CA ASN B 995 13.31 17.65 -5.86
C ASN B 995 11.95 18.28 -6.09
N LEU B 996 10.91 17.50 -5.83
CA LEU B 996 9.52 17.91 -6.00
C LEU B 996 8.89 18.08 -4.63
N TYR B 997 7.96 19.03 -4.52
CA TYR B 997 7.29 19.34 -3.26
C TYR B 997 5.84 19.61 -3.53
N ILE B 998 4.95 18.89 -2.84
CA ILE B 998 3.51 19.00 -3.06
C ILE B 998 2.86 19.63 -1.82
N ASN B 999 2.23 20.80 -2.02
CA ASN B 999 1.45 21.48 -0.98
C ASN B 999 2.31 21.88 0.23
N ARG B 1000 3.54 22.31 -0.05
CA ARG B 1000 4.48 22.79 0.95
C ARG B 1000 5.49 23.72 0.28
N ASN B 1001 6.42 24.24 1.08
CA ASN B 1001 7.48 25.05 0.48
C ASN B 1001 8.43 24.16 -0.32
N ILE B 1002 9.31 24.79 -1.10
CA ILE B 1002 10.19 24.07 -2.01
C ILE B 1002 11.65 24.15 -1.59
N ILE B 1003 11.93 24.37 -0.31
CA ILE B 1003 13.32 24.52 0.12
C ILE B 1003 13.77 23.37 1.01
N GLY B 1004 13.00 22.28 1.06
CA GLY B 1004 13.35 21.17 1.93
C GLY B 1004 14.55 20.38 1.41
N ALA B 1005 15.54 20.20 2.28
CA ALA B 1005 16.70 19.40 1.92
C ALA B 1005 17.11 18.53 3.08
N VAL B 1006 16.12 18.00 3.82
CA VAL B 1006 16.44 17.23 5.02
C VAL B 1006 17.25 16.00 4.62
N VAL B 1007 18.41 15.84 5.24
CA VAL B 1007 19.35 14.79 4.83
C VAL B 1007 18.70 13.42 5.01
N GLY B 1008 18.78 12.60 3.97
CA GLY B 1008 18.22 11.26 4.04
C GLY B 1008 16.71 11.20 4.03
N VAL B 1009 16.05 12.34 3.85
CA VAL B 1009 14.60 12.43 3.80
C VAL B 1009 14.14 13.08 2.50
N GLN B 1010 14.70 14.27 2.18
CA GLN B 1010 14.75 14.79 0.82
C GLN B 1010 16.20 14.83 0.33
N PRO B 1011 16.78 13.70 -0.05
CA PRO B 1011 18.07 13.74 -0.77
C PRO B 1011 18.00 14.80 -1.85
N PHE B 1012 19.00 15.67 -1.88
CA PHE B 1012 18.85 16.94 -2.58
C PHE B 1012 19.79 17.02 -3.77
N GLY B 1013 19.26 17.41 -4.92
CA GLY B 1013 20.08 17.64 -6.09
C GLY B 1013 19.27 17.42 -7.34
N GLY B 1014 19.67 18.13 -8.40
CA GLY B 1014 18.92 18.06 -9.63
C GLY B 1014 19.71 17.66 -10.84
N ARG B 1015 19.11 17.89 -12.01
CA ARG B 1015 19.57 17.41 -13.30
C ARG B 1015 19.70 18.59 -14.25
N GLY B 1016 20.12 18.29 -15.48
CA GLY B 1016 20.29 19.36 -16.44
C GLY B 1016 21.37 20.33 -15.99
N LEU B 1017 21.09 21.62 -16.13
CA LEU B 1017 22.00 22.67 -15.68
C LEU B 1017 22.11 22.74 -14.16
N SER B 1018 21.33 21.94 -13.43
CA SER B 1018 21.32 21.97 -11.97
C SER B 1018 22.23 20.94 -11.32
N GLY B 1019 22.75 19.97 -12.05
CA GLY B 1019 23.63 19.04 -11.36
C GLY B 1019 24.09 17.88 -12.21
N THR B 1020 25.21 17.27 -11.81
CA THR B 1020 25.63 15.96 -12.31
C THR B 1020 25.07 14.82 -11.50
N GLY B 1021 24.70 15.07 -10.24
CA GLY B 1021 24.48 13.99 -9.31
C GLY B 1021 25.79 13.32 -8.96
N PRO B 1022 25.76 12.34 -8.06
CA PRO B 1022 24.58 11.89 -7.30
C PRO B 1022 24.15 12.92 -6.24
N LYS B 1023 22.94 12.75 -5.72
CA LYS B 1023 22.42 13.67 -4.72
C LYS B 1023 23.21 13.63 -3.43
N ALA B 1024 23.58 14.81 -2.95
CA ALA B 1024 24.00 14.96 -1.56
C ALA B 1024 22.88 14.53 -0.62
N GLY B 1025 23.25 13.94 0.51
CA GLY B 1025 22.27 13.50 1.47
C GLY B 1025 21.44 12.34 1.00
N GLY B 1026 21.93 11.61 0.01
CA GLY B 1026 21.28 10.43 -0.49
C GLY B 1026 22.24 9.26 -0.58
N PRO B 1027 21.70 8.09 -0.93
CA PRO B 1027 22.44 6.84 -0.74
C PRO B 1027 23.45 6.52 -1.83
N LEU B 1028 23.48 7.29 -2.93
CA LEU B 1028 24.44 7.03 -4.00
C LEU B 1028 25.68 7.88 -3.88
N TYR B 1029 25.69 8.83 -2.94
CA TYR B 1029 26.73 9.85 -2.88
C TYR B 1029 28.10 9.26 -2.58
N LEU B 1030 28.20 8.47 -1.50
CA LEU B 1030 29.52 7.99 -1.10
C LEU B 1030 30.15 7.12 -2.18
N GLY B 1031 29.34 6.40 -2.95
CA GLY B 1031 29.87 5.52 -3.98
C GLY B 1031 30.63 6.25 -5.08
N ARG B 1032 30.39 7.54 -5.26
CA ARG B 1032 31.13 8.31 -6.24
C ARG B 1032 32.54 8.65 -5.77
N LEU B 1033 32.82 8.46 -4.49
CA LEU B 1033 34.06 8.91 -3.87
C LEU B 1033 35.02 7.77 -3.57
N VAL B 1034 34.74 6.58 -4.11
CA VAL B 1034 35.61 5.41 -4.05
C VAL B 1034 35.76 4.88 -5.47
N THR B 1035 36.77 4.04 -5.68
CA THR B 1035 37.04 3.59 -7.05
C THR B 1035 36.13 2.44 -7.47
N THR B 1036 35.58 1.69 -6.51
CA THR B 1036 34.57 0.67 -6.77
C THR B 1036 33.37 0.97 -5.90
N ALA B 1037 32.20 1.19 -6.53
CA ALA B 1037 31.04 1.63 -5.76
C ALA B 1037 30.41 0.45 -5.01
N PRO B 1038 30.02 0.66 -3.76
CA PRO B 1038 29.27 -0.35 -3.02
C PRO B 1038 27.81 -0.38 -3.44
N VAL B 1039 27.11 -1.40 -2.94
CA VAL B 1039 25.66 -1.50 -3.12
C VAL B 1039 25.00 -0.74 -1.99
N PRO B 1040 24.32 0.37 -2.26
CA PRO B 1040 23.72 1.15 -1.19
C PRO B 1040 22.61 0.39 -0.50
N PRO B 1041 22.28 0.75 0.74
CA PRO B 1041 21.08 0.20 1.38
C PRO B 1041 19.85 0.36 0.51
N GLN B 1042 19.05 -0.70 0.43
CA GLN B 1042 17.75 -0.71 -0.24
C GLN B 1042 17.84 -0.52 -1.75
N HIS B 1043 19.03 -0.60 -2.34
CA HIS B 1043 19.25 -0.25 -3.75
C HIS B 1043 19.07 -1.50 -4.60
N SER B 1044 17.86 -1.69 -5.12
CA SER B 1044 17.55 -2.82 -5.99
C SER B 1044 16.20 -2.52 -6.62
N SER B 1045 15.86 -3.30 -7.64
CA SER B 1045 14.56 -3.19 -8.28
C SER B 1045 14.16 -4.55 -8.84
N VAL B 1046 12.87 -4.90 -8.72
CA VAL B 1046 12.40 -6.14 -9.32
C VAL B 1046 12.04 -5.96 -10.78
N HIS B 1047 12.10 -4.74 -11.29
CA HIS B 1047 11.73 -4.40 -12.66
CA HIS B 1047 11.72 -4.50 -12.67
C HIS B 1047 12.90 -4.66 -13.60
N THR B 1048 12.61 -5.15 -14.79
CA THR B 1048 13.61 -5.32 -15.83
C THR B 1048 13.14 -4.53 -17.05
N ASP B 1049 14.02 -3.68 -17.56
CA ASP B 1049 13.67 -2.88 -18.71
C ASP B 1049 13.33 -3.78 -19.89
N PRO B 1050 12.19 -3.58 -20.56
CA PRO B 1050 11.79 -4.51 -21.61
C PRO B 1050 12.64 -4.41 -22.85
N VAL B 1051 13.21 -3.22 -23.12
CA VAL B 1051 14.08 -3.08 -24.29
C VAL B 1051 15.40 -3.80 -24.04
N LEU B 1052 15.93 -3.72 -22.82
CA LEU B 1052 17.07 -4.55 -22.46
C LEU B 1052 16.79 -6.01 -22.76
N LEU B 1053 15.61 -6.50 -22.37
CA LEU B 1053 15.27 -7.91 -22.58
C LEU B 1053 15.29 -8.26 -24.07
N ASP B 1054 14.69 -7.41 -24.90
CA ASP B 1054 14.70 -7.63 -26.35
C ASP B 1054 16.12 -7.61 -26.89
N PHE B 1055 16.97 -6.73 -26.35
CA PHE B 1055 18.36 -6.66 -26.79
C PHE B 1055 19.11 -7.94 -26.45
N ALA B 1056 18.88 -8.48 -25.25
CA ALA B 1056 19.53 -9.73 -24.88
C ALA B 1056 19.11 -10.87 -25.80
N LYS B 1057 17.82 -10.93 -26.13
CA LYS B 1057 17.34 -11.97 -27.06
C LYS B 1057 18.00 -11.81 -28.42
N TRP B 1058 18.11 -10.57 -28.90
CA TRP B 1058 18.79 -10.34 -30.18
C TRP B 1058 20.23 -10.81 -30.12
N LEU B 1059 20.96 -10.47 -29.06
CA LEU B 1059 22.33 -10.95 -28.90
C LEU B 1059 22.38 -12.47 -28.86
N ASP B 1060 21.41 -13.11 -28.19
CA ASP B 1060 21.32 -14.57 -28.20
C ASP B 1060 21.23 -15.10 -29.63
N GLY B 1061 20.35 -14.50 -30.44
CA GLY B 1061 20.12 -15.00 -31.78
C GLY B 1061 21.38 -15.01 -32.64
N LYS B 1062 22.18 -13.95 -32.54
CA LYS B 1062 23.38 -13.83 -33.36
C LYS B 1062 24.61 -14.48 -32.71
N GLY B 1063 24.43 -15.17 -31.58
CA GLY B 1063 25.52 -15.95 -31.02
C GLY B 1063 26.52 -15.18 -30.17
N ALA B 1064 26.17 -13.98 -29.73
CA ALA B 1064 27.06 -13.22 -28.84
C ALA B 1064 26.75 -13.61 -27.40
N ARG B 1065 27.14 -14.84 -27.06
CA ARG B 1065 26.74 -15.42 -25.79
C ARG B 1065 27.28 -14.63 -24.61
N ALA B 1066 28.55 -14.21 -24.67
CA ALA B 1066 29.13 -13.43 -23.58
C ALA B 1066 28.39 -12.11 -23.41
N GLU B 1067 28.08 -11.43 -24.52
CA GLU B 1067 27.42 -10.14 -24.41
C GLU B 1067 25.97 -10.29 -23.97
N ALA B 1068 25.27 -11.34 -24.44
CA ALA B 1068 23.91 -11.58 -23.98
C ALA B 1068 23.86 -11.83 -22.49
N GLU B 1069 24.82 -12.58 -21.97
CA GLU B 1069 24.94 -12.79 -20.53
C GLU B 1069 25.16 -11.48 -19.79
N ALA B 1070 26.05 -10.63 -20.31
CA ALA B 1070 26.29 -9.34 -19.68
C ALA B 1070 25.03 -8.49 -19.72
N ALA B 1071 24.26 -8.58 -20.81
CA ALA B 1071 23.03 -7.79 -20.89
C ALA B 1071 22.02 -8.24 -19.84
N ARG B 1072 21.87 -9.56 -19.66
CA ARG B 1072 20.96 -10.05 -18.64
CA ARG B 1072 20.96 -10.05 -18.64
C ARG B 1072 21.41 -9.63 -17.25
N ASN B 1073 22.72 -9.71 -16.99
CA ASN B 1073 23.26 -9.30 -15.70
C ASN B 1073 22.99 -7.82 -15.43
N ALA B 1074 23.17 -6.99 -16.46
CA ALA B 1074 22.87 -5.57 -16.31
C ALA B 1074 21.39 -5.35 -16.02
N GLY B 1075 20.52 -6.10 -16.70
CA GLY B 1075 19.09 -5.95 -16.48
C GLY B 1075 18.70 -6.22 -15.03
N SER B 1076 19.35 -7.22 -14.42
CA SER B 1076 19.06 -7.54 -13.03
C SER B 1076 19.71 -6.55 -12.07
N SER B 1077 20.96 -6.16 -12.36
CA SER B 1077 21.73 -5.26 -11.49
C SER B 1077 21.14 -3.86 -11.45
N SER B 1078 20.46 -3.46 -12.50
CA SER B 1078 19.90 -2.12 -12.58
C SER B 1078 18.89 -1.91 -11.46
N ALA B 1079 18.95 -0.72 -10.85
CA ALA B 1079 17.96 -0.35 -9.86
C ALA B 1079 16.88 0.56 -10.44
N LEU B 1080 16.82 0.66 -11.76
CA LEU B 1080 15.74 1.40 -12.40
C LEU B 1080 14.38 0.90 -11.90
N GLY B 1081 13.55 1.84 -11.46
CA GLY B 1081 12.25 1.48 -10.94
C GLY B 1081 12.18 1.42 -9.43
N LEU B 1082 13.30 1.55 -8.74
CA LEU B 1082 13.28 1.66 -7.29
CA LEU B 1082 13.28 1.66 -7.28
C LEU B 1082 12.30 2.75 -6.87
N ASP B 1083 11.52 2.47 -5.81
CA ASP B 1083 10.46 3.39 -5.43
C ASP B 1083 10.22 3.20 -3.93
N LEU B 1084 10.79 4.08 -3.13
CA LEU B 1084 10.86 3.91 -1.68
C LEU B 1084 10.21 5.09 -0.97
N GLU B 1085 9.65 4.81 0.21
CA GLU B 1085 9.27 5.86 1.14
C GLU B 1085 10.32 5.93 2.25
N LEU B 1086 10.89 7.12 2.44
CA LEU B 1086 11.94 7.34 3.43
C LEU B 1086 11.34 7.74 4.78
N PRO B 1087 11.89 7.23 5.87
CA PRO B 1087 11.41 7.63 7.20
C PRO B 1087 11.59 9.13 7.44
N GLY B 1088 10.57 9.74 8.05
CA GLY B 1088 10.60 11.16 8.33
C GLY B 1088 9.50 11.55 9.28
N PRO B 1089 9.16 12.85 9.29
CA PRO B 1089 8.13 13.33 10.23
C PRO B 1089 6.73 12.89 9.84
N VAL B 1090 5.84 12.85 10.84
CA VAL B 1090 4.43 12.63 10.54
C VAL B 1090 3.88 13.78 9.69
N GLY B 1091 2.78 13.49 9.00
CA GLY B 1091 2.16 14.53 8.20
C GLY B 1091 2.87 14.83 6.91
N GLU B 1092 3.82 13.98 6.52
CA GLU B 1092 4.56 14.12 5.29
C GLU B 1092 4.81 12.73 4.74
N ARG B 1093 4.86 12.62 3.41
CA ARG B 1093 5.35 11.42 2.76
C ARG B 1093 6.53 11.83 1.90
N ASN B 1094 7.68 11.20 2.15
CA ASN B 1094 8.93 11.56 1.49
C ASN B 1094 9.36 10.36 0.67
N LEU B 1095 9.34 10.53 -0.64
CA LEU B 1095 9.52 9.46 -1.61
C LEU B 1095 10.83 9.64 -2.37
N TYR B 1096 11.40 8.50 -2.76
CA TYR B 1096 12.69 8.48 -3.45
C TYR B 1096 12.60 7.42 -4.54
N THR B 1097 12.88 7.81 -5.78
CA THR B 1097 12.65 6.96 -6.94
C THR B 1097 13.82 7.08 -7.90
N LEU B 1098 14.10 5.99 -8.63
CA LEU B 1098 15.16 5.96 -9.63
C LEU B 1098 14.54 5.83 -11.02
N HIS B 1099 14.84 6.79 -11.88
CA HIS B 1099 14.33 6.87 -13.24
C HIS B 1099 15.49 6.75 -14.21
N ALA B 1100 15.16 6.63 -15.49
CA ALA B 1100 16.21 6.74 -16.52
C ALA B 1100 16.77 8.15 -16.50
N ARG B 1101 18.05 8.26 -16.89
CA ARG B 1101 18.66 9.59 -17.01
C ARG B 1101 18.18 10.34 -18.25
N GLY B 1102 17.99 9.64 -19.37
CA GLY B 1102 17.64 10.28 -20.62
C GLY B 1102 18.35 9.66 -21.80
N ARG B 1103 19.01 10.46 -22.64
CA ARG B 1103 19.76 9.94 -23.77
C ARG B 1103 21.25 9.98 -23.44
N ILE B 1104 21.91 8.84 -23.55
CA ILE B 1104 23.30 8.68 -23.16
C ILE B 1104 24.14 8.69 -24.43
N LEU B 1105 25.19 9.50 -24.43
CA LEU B 1105 26.15 9.49 -25.54
C LEU B 1105 27.05 8.25 -25.40
N LEU B 1106 27.10 7.43 -26.44
CA LEU B 1106 27.93 6.23 -26.46
C LEU B 1106 29.10 6.49 -27.41
N VAL B 1107 30.32 6.33 -26.90
CA VAL B 1107 31.51 6.52 -27.72
C VAL B 1107 32.27 5.20 -27.70
N PRO B 1108 31.86 4.21 -28.49
CA PRO B 1108 32.54 2.91 -28.47
C PRO B 1108 33.77 2.91 -29.36
N ALA B 1109 34.60 1.90 -29.14
CA ALA B 1109 35.71 1.59 -30.03
C ALA B 1109 35.54 0.27 -30.76
N THR B 1110 34.97 -0.74 -30.10
CA THR B 1110 34.83 -2.07 -30.65
C THR B 1110 33.37 -2.50 -30.60
N GLU B 1111 33.04 -3.51 -31.41
CA GLU B 1111 31.69 -4.05 -31.44
C GLU B 1111 31.27 -4.56 -30.06
N SER B 1112 32.13 -5.37 -29.42
CA SER B 1112 31.80 -5.85 -28.08
C SER B 1112 31.62 -4.71 -27.10
N GLY B 1113 32.50 -3.69 -27.18
CA GLY B 1113 32.36 -2.53 -26.32
C GLY B 1113 31.03 -1.83 -26.51
N LEU B 1114 30.60 -1.68 -27.77
CA LEU B 1114 29.28 -1.10 -28.04
C LEU B 1114 28.17 -1.93 -27.43
N TYR B 1115 28.23 -3.26 -27.60
CA TYR B 1115 27.19 -4.11 -27.02
C TYR B 1115 27.12 -3.93 -25.50
N HIS B 1116 28.27 -3.88 -24.84
CA HIS B 1116 28.29 -3.68 -23.39
C HIS B 1116 27.76 -2.30 -23.00
N GLN B 1117 28.12 -1.26 -23.76
CA GLN B 1117 27.61 0.07 -23.46
C GLN B 1117 26.10 0.14 -23.64
N LEU B 1118 25.60 -0.48 -24.72
CA LEU B 1118 24.16 -0.53 -24.96
CA LEU B 1118 24.16 -0.51 -24.96
C LEU B 1118 23.43 -1.26 -23.85
N ALA B 1119 23.98 -2.40 -23.42
CA ALA B 1119 23.35 -3.15 -22.34
C ALA B 1119 23.25 -2.30 -21.08
N ALA B 1120 24.33 -1.60 -20.72
CA ALA B 1120 24.29 -0.76 -19.53
C ALA B 1120 23.25 0.35 -19.67
N ALA B 1121 23.21 1.02 -20.83
CA ALA B 1121 22.29 2.13 -20.98
C ALA B 1121 20.84 1.66 -21.07
N LEU B 1122 20.58 0.57 -21.80
CA LEU B 1122 19.21 0.08 -21.92
C LEU B 1122 18.70 -0.45 -20.60
N ALA B 1123 19.56 -1.12 -19.84
CA ALA B 1123 19.15 -1.71 -18.56
C ALA B 1123 18.65 -0.65 -17.60
N THR B 1124 19.15 0.57 -17.73
CA THR B 1124 18.78 1.68 -16.87
C THR B 1124 17.74 2.59 -17.53
N GLY B 1125 17.10 2.11 -18.60
CA GLY B 1125 15.94 2.77 -19.20
C GLY B 1125 16.25 3.87 -20.19
N ASN B 1126 17.50 4.00 -20.59
CA ASN B 1126 17.90 5.16 -21.38
C ASN B 1126 17.79 4.87 -22.87
N SER B 1127 17.71 5.95 -23.64
CA SER B 1127 18.03 5.92 -25.06
C SER B 1127 19.49 6.26 -25.24
N VAL B 1128 20.00 6.10 -26.46
CA VAL B 1128 21.40 6.32 -26.72
C VAL B 1128 21.59 7.08 -28.03
N ALA B 1129 22.69 7.81 -28.10
CA ALA B 1129 23.21 8.37 -29.34
C ALA B 1129 24.62 7.81 -29.50
N ILE B 1130 24.85 7.04 -30.56
CA ILE B 1130 26.12 6.35 -30.75
C ILE B 1130 26.99 7.16 -31.70
N ASP B 1131 28.24 7.39 -31.30
CA ASP B 1131 29.20 8.10 -32.13
C ASP B 1131 29.34 7.44 -33.50
N ALA B 1132 28.90 8.14 -34.55
CA ALA B 1132 28.98 7.58 -35.90
C ALA B 1132 30.42 7.39 -36.35
N ALA B 1133 31.36 8.18 -35.80
CA ALA B 1133 32.75 8.04 -36.20
C ALA B 1133 33.38 6.74 -35.72
N SER B 1134 32.69 5.98 -34.87
CA SER B 1134 33.17 4.66 -34.49
C SER B 1134 33.18 3.68 -35.66
N GLY B 1135 32.37 3.92 -36.69
CA GLY B 1135 32.31 3.02 -37.83
C GLY B 1135 31.64 1.70 -37.55
N LEU B 1136 30.89 1.58 -36.46
CA LEU B 1136 30.36 0.29 -36.01
C LEU B 1136 28.91 0.07 -36.43
N GLN B 1137 28.43 0.81 -37.45
CA GLN B 1137 27.02 0.76 -37.80
C GLN B 1137 26.59 -0.65 -38.18
N ALA B 1138 27.45 -1.41 -38.86
CA ALA B 1138 27.09 -2.76 -39.29
C ALA B 1138 26.89 -3.70 -38.11
N SER B 1139 27.36 -3.33 -36.92
CA SER B 1139 27.20 -4.19 -35.75
C SER B 1139 25.76 -4.22 -35.25
N LEU B 1140 24.92 -3.28 -35.66
CA LEU B 1140 23.53 -3.24 -35.25
C LEU B 1140 22.58 -3.60 -36.40
N LYS B 1141 23.07 -4.35 -37.37
CA LYS B 1141 22.23 -4.83 -38.45
C LYS B 1141 21.16 -5.78 -37.91
N ASN B 1142 19.92 -5.58 -38.35
CA ASN B 1142 18.78 -6.42 -37.99
C ASN B 1142 18.39 -6.27 -36.51
N LEU B 1143 18.63 -5.10 -35.94
CA LEU B 1143 18.16 -4.82 -34.58
C LEU B 1143 16.63 -4.90 -34.53
N PRO B 1144 16.06 -5.47 -33.48
CA PRO B 1144 14.61 -5.34 -33.26
C PRO B 1144 14.18 -3.87 -33.21
N GLN B 1145 13.04 -3.59 -33.83
CA GLN B 1145 12.46 -2.25 -33.76
C GLN B 1145 12.29 -1.77 -32.33
N THR B 1146 11.98 -2.70 -31.41
CA THR B 1146 11.88 -2.32 -30.00
C THR B 1146 13.18 -1.69 -29.52
N VAL B 1147 14.32 -2.24 -29.93
CA VAL B 1147 15.60 -1.67 -29.51
C VAL B 1147 15.96 -0.47 -30.39
N GLY B 1148 15.68 -0.56 -31.70
CA GLY B 1148 16.03 0.52 -32.60
C GLY B 1148 15.40 1.86 -32.26
N LEU B 1149 14.20 1.85 -31.66
CA LEU B 1149 13.56 3.10 -31.28
C LEU B 1149 14.35 3.86 -30.21
N ARG B 1150 15.20 3.18 -29.46
CA ARG B 1150 16.04 3.81 -28.44
C ARG B 1150 17.41 4.20 -28.96
N VAL B 1151 17.71 3.94 -30.22
CA VAL B 1151 19.05 4.07 -30.77
C VAL B 1151 19.05 5.13 -31.85
N SER B 1152 19.97 6.07 -31.74
CA SER B 1152 20.29 6.97 -32.84
C SER B 1152 21.80 6.99 -33.01
N TRP B 1153 22.24 7.45 -34.18
CA TRP B 1153 23.64 7.61 -34.47
C TRP B 1153 23.93 9.09 -34.67
N SER B 1154 25.03 9.57 -34.09
CA SER B 1154 25.33 11.00 -34.12
C SER B 1154 26.65 11.24 -34.84
N LYS B 1155 26.60 12.09 -35.87
CA LYS B 1155 27.80 12.63 -36.51
C LYS B 1155 28.10 14.04 -36.02
N ASP B 1156 27.42 14.50 -34.98
CA ASP B 1156 27.57 15.87 -34.50
C ASP B 1156 27.05 15.89 -33.06
N TRP B 1157 27.96 15.64 -32.11
CA TRP B 1157 27.52 15.48 -30.72
C TRP B 1157 26.88 16.75 -30.18
N ALA B 1158 27.44 17.91 -30.52
CA ALA B 1158 26.93 19.15 -29.93
C ALA B 1158 25.56 19.51 -30.48
N ALA B 1159 25.28 19.17 -31.73
CA ALA B 1159 23.98 19.47 -32.32
C ALA B 1159 22.91 18.49 -31.84
N ASP B 1160 23.30 17.28 -31.45
CA ASP B 1160 22.37 16.20 -31.17
C ASP B 1160 22.05 16.03 -29.69
N GLY B 1161 22.69 16.78 -28.81
CA GLY B 1161 22.34 16.77 -27.41
C GLY B 1161 21.14 17.66 -27.12
N PRO B 1162 20.89 17.97 -25.84
CA PRO B 1162 21.74 17.59 -24.69
C PRO B 1162 21.61 16.13 -24.31
N PHE B 1163 22.70 15.56 -23.83
CA PHE B 1163 22.71 14.21 -23.31
C PHE B 1163 22.64 14.25 -21.78
N ALA B 1164 22.47 13.07 -21.18
CA ALA B 1164 22.38 12.99 -19.72
C ALA B 1164 23.51 12.18 -19.12
N GLY B 1165 24.51 11.83 -19.92
CA GLY B 1165 25.63 11.03 -19.47
C GLY B 1165 26.35 10.51 -20.69
N ALA B 1166 27.49 9.87 -20.44
CA ALA B 1166 28.28 9.37 -21.57
C ALA B 1166 29.05 8.13 -21.13
N LEU B 1167 29.17 7.17 -22.04
CA LEU B 1167 29.99 5.98 -21.87
C LEU B 1167 31.05 5.98 -22.97
N VAL B 1168 32.31 5.82 -22.57
CA VAL B 1168 33.45 5.93 -23.49
C VAL B 1168 34.29 4.66 -23.40
N GLU B 1169 34.70 4.14 -24.56
CA GLU B 1169 35.63 3.02 -24.66
C GLU B 1169 36.87 3.49 -25.40
N GLY B 1170 38.05 3.20 -24.84
CA GLY B 1170 39.27 3.52 -25.56
C GLY B 1170 40.49 3.43 -24.65
N ASP B 1171 41.66 3.62 -25.26
CA ASP B 1171 42.87 3.73 -24.47
C ASP B 1171 42.97 5.12 -23.86
N ALA B 1172 44.04 5.35 -23.10
CA ALA B 1172 44.13 6.55 -22.28
C ALA B 1172 44.05 7.83 -23.11
N GLU B 1173 44.80 7.90 -24.22
CA GLU B 1173 44.75 9.15 -24.96
C GLU B 1173 43.42 9.32 -25.68
N ARG B 1174 42.75 8.22 -26.04
CA ARG B 1174 41.41 8.34 -26.62
C ARG B 1174 40.43 8.86 -25.58
N ILE B 1175 40.51 8.32 -24.36
CA ILE B 1175 39.64 8.78 -23.28
C ILE B 1175 39.84 10.27 -23.03
N ARG B 1176 41.10 10.72 -22.98
CA ARG B 1176 41.37 12.13 -22.75
C ARG B 1176 40.78 12.99 -23.86
N ALA B 1177 40.98 12.60 -25.12
CA ALA B 1177 40.47 13.39 -26.24
C ALA B 1177 38.94 13.46 -26.20
N VAL B 1178 38.29 12.35 -25.89
CA VAL B 1178 36.82 12.34 -25.82
C VAL B 1178 36.34 13.18 -24.64
N ASN B 1179 36.98 13.03 -23.48
CA ASN B 1179 36.60 13.80 -22.31
C ASN B 1179 36.70 15.31 -22.58
N LYS B 1180 37.77 15.74 -23.25
CA LYS B 1180 37.90 17.14 -23.61
C LYS B 1180 36.77 17.58 -24.54
N ALA B 1181 36.42 16.76 -25.52
CA ALA B 1181 35.34 17.11 -26.45
C ALA B 1181 34.00 17.19 -25.71
N ILE B 1182 33.78 16.30 -24.76
CA ILE B 1182 32.53 16.33 -24.00
C ILE B 1182 32.45 17.57 -23.11
N ALA B 1183 33.57 17.95 -22.48
CA ALA B 1183 33.55 19.14 -21.66
C ALA B 1183 33.24 20.39 -22.47
N ALA B 1184 33.46 20.37 -23.78
CA ALA B 1184 33.13 21.51 -24.62
C ALA B 1184 31.72 21.47 -25.20
N LEU B 1185 30.92 20.45 -24.87
CA LEU B 1185 29.55 20.42 -25.38
C LEU B 1185 28.71 21.48 -24.66
N PRO B 1186 27.80 22.14 -25.37
CA PRO B 1186 26.92 23.10 -24.70
C PRO B 1186 25.94 22.39 -23.78
N GLY B 1187 25.43 23.15 -22.81
CA GLY B 1187 24.37 22.68 -21.96
C GLY B 1187 24.87 22.05 -20.68
N PRO B 1188 24.26 20.94 -20.28
CA PRO B 1188 24.60 20.35 -18.97
C PRO B 1188 25.98 19.73 -18.97
N LEU B 1189 26.56 19.65 -17.78
CA LEU B 1189 27.78 18.91 -17.57
C LEU B 1189 27.48 17.42 -17.54
N LEU B 1190 28.16 16.66 -18.39
CA LEU B 1190 27.86 15.22 -18.48
C LEU B 1190 28.70 14.41 -17.49
N LEU B 1191 28.04 13.47 -16.82
CA LEU B 1191 28.73 12.47 -16.01
C LEU B 1191 29.26 11.39 -16.95
N VAL B 1192 30.58 11.36 -17.11
CA VAL B 1192 31.28 10.51 -18.08
C VAL B 1192 31.85 9.30 -17.37
N GLN B 1193 31.68 8.12 -17.97
CA GLN B 1193 32.33 6.89 -17.53
C GLN B 1193 33.17 6.34 -18.68
N ALA B 1194 34.42 5.97 -18.38
CA ALA B 1194 35.33 5.47 -19.40
C ALA B 1194 35.93 4.13 -18.98
N ALA B 1195 36.27 3.32 -19.98
CA ALA B 1195 36.91 2.03 -19.75
C ALA B 1195 37.68 1.66 -21.01
N SER B 1196 38.74 0.87 -20.83
CA SER B 1196 39.43 0.30 -21.97
C SER B 1196 38.67 -0.93 -22.47
N SER B 1197 38.98 -1.35 -23.70
CA SER B 1197 38.39 -2.59 -24.20
C SER B 1197 38.73 -3.77 -23.31
N GLY B 1198 39.97 -3.84 -22.84
CA GLY B 1198 40.34 -4.92 -21.94
C GLY B 1198 39.59 -4.86 -20.63
N GLU B 1199 39.37 -3.65 -20.11
CA GLU B 1199 38.60 -3.49 -18.88
C GLU B 1199 37.16 -3.96 -19.05
N ILE B 1200 36.56 -3.68 -20.20
CA ILE B 1200 35.20 -4.12 -20.47
C ILE B 1200 35.13 -5.65 -20.52
N ALA B 1201 36.17 -6.28 -21.07
CA ALA B 1201 36.19 -7.74 -21.15
C ALA B 1201 36.42 -8.36 -19.78
N ARG B 1202 37.21 -7.72 -18.93
CA ARG B 1202 37.63 -8.31 -17.67
C ARG B 1202 36.70 -8.00 -16.51
N ASN B 1203 36.04 -6.85 -16.53
CA ASN B 1203 35.29 -6.35 -15.38
C ASN B 1203 33.83 -6.17 -15.73
N PRO B 1204 32.92 -7.01 -15.22
CA PRO B 1204 31.49 -6.80 -15.50
C PRO B 1204 30.95 -5.47 -15.01
N ASP B 1205 31.66 -4.80 -14.10
CA ASP B 1205 31.23 -3.51 -13.59
C ASP B 1205 32.10 -2.37 -14.14
N ALA B 1206 32.67 -2.55 -15.33
CA ALA B 1206 33.49 -1.50 -15.92
C ALA B 1206 32.71 -0.20 -16.05
N TYR B 1207 31.41 -0.29 -16.33
CA TYR B 1207 30.50 0.84 -16.28
C TYR B 1207 29.55 0.63 -15.11
N CYS B 1208 29.38 1.66 -14.31
CA CYS B 1208 28.58 1.57 -13.09
C CYS B 1208 27.15 2.01 -13.40
N LEU B 1209 26.18 1.14 -13.12
CA LEU B 1209 24.79 1.49 -13.37
C LEU B 1209 24.26 2.54 -12.40
N ASN B 1210 24.97 2.79 -11.27
CA ASN B 1210 24.56 3.84 -10.35
C ASN B 1210 24.43 5.18 -11.06
N TRP B 1211 25.31 5.45 -12.01
CA TRP B 1211 25.38 6.78 -12.59
C TRP B 1211 24.54 6.91 -13.84
N LEU B 1212 23.82 5.86 -14.24
CA LEU B 1212 23.01 5.83 -15.44
C LEU B 1212 21.52 5.94 -15.13
N VAL B 1213 21.17 6.13 -13.87
CA VAL B 1213 19.81 6.44 -13.45
C VAL B 1213 19.81 7.83 -12.82
N GLU B 1214 18.61 8.41 -12.76
CA GLU B 1214 18.40 9.72 -12.17
C GLU B 1214 17.55 9.57 -10.92
N GLU B 1215 18.03 10.17 -9.83
CA GLU B 1215 17.29 10.18 -8.56
C GLU B 1215 16.26 11.28 -8.55
N VAL B 1216 15.06 10.96 -8.07
CA VAL B 1216 14.03 11.98 -7.86
C VAL B 1216 13.48 11.85 -6.45
N SER B 1217 13.45 12.98 -5.74
CA SER B 1217 12.89 13.10 -4.40
C SER B 1217 11.56 13.85 -4.49
N ALA B 1218 10.54 13.35 -3.81
CA ALA B 1218 9.26 14.03 -3.75
C ALA B 1218 8.80 14.09 -2.30
N SER B 1219 8.45 15.29 -1.84
CA SER B 1219 7.98 15.49 -0.48
C SER B 1219 6.56 16.02 -0.54
N ILE B 1220 5.63 15.26 0.04
CA ILE B 1220 4.20 15.56 0.00
C ILE B 1220 3.73 15.88 1.41
N ASN B 1221 3.17 17.07 1.59
CA ASN B 1221 2.56 17.48 2.85
C ASN B 1221 1.18 16.85 2.93
N THR B 1222 1.05 15.79 3.74
CA THR B 1222 -0.22 15.08 3.82
C THR B 1222 -1.11 15.63 4.91
N ALA B 1223 -0.68 16.70 5.58
CA ALA B 1223 -1.52 17.41 6.54
C ALA B 1223 -2.18 18.64 5.91
N ALA B 1224 -1.99 18.85 4.60
CA ALA B 1224 -2.38 20.11 3.97
C ALA B 1224 -3.88 20.35 4.02
N ALA B 1225 -4.70 19.30 4.14
CA ALA B 1225 -6.15 19.51 4.22
C ALA B 1225 -6.60 19.95 5.60
N GLY B 1226 -5.68 20.07 6.56
CA GLY B 1226 -6.00 20.58 7.86
C GLY B 1226 -5.92 19.57 8.97
N GLY B 1227 -5.43 18.36 8.70
CA GLY B 1227 -5.22 17.38 9.74
C GLY B 1227 -4.47 16.18 9.18
N ASN B 1228 -4.25 15.20 10.06
CA ASN B 1228 -3.41 14.05 9.78
C ASN B 1228 -4.24 12.78 9.90
N ALA B 1229 -4.46 12.12 8.76
CA ALA B 1229 -5.28 10.91 8.74
C ALA B 1229 -4.65 9.79 9.58
N SER B 1230 -3.35 9.58 9.43
CA SER B 1230 -2.71 8.45 10.12
C SER B 1230 -2.77 8.62 11.63
N LEU B 1231 -2.62 9.85 12.12
CA LEU B 1231 -2.67 10.08 13.56
C LEU B 1231 -4.08 10.05 14.12
N MET B 1232 -5.11 10.14 13.26
CA MET B 1232 -6.48 9.93 13.74
C MET B 1232 -6.65 8.52 14.30
N ALA B 1233 -5.87 7.56 13.81
CA ALA B 1233 -5.90 6.19 14.32
C ALA B 1233 -4.99 5.98 15.53
N ILE B 1234 -4.11 6.93 15.83
CA ILE B 1234 -3.19 6.80 16.97
C ILE B 1234 -3.69 7.59 18.17
#